data_4ZG4
#
_entry.id   4ZG4
#
_cell.length_a   118.280
_cell.length_b   67.320
_cell.length_c   133.180
_cell.angle_alpha   90.00
_cell.angle_beta   108.48
_cell.angle_gamma   90.00
#
_symmetry.space_group_name_H-M   'P 1 21 1'
#
loop_
_entity.id
_entity.type
_entity.pdbx_description
1 polymer myosin-Vc
2 non-polymer 'MAGNESIUM ION'
3 non-polymer 'VANADATE ION'
4 non-polymer "ADENOSINE-5'-DIPHOSPHATE"
5 non-polymer 1,2-ETHANEDIOL
6 water water
#
_entity_poly.entity_id   1
_entity_poly.type   'polypeptide(L)'
_entity_poly.pdbx_seq_one_letter_code
;MAVAELYTQYNRVWIPDPEEVWKSAEIAKDYRVGDKVLRLLLEDGTELDYSVNPESLPPLRNPDILVGENDLTALSYLHE
PAVLHNLRIRFAESKLIYTYSGIILVAMNPYKQLPIYGDAIIHAYSGQNMGDMDPHIFAVAEEAYKQMARNNRNQSIIVS
GESGAGKTVSARYAMRYFATVSKSGSNAHVEDKVLASNPITEAVGNAKTTRNDNSSRFGKYTEISFDEQNQIIGANMSTY
LLEKSRVVFQSENERNYHIFYQLCASAQQSEFKHLKLGSAEEFNYTRMGGNTVIEGVNDRAEMVETQKTFTLLGFKEDFQ
MDVFKILAAILHLGNVQITAVGNERSSVSEDDSHLKVFCELLGLESGRVAQWLCNRKIVTSSETVVKPMTRPQAVNARDA
LAKKIYAHLFDFIVERINQALQFSGKQHTFIGVLDIYGFETFDVNSFEQFCINYANEKLQQQFNMHVFKLEQEEYMKEDI
PWTLIDFYDNQPVIDLIEAKMGILELLDEECLLPHGTDENWLQKLYNNFVNRNPLFEKPRMSNTSFVIQHFADKVEYKCE
GFLEKNRDTVYDMLVEILRASKFHLCANFFQENPTPPSPFGSMITVKSAKQVIKPNSKHFRTTVGSKFRSSLYLLMETLN
ATTPHYVRCIKPNDEKLPFEFDSKRIVQQLRACGVLETIRISAQSYPSRWTYIEFYSRYGILMTKQELSFSDKKEVCKVV
LHRLIQDSNQYQFGKTKIFFRAGQVAYLEKLRLDKGDYKDDDDK
;
_entity_poly.pdbx_strand_id   B,E
#
loop_
_chem_comp.id
_chem_comp.type
_chem_comp.name
_chem_comp.formula
ADP non-polymer ADENOSINE-5'-DIPHOSPHATE 'C10 H15 N5 O10 P2'
EDO non-polymer 1,2-ETHANEDIOL 'C2 H6 O2'
MG non-polymer 'MAGNESIUM ION' 'Mg 2'
VO4 non-polymer 'VANADATE ION' 'O4 V -3'
#
# COMPACT_ATOMS: atom_id res chain seq x y z
N MET A 1 -8.38 -4.46 69.04
CA MET A 1 -7.67 -5.08 70.20
C MET A 1 -6.25 -4.52 70.29
N ALA A 2 -5.25 -5.36 70.05
CA ALA A 2 -3.86 -4.92 70.07
C ALA A 2 -3.54 -4.11 68.82
N VAL A 3 -4.37 -4.28 67.80
CA VAL A 3 -4.19 -3.63 66.50
C VAL A 3 -3.88 -2.13 66.60
N ALA A 4 -4.58 -1.43 67.48
CA ALA A 4 -4.38 0.01 67.63
C ALA A 4 -3.00 0.31 68.23
N GLU A 5 -2.54 -0.60 69.08
CA GLU A 5 -1.25 -0.43 69.75
C GLU A 5 -0.08 -0.51 68.78
N LEU A 6 -0.34 -1.03 67.58
CA LEU A 6 0.69 -1.15 66.55
C LEU A 6 0.87 0.18 65.79
N TYR A 7 -0.19 0.98 65.75
CA TYR A 7 -0.13 2.28 65.09
C TYR A 7 0.29 3.37 66.08
N THR A 8 1.60 3.61 66.13
CA THR A 8 2.19 4.52 67.12
C THR A 8 3.09 5.54 66.46
N GLN A 9 3.67 6.42 67.27
CA GLN A 9 4.67 7.36 66.78
C GLN A 9 5.87 6.59 66.22
N TYR A 10 6.54 7.18 65.24
CA TYR A 10 7.72 6.58 64.61
C TYR A 10 7.37 5.45 63.63
N ASN A 11 6.11 4.99 63.65
CA ASN A 11 5.68 3.94 62.73
C ASN A 11 5.18 4.52 61.41
N ARG A 12 5.21 3.68 60.38
CA ARG A 12 4.89 4.10 59.01
C ARG A 12 3.76 3.25 58.44
N VAL A 13 2.95 3.87 57.57
CA VAL A 13 1.88 3.16 56.87
C VAL A 13 1.86 3.50 55.40
N TRP A 14 1.07 2.75 54.63
CA TRP A 14 0.90 2.99 53.20
C TRP A 14 -0.44 3.68 52.95
N ILE A 15 -0.43 4.73 52.14
CA ILE A 15 -1.66 5.39 51.74
C ILE A 15 -1.68 5.55 50.21
N PRO A 16 -2.89 5.56 49.62
CA PRO A 16 -3.04 5.70 48.17
C PRO A 16 -2.28 6.87 47.55
N ASP A 17 -1.58 6.59 46.45
CA ASP A 17 -0.95 7.62 45.64
C ASP A 17 -1.26 7.34 44.18
N PRO A 18 -1.58 8.38 43.40
CA PRO A 18 -1.87 8.16 41.98
C PRO A 18 -0.73 7.48 41.23
N GLU A 19 0.49 8.00 41.41
CA GLU A 19 1.63 7.58 40.61
C GLU A 19 2.17 6.21 41.00
N GLU A 20 2.53 6.03 42.27
CA GLU A 20 3.15 4.79 42.74
C GLU A 20 2.13 3.85 43.37
N VAL A 21 0.85 4.11 43.13
CA VAL A 21 -0.25 3.32 43.69
C VAL A 21 -0.36 3.52 45.21
N TRP A 22 0.73 3.29 45.92
CA TRP A 22 0.80 3.52 47.35
C TRP A 22 2.01 4.40 47.70
N LYS A 23 1.86 5.28 48.69
CA LYS A 23 2.98 6.08 49.18
C LYS A 23 3.10 5.93 50.69
N SER A 24 4.31 6.09 51.20
CA SER A 24 4.55 5.94 52.63
C SER A 24 4.21 7.21 53.39
N ALA A 25 3.86 7.05 54.67
CA ALA A 25 3.50 8.17 55.53
C ALA A 25 3.74 7.81 56.99
N GLU A 26 4.46 8.67 57.72
CA GLU A 26 4.84 8.39 59.09
C GLU A 26 3.79 8.91 60.08
N ILE A 27 3.50 8.11 61.09
CA ILE A 27 2.52 8.47 62.12
C ILE A 27 3.10 9.53 63.07
N ALA A 28 2.37 10.63 63.22
CA ALA A 28 2.81 11.71 64.11
C ALA A 28 2.50 11.38 65.57
N LYS A 29 1.22 11.17 65.86
CA LYS A 29 0.77 10.84 67.21
C LYS A 29 0.09 9.47 67.23
N ASP A 30 0.25 8.76 68.35
CA ASP A 30 -0.31 7.43 68.51
C ASP A 30 -1.82 7.40 68.24
N TYR A 31 -2.31 6.22 67.84
CA TYR A 31 -3.71 6.07 67.46
C TYR A 31 -4.60 5.73 68.65
N ARG A 32 -5.84 6.22 68.61
CA ARG A 32 -6.84 5.92 69.63
C ARG A 32 -7.91 5.01 69.05
N VAL A 33 -8.16 3.90 69.74
CA VAL A 33 -9.16 2.92 69.31
C VAL A 33 -10.50 3.61 69.00
N GLY A 34 -11.03 3.35 67.82
CA GLY A 34 -12.22 4.05 67.36
C GLY A 34 -11.90 5.48 67.00
N LYS A 36 -11.28 7.34 64.59
CA LYS A 36 -11.95 7.67 63.33
C LYS A 36 -10.98 8.36 62.36
N VAL A 37 -9.94 8.97 62.92
CA VAL A 37 -8.93 9.65 62.12
C VAL A 37 -7.53 9.24 62.55
N LEU A 38 -6.53 9.67 61.79
CA LEU A 38 -5.14 9.35 62.07
C LEU A 38 -4.21 10.41 61.46
N ARG A 39 -3.44 11.07 62.31
CA ARG A 39 -2.53 12.11 61.88
C ARG A 39 -1.20 11.52 61.40
N LEU A 40 -0.82 11.83 60.17
CA LEU A 40 0.41 11.33 59.58
C LEU A 40 1.29 12.47 59.07
N LEU A 41 2.60 12.29 59.15
CA LEU A 41 3.55 13.20 58.54
C LEU A 41 4.08 12.63 57.23
N LEU A 42 3.67 13.23 56.11
CA LEU A 42 4.13 12.80 54.80
C LEU A 42 5.62 13.07 54.62
N GLU A 43 6.14 12.71 53.45
CA GLU A 43 7.51 13.07 53.10
C GLU A 43 7.62 14.58 52.99
N ASP A 44 6.50 15.21 52.62
CA ASP A 44 6.42 16.67 52.55
C ASP A 44 5.11 17.20 53.14
N GLY A 45 5.08 17.31 54.47
CA GLY A 45 3.93 17.86 55.18
C GLY A 45 3.10 16.81 55.87
N GLU A 47 2.02 17.27 56.50
CA GLU A 47 1.18 16.40 57.33
C GLU A 47 -0.30 16.62 57.08
N LEU A 48 -1.09 15.61 57.44
CA LEU A 48 -2.54 15.65 57.33
C LEU A 48 -3.22 14.62 58.24
N ASP A 49 -4.46 14.91 58.65
CA ASP A 49 -5.27 13.96 59.40
C ASP A 49 -5.95 12.97 58.45
N TYR A 50 -5.31 11.83 58.26
CA TYR A 50 -5.78 10.81 57.33
C TYR A 50 -7.11 10.24 57.79
N SER A 51 -8.12 10.34 56.94
CA SER A 51 -9.40 9.70 57.21
C SER A 51 -9.19 8.19 57.27
N VAL A 52 -9.77 7.56 58.28
CA VAL A 52 -9.50 6.14 58.55
C VAL A 52 -10.76 5.39 58.96
N ASN A 53 -10.85 4.14 58.54
CA ASN A 53 -11.88 3.22 58.98
C ASN A 53 -11.38 2.41 60.18
N PRO A 54 -11.96 2.62 61.37
CA PRO A 54 -11.48 1.94 62.59
C PRO A 54 -11.43 0.41 62.47
N GLU A 55 -12.11 -0.15 61.48
CA GLU A 55 -12.08 -1.60 61.25
C GLU A 55 -10.90 -1.97 60.35
N SER A 56 -10.75 -1.25 59.25
CA SER A 56 -9.67 -1.49 58.29
C SER A 56 -8.68 -0.33 58.29
N LEU A 57 -7.80 -0.31 59.29
CA LEU A 57 -6.79 0.74 59.39
C LEU A 57 -5.79 0.63 58.23
N PRO A 58 -5.06 1.72 57.94
CA PRO A 58 -4.08 1.72 56.84
C PRO A 58 -3.07 0.58 56.96
N PRO A 59 -2.62 0.02 55.83
CA PRO A 59 -1.67 -1.11 55.89
C PRO A 59 -0.36 -0.76 56.59
N LEU A 60 -0.02 -1.51 57.63
CA LEU A 60 1.24 -1.31 58.34
C LEU A 60 2.42 -1.59 57.42
N ARG A 61 3.48 -0.80 57.59
CA ARG A 61 4.71 -1.02 56.84
C ARG A 61 5.61 -2.01 57.56
N ASN A 62 6.35 -2.79 56.79
CA ASN A 62 7.29 -3.76 57.34
C ASN A 62 8.63 -3.10 57.67
N PRO A 63 9.40 -3.69 58.61
CA PRO A 63 10.72 -3.16 58.93
C PRO A 63 11.71 -3.32 57.77
N ASP A 64 12.46 -2.26 57.47
CA ASP A 64 13.45 -2.30 56.41
C ASP A 64 14.51 -3.37 56.66
N ILE A 65 14.94 -4.03 55.59
CA ILE A 65 16.02 -5.00 55.64
C ILE A 65 16.98 -4.68 54.50
N LEU A 66 18.24 -5.07 54.65
CA LEU A 66 19.28 -4.74 53.68
C LEU A 66 18.90 -5.15 52.26
N VAL A 67 18.26 -6.31 52.13
CA VAL A 67 17.79 -6.81 50.85
C VAL A 67 16.39 -7.37 51.02
N GLY A 68 15.52 -7.13 50.05
CA GLY A 68 14.17 -7.65 50.07
C GLY A 68 14.18 -9.15 50.28
N GLU A 69 13.27 -9.63 51.12
N GLU A 69 13.27 -9.63 51.12
CA GLU A 69 13.22 -11.04 51.48
CA GLU A 69 13.24 -11.05 51.49
C GLU A 69 13.03 -11.93 50.25
C GLU A 69 13.00 -11.95 50.27
N ASN A 70 13.77 -13.02 50.20
CA ASN A 70 13.71 -13.95 49.07
C ASN A 70 12.33 -14.58 48.88
N ASP A 71 11.60 -14.76 49.97
CA ASP A 71 10.26 -15.34 49.92
C ASP A 71 9.27 -14.39 50.57
N LEU A 72 8.20 -14.07 49.85
CA LEU A 72 7.22 -13.08 50.29
C LEU A 72 6.35 -13.58 51.44
N THR A 73 6.34 -14.88 51.67
CA THR A 73 5.61 -15.44 52.81
C THR A 73 6.24 -15.01 54.12
N ALA A 74 7.48 -14.51 54.06
CA ALA A 74 8.21 -14.09 55.24
C ALA A 74 7.76 -12.73 55.75
N LEU A 75 6.98 -12.02 54.96
CA LEU A 75 6.51 -10.68 55.35
C LEU A 75 5.58 -10.76 56.55
N SER A 76 5.90 -9.97 57.58
CA SER A 76 5.08 -9.93 58.79
C SER A 76 3.69 -9.39 58.47
N TYR A 77 3.64 -8.21 57.85
CA TYR A 77 2.39 -7.61 57.42
C TYR A 77 2.15 -7.91 55.94
N LEU A 78 1.34 -8.93 55.68
CA LEU A 78 1.09 -9.36 54.31
C LEU A 78 -0.10 -8.62 53.71
N HIS A 79 0.20 -7.70 52.80
CA HIS A 79 -0.82 -6.95 52.08
C HIS A 79 -0.25 -6.46 50.76
N GLU A 80 -1.08 -5.86 49.93
CA GLU A 80 -0.68 -5.49 48.57
C GLU A 80 0.51 -4.51 48.54
N PRO A 81 0.44 -3.43 49.35
CA PRO A 81 1.57 -2.48 49.37
C PRO A 81 2.92 -3.13 49.73
N ALA A 82 2.89 -4.14 50.59
CA ALA A 82 4.10 -4.82 51.01
C ALA A 82 4.71 -5.58 49.83
N VAL A 83 3.86 -6.32 49.12
CA VAL A 83 4.32 -7.12 47.98
C VAL A 83 4.85 -6.21 46.87
N LEU A 84 4.10 -5.14 46.56
CA LEU A 84 4.51 -4.21 45.53
C LEU A 84 5.84 -3.55 45.87
N HIS A 85 6.04 -3.26 47.15
CA HIS A 85 7.24 -2.57 47.60
C HIS A 85 8.45 -3.51 47.63
N ASN A 86 8.24 -4.73 48.10
CA ASN A 86 9.33 -5.70 48.19
C ASN A 86 9.88 -6.06 46.82
N LEU A 87 8.98 -6.19 45.85
CA LEU A 87 9.39 -6.49 44.48
C LEU A 87 10.10 -5.31 43.83
N ARG A 88 9.62 -4.09 44.13
CA ARG A 88 10.24 -2.88 43.61
C ARG A 88 11.67 -2.76 44.09
N ILE A 89 11.88 -3.01 45.37
CA ILE A 89 13.19 -2.88 45.98
C ILE A 89 14.15 -3.95 45.45
N ARG A 90 13.64 -5.17 45.29
CA ARG A 90 14.46 -6.27 44.77
C ARG A 90 14.80 -6.07 43.31
N PHE A 91 13.90 -5.38 42.59
CA PHE A 91 14.04 -5.19 41.16
C PHE A 91 14.91 -3.98 40.84
N ALA A 92 14.42 -2.79 41.20
CA ALA A 92 15.08 -1.53 40.87
C ALA A 92 16.48 -1.41 41.48
N GLU A 93 16.64 -1.88 42.72
CA GLU A 93 17.87 -1.62 43.47
C GLU A 93 18.84 -2.81 43.46
N SER A 94 18.33 -4.02 43.71
CA SER A 94 19.18 -5.20 43.83
C SER A 94 19.33 -5.95 42.51
N LYS A 95 18.58 -5.53 41.49
CA LYS A 95 18.63 -6.17 40.17
C LYS A 95 18.28 -7.66 40.27
N LEU A 96 17.34 -7.97 41.15
CA LEU A 96 16.83 -9.34 41.30
C LEU A 96 15.48 -9.48 40.60
N ILE A 97 15.42 -10.35 39.59
CA ILE A 97 14.19 -10.56 38.83
C ILE A 97 13.32 -11.67 39.39
N TYR A 98 13.93 -12.57 40.16
CA TYR A 98 13.22 -13.73 40.71
C TYR A 98 12.93 -13.56 42.19
N THR A 99 11.71 -13.92 42.59
CA THR A 99 11.30 -13.88 43.99
C THR A 99 10.28 -14.97 44.26
N TYR A 100 10.40 -15.63 45.41
CA TYR A 100 9.48 -16.70 45.78
C TYR A 100 8.17 -16.22 46.39
N SER A 101 7.11 -16.96 46.07
CA SER A 101 5.87 -16.92 46.83
C SER A 101 5.54 -18.36 47.22
N GLY A 102 6.35 -18.91 48.12
CA GLY A 102 6.29 -20.32 48.42
C GLY A 102 6.96 -21.11 47.31
N ILE A 103 6.20 -22.04 46.72
CA ILE A 103 6.71 -22.84 45.60
C ILE A 103 6.53 -22.06 44.30
N ILE A 104 5.56 -21.16 44.29
CA ILE A 104 5.27 -20.32 43.13
C ILE A 104 6.38 -19.27 42.93
N LEU A 105 6.92 -19.21 41.72
CA LEU A 105 7.98 -18.26 41.40
C LEU A 105 7.45 -17.04 40.66
N VAL A 106 7.89 -15.86 41.10
CA VAL A 106 7.59 -14.59 40.42
C VAL A 106 8.81 -14.14 39.63
N ALA A 107 8.64 -13.91 38.33
CA ALA A 107 9.75 -13.51 37.45
C ALA A 107 9.48 -12.18 36.76
N MET A 108 10.30 -11.19 37.05
CA MET A 108 10.18 -9.87 36.45
C MET A 108 11.07 -9.76 35.21
N ASN A 109 10.51 -9.27 34.11
CA ASN A 109 11.28 -9.13 32.87
C ASN A 109 12.33 -8.03 32.99
N PRO A 110 13.63 -8.40 32.92
CA PRO A 110 14.66 -7.38 33.08
C PRO A 110 14.87 -6.52 31.84
N TYR A 111 14.50 -7.03 30.66
CA TYR A 111 14.78 -6.35 29.39
C TYR A 111 16.27 -6.02 29.31
N LYS A 112 17.08 -6.98 29.70
CA LYS A 112 18.53 -6.83 29.77
C LYS A 112 19.12 -8.20 30.01
N GLN A 113 20.18 -8.54 29.29
CA GLN A 113 20.81 -9.83 29.47
C GLN A 113 21.49 -9.87 30.84
N LEU A 114 21.28 -10.97 31.55
CA LEU A 114 21.87 -11.15 32.87
C LEU A 114 22.74 -12.41 32.86
N PRO A 115 23.95 -12.31 33.45
CA PRO A 115 24.88 -13.45 33.42
C PRO A 115 24.60 -14.47 34.54
N ILE A 116 23.36 -14.92 34.63
CA ILE A 116 22.93 -15.80 35.72
C ILE A 116 22.40 -17.14 35.23
N TYR A 117 22.69 -17.50 33.98
CA TYR A 117 22.17 -18.72 33.38
C TYR A 117 23.26 -19.68 32.90
N GLY A 118 24.50 -19.43 33.32
CA GLY A 118 25.62 -20.27 32.91
C GLY A 118 25.60 -21.67 33.51
N ASP A 119 26.43 -22.55 32.98
CA ASP A 119 26.50 -23.94 33.42
C ASP A 119 26.92 -24.08 34.88
N ALA A 120 27.82 -23.21 35.33
CA ALA A 120 28.31 -23.28 36.71
C ALA A 120 27.17 -23.05 37.70
N ILE A 121 26.31 -22.09 37.35
CA ILE A 121 25.15 -21.77 38.18
C ILE A 121 24.12 -22.90 38.13
N ILE A 122 23.94 -23.49 36.95
CA ILE A 122 23.05 -24.64 36.78
C ILE A 122 23.39 -25.77 37.75
N HIS A 123 24.68 -26.09 37.86
CA HIS A 123 25.13 -27.20 38.68
C HIS A 123 25.16 -26.82 40.17
N ALA A 124 25.21 -25.53 40.45
CA ALA A 124 25.12 -25.05 41.83
C ALA A 124 23.71 -25.25 42.37
N TYR A 125 22.73 -25.22 41.48
CA TYR A 125 21.34 -25.42 41.88
C TYR A 125 20.99 -26.91 41.92
N SER A 126 21.79 -27.73 41.24
CA SER A 126 21.54 -29.16 41.18
C SER A 126 21.86 -29.84 42.51
N GLY A 127 20.92 -30.66 42.99
CA GLY A 127 21.11 -31.39 44.23
C GLY A 127 20.72 -30.59 45.46
N GLN A 128 20.35 -29.33 45.26
CA GLN A 128 19.95 -28.45 46.35
C GLN A 128 18.45 -28.50 46.58
N ASN A 129 18.02 -28.17 47.79
CA ASN A 129 16.60 -28.10 48.11
C ASN A 129 16.02 -26.74 47.75
N MET A 130 14.78 -26.75 47.28
CA MET A 130 14.01 -25.54 47.05
C MET A 130 14.04 -24.66 48.30
N GLY A 131 14.63 -23.47 48.16
CA GLY A 131 14.73 -22.53 49.27
C GLY A 131 16.14 -22.36 49.80
N ASP A 132 16.98 -23.37 49.59
CA ASP A 132 18.38 -23.29 50.00
C ASP A 132 19.11 -22.21 49.20
N MET A 133 18.82 -22.15 47.91
CA MET A 133 19.46 -21.20 47.02
C MET A 133 18.58 -19.97 46.81
N ASP A 134 19.16 -18.90 46.28
CA ASP A 134 18.39 -17.73 45.90
C ASP A 134 17.34 -18.11 44.86
N PRO A 135 16.21 -17.39 44.83
CA PRO A 135 15.16 -17.74 43.86
C PRO A 135 15.66 -17.65 42.42
N HIS A 136 15.26 -18.61 41.59
CA HIS A 136 15.77 -18.73 40.23
C HIS A 136 14.91 -19.74 39.47
N ILE A 137 14.76 -19.53 38.17
CA ILE A 137 13.98 -20.45 37.35
C ILE A 137 14.56 -21.86 37.40
N PHE A 138 15.87 -21.95 37.61
CA PHE A 138 16.56 -23.23 37.73
C PHE A 138 16.07 -23.99 38.96
N ALA A 139 15.80 -23.27 40.04
CA ALA A 139 15.34 -23.88 41.27
C ALA A 139 13.98 -24.53 41.07
N VAL A 140 13.10 -23.83 40.37
CA VAL A 140 11.79 -24.37 40.01
C VAL A 140 11.98 -25.64 39.18
N ALA A 141 12.94 -25.60 38.26
CA ALA A 141 13.21 -26.72 37.37
C ALA A 141 13.84 -27.88 38.12
N GLU A 142 14.74 -27.58 39.05
CA GLU A 142 15.38 -28.61 39.88
C GLU A 142 14.35 -29.32 40.75
N GLU A 143 13.46 -28.53 41.34
CA GLU A 143 12.43 -29.05 42.23
C GLU A 143 11.53 -30.05 41.51
N ALA A 144 11.17 -29.74 40.28
CA ALA A 144 10.35 -30.65 39.48
C ALA A 144 11.13 -31.91 39.14
N TYR A 145 12.41 -31.74 38.85
CA TYR A 145 13.30 -32.86 38.55
C TYR A 145 13.46 -33.75 39.79
N LYS A 146 13.63 -33.10 40.95
CA LYS A 146 13.76 -33.83 42.21
C LYS A 146 12.54 -34.68 42.51
N GLN A 147 11.36 -34.11 42.29
CA GLN A 147 10.11 -34.80 42.61
C GLN A 147 9.80 -35.91 41.62
N MET A 148 10.16 -35.69 40.35
CA MET A 148 9.94 -36.70 39.32
C MET A 148 10.72 -37.98 39.66
N ALA A 149 11.98 -37.80 40.03
CA ALA A 149 12.85 -38.92 40.32
C ALA A 149 12.43 -39.65 41.59
N ARG A 150 12.05 -38.87 42.60
CA ARG A 150 11.77 -39.39 43.93
C ARG A 150 10.37 -40.00 44.06
N ASN A 151 9.44 -39.53 43.25
CA ASN A 151 8.05 -39.99 43.32
C ASN A 151 7.59 -40.69 42.04
N ASN A 152 8.45 -40.70 41.03
CA ASN A 152 8.10 -41.30 39.74
C ASN A 152 6.77 -40.75 39.23
N ARG A 153 6.61 -39.44 39.41
CA ARG A 153 5.38 -38.73 39.08
C ARG A 153 5.65 -37.67 38.00
N ASN A 154 4.76 -37.57 37.03
CA ASN A 154 4.91 -36.59 35.96
C ASN A 154 4.76 -35.16 36.48
N GLN A 155 5.57 -34.26 35.94
CA GLN A 155 5.57 -32.87 36.38
C GLN A 155 5.22 -31.92 35.23
N SER A 156 4.81 -30.71 35.59
CA SER A 156 4.60 -29.66 34.61
C SER A 156 5.24 -28.35 35.04
N ILE A 157 5.93 -27.70 34.11
CA ILE A 157 6.36 -26.32 34.30
C ILE A 157 5.36 -25.44 33.57
N ILE A 158 4.63 -24.63 34.33
CA ILE A 158 3.55 -23.82 33.77
C ILE A 158 3.82 -22.34 34.02
N VAL A 159 4.25 -21.66 32.95
CA VAL A 159 4.56 -20.24 33.02
C VAL A 159 3.37 -19.43 32.52
N SER A 160 3.15 -18.28 33.15
CA SER A 160 2.01 -17.44 32.83
C SER A 160 2.40 -15.96 32.87
N GLY A 161 1.49 -15.11 32.39
CA GLY A 161 1.72 -13.68 32.31
C GLY A 161 1.28 -13.17 30.95
N GLU A 162 1.14 -11.86 30.84
CA GLU A 162 0.67 -11.23 29.62
C GLU A 162 1.77 -11.19 28.58
N SER A 163 1.44 -10.72 27.39
CA SER A 163 2.38 -10.67 26.29
C SER A 163 3.65 -9.90 26.66
N GLY A 164 4.80 -10.52 26.41
CA GLY A 164 6.09 -9.89 26.64
C GLY A 164 6.57 -9.95 28.08
N ALA A 165 5.86 -10.68 28.93
CA ALA A 165 6.23 -10.76 30.34
C ALA A 165 7.48 -11.61 30.54
N GLY A 166 7.71 -12.56 29.62
CA GLY A 166 8.92 -13.37 29.66
C GLY A 166 8.68 -14.87 29.77
N LYS A 167 7.50 -15.33 29.34
CA LYS A 167 7.14 -16.73 29.45
C LYS A 167 8.06 -17.64 28.61
N THR A 168 8.24 -17.29 27.35
CA THR A 168 9.03 -18.11 26.43
C THR A 168 10.48 -18.20 26.91
N VAL A 169 11.03 -17.09 27.37
CA VAL A 169 12.38 -17.07 27.92
C VAL A 169 12.49 -17.95 29.17
N SER A 170 11.49 -17.89 30.03
CA SER A 170 11.48 -18.71 31.25
C SER A 170 11.38 -20.18 30.90
N ALA A 171 10.52 -20.50 29.93
CA ALA A 171 10.34 -21.87 29.48
C ALA A 171 11.63 -22.45 28.90
N ARG A 172 12.34 -21.63 28.13
CA ARG A 172 13.57 -22.10 27.48
C ARG A 172 14.69 -22.35 28.49
N TYR A 173 14.79 -21.50 29.51
CA TYR A 173 15.82 -21.66 30.52
C TYR A 173 15.54 -22.86 31.42
N ALA A 174 14.25 -23.16 31.61
CA ALA A 174 13.87 -24.36 32.34
C ALA A 174 14.29 -25.60 31.55
N MET A 175 14.08 -25.54 30.24
CA MET A 175 14.44 -26.66 29.37
C MET A 175 15.94 -26.81 29.29
N ARG A 176 16.66 -25.69 29.37
CA ARG A 176 18.11 -25.74 29.32
C ARG A 176 18.65 -26.41 30.57
N TYR A 177 18.03 -26.13 31.71
CA TYR A 177 18.42 -26.75 32.97
C TYR A 177 18.30 -28.25 32.88
N PHE A 178 17.11 -28.73 32.48
CA PHE A 178 16.86 -30.16 32.34
C PHE A 178 17.90 -30.81 31.44
N ALA A 179 18.16 -30.17 30.29
CA ALA A 179 19.07 -30.70 29.29
C ALA A 179 20.50 -30.83 29.81
N THR A 180 20.87 -29.95 30.75
CA THR A 180 22.24 -29.92 31.24
C THR A 180 22.48 -30.96 32.34
N VAL A 181 21.52 -31.13 33.24
CA VAL A 181 21.68 -32.07 34.35
C VAL A 181 21.38 -33.51 33.92
N SER A 182 20.71 -33.67 32.78
CA SER A 182 20.49 -34.98 32.20
C SER A 182 21.75 -35.45 31.47
N LYS A 183 22.55 -34.49 31.02
CA LYS A 183 23.81 -34.81 30.36
C LYS A 183 24.82 -35.33 31.38
N SER A 184 25.74 -36.20 30.96
CA SER A 184 25.84 -36.67 29.58
C SER A 184 24.98 -37.91 29.35
N GLY A 185 23.96 -37.77 28.50
CA GLY A 185 23.27 -38.93 27.97
C GLY A 185 24.29 -39.71 27.15
N SER A 186 24.03 -41.00 26.95
CA SER A 186 24.98 -41.88 26.29
C SER A 186 25.51 -41.31 24.97
N HIS A 189 23.53 -37.41 21.76
CA HIS A 189 23.20 -36.14 22.40
C HIS A 189 21.79 -35.69 22.05
N VAL A 190 20.81 -36.39 22.63
CA VAL A 190 19.41 -36.08 22.41
C VAL A 190 19.03 -34.74 23.00
N GLU A 191 19.74 -34.33 24.05
CA GLU A 191 19.42 -33.09 24.75
C GLU A 191 19.53 -31.87 23.85
N ASP A 192 20.56 -31.84 23.00
CA ASP A 192 20.76 -30.74 22.08
C ASP A 192 19.58 -30.58 21.13
N LYS A 193 19.00 -31.70 20.70
CA LYS A 193 17.90 -31.67 19.74
C LYS A 193 16.60 -31.19 20.37
N VAL A 194 16.35 -31.58 21.62
CA VAL A 194 15.16 -31.12 22.33
C VAL A 194 15.17 -29.61 22.44
N LEU A 195 16.34 -29.06 22.76
CA LEU A 195 16.50 -27.61 22.89
C LEU A 195 16.38 -26.93 21.53
N ALA A 196 16.80 -27.61 20.47
CA ALA A 196 16.77 -27.04 19.13
C ALA A 196 15.33 -26.83 18.64
N SER A 197 14.38 -27.54 19.24
CA SER A 197 13.00 -27.47 18.80
C SER A 197 12.39 -26.10 19.06
N ASN A 198 12.92 -25.38 20.05
CA ASN A 198 12.37 -24.07 20.39
C ASN A 198 12.68 -23.01 19.33
N PRO A 199 13.96 -22.80 19.01
CA PRO A 199 14.27 -21.75 18.02
C PRO A 199 13.70 -22.00 16.63
N ILE A 200 13.55 -23.26 16.21
CA ILE A 200 12.90 -23.56 14.94
C ILE A 200 11.45 -23.06 14.96
N THR A 201 10.71 -23.44 15.99
CA THR A 201 9.31 -23.06 16.06
C THR A 201 9.15 -21.56 16.28
N GLU A 202 10.18 -20.92 16.82
CA GLU A 202 10.17 -19.47 16.96
C GLU A 202 10.26 -18.81 15.59
N ALA A 203 11.11 -19.37 14.72
CA ALA A 203 11.31 -18.81 13.39
C ALA A 203 10.03 -18.83 12.56
N VAL A 204 9.27 -19.92 12.68
CA VAL A 204 8.04 -20.09 11.90
C VAL A 204 6.78 -19.76 12.71
N GLY A 205 6.95 -19.53 14.00
CA GLY A 205 5.81 -19.35 14.90
C GLY A 205 5.79 -18.04 15.66
N ASN A 206 6.90 -17.31 15.67
CA ASN A 206 6.95 -16.01 16.35
C ASN A 206 7.05 -14.84 15.38
N ALA A 207 6.62 -13.68 15.85
CA ALA A 207 6.63 -12.47 15.04
C ALA A 207 6.62 -11.25 15.95
N LYS A 208 7.07 -10.12 15.42
CA LYS A 208 7.04 -8.88 16.17
C LYS A 208 5.64 -8.30 16.23
N THR A 209 5.16 -8.08 17.45
CA THR A 209 3.97 -7.29 17.70
C THR A 209 4.43 -6.02 18.42
N THR A 210 3.51 -5.10 18.68
CA THR A 210 3.88 -3.88 19.38
C THR A 210 4.09 -4.13 20.88
N ARG A 211 3.68 -5.30 21.35
CA ARG A 211 3.90 -5.67 22.75
C ARG A 211 5.22 -6.42 22.92
N ASN A 212 5.61 -7.15 21.89
CA ASN A 212 6.76 -8.05 21.98
C ASN A 212 7.42 -8.30 20.62
N ASP A 213 8.70 -7.94 20.51
CA ASP A 213 9.46 -8.12 19.29
C ASP A 213 9.57 -9.60 18.89
N ASN A 214 9.40 -10.50 19.86
CA ASN A 214 9.46 -11.93 19.61
C ASN A 214 8.25 -12.64 20.20
N SER A 215 7.07 -12.15 19.85
CA SER A 215 5.80 -12.70 20.34
C SER A 215 5.50 -14.09 19.78
N SER A 216 5.16 -15.02 20.66
CA SER A 216 4.69 -16.34 20.24
C SER A 216 3.26 -16.25 19.73
N ARG A 217 3.02 -16.66 18.49
CA ARG A 217 1.68 -16.62 17.91
C ARG A 217 1.04 -18.00 17.89
N PHE A 218 1.57 -18.91 18.71
CA PHE A 218 1.00 -20.24 18.87
C PHE A 218 1.24 -20.70 20.30
N GLY A 219 0.47 -21.69 20.73
CA GLY A 219 0.65 -22.28 22.04
C GLY A 219 1.52 -23.51 21.94
N LYS A 220 2.29 -23.79 22.98
CA LYS A 220 3.22 -24.91 22.97
C LYS A 220 3.20 -25.67 24.29
N TYR A 221 3.03 -26.99 24.20
CA TYR A 221 3.24 -27.87 25.35
C TYR A 221 4.24 -28.96 24.93
N THR A 222 5.41 -28.94 25.57
CA THR A 222 6.49 -29.87 25.25
C THR A 222 6.67 -30.90 26.36
N GLU A 223 6.30 -32.14 26.07
CA GLU A 223 6.54 -33.23 27.00
C GLU A 223 7.95 -33.77 26.82
N ILE A 224 8.78 -33.60 27.85
CA ILE A 224 10.15 -34.11 27.86
C ILE A 224 10.18 -35.48 28.54
N SER A 225 10.56 -36.51 27.78
CA SER A 225 10.51 -37.89 28.26
C SER A 225 11.80 -38.34 28.94
N PHE A 226 11.65 -39.04 30.07
CA PHE A 226 12.80 -39.55 30.84
C PHE A 226 12.74 -41.08 30.98
N ASP A 227 13.91 -41.69 31.10
CA ASP A 227 13.99 -43.13 31.40
C ASP A 227 14.09 -43.32 32.92
N GLU A 228 14.20 -44.57 33.35
CA GLU A 228 14.18 -44.89 34.78
C GLU A 228 15.36 -44.29 35.54
N GLN A 229 16.45 -44.01 34.82
CA GLN A 229 17.61 -43.36 35.43
C GLN A 229 17.50 -41.84 35.34
N ASN A 230 16.30 -41.36 34.98
CA ASN A 230 16.00 -39.94 34.92
C ASN A 230 16.89 -39.17 33.95
N GLN A 231 17.26 -39.81 32.84
CA GLN A 231 17.99 -39.16 31.76
C GLN A 231 17.03 -38.92 30.60
N ILE A 232 17.15 -37.77 29.94
CA ILE A 232 16.30 -37.45 28.81
C ILE A 232 16.52 -38.44 27.67
N ILE A 233 15.44 -38.91 27.06
CA ILE A 233 15.52 -39.85 25.95
C ILE A 233 14.76 -39.36 24.72
N GLY A 234 13.98 -38.30 24.89
CA GLY A 234 13.21 -37.75 23.79
C GLY A 234 12.21 -36.70 24.24
N ALA A 235 11.37 -36.26 23.32
CA ALA A 235 10.35 -35.27 23.63
C ALA A 235 9.25 -35.25 22.57
N ASN A 236 8.13 -34.62 22.91
CA ASN A 236 7.01 -34.46 21.99
C ASN A 236 6.32 -33.13 22.18
N MET A 237 6.19 -32.39 21.07
CA MET A 237 5.62 -31.06 21.09
C MET A 237 4.17 -31.06 20.64
N SER A 238 3.28 -30.56 21.50
CA SER A 238 1.91 -30.29 21.11
C SER A 238 1.74 -28.79 20.90
N THR A 239 1.18 -28.40 19.75
CA THR A 239 0.99 -26.99 19.43
C THR A 239 -0.48 -26.62 19.46
N TYR A 240 -0.75 -25.34 19.74
CA TYR A 240 -2.12 -24.85 19.82
C TYR A 240 -2.31 -23.61 18.94
N LEU A 241 -3.51 -23.54 18.36
CA LEU A 241 -3.87 -22.66 17.24
C LEU A 241 -2.89 -21.54 16.87
N LEU A 242 -2.23 -21.72 15.73
CA LEU A 242 -1.35 -20.72 15.16
C LEU A 242 -2.15 -19.55 14.57
N GLU A 243 -1.64 -18.34 14.74
CA GLU A 243 -2.28 -17.16 14.16
C GLU A 243 -2.04 -17.11 12.64
N LYS A 244 -3.06 -17.45 11.87
CA LYS A 244 -2.92 -17.56 10.42
C LYS A 244 -2.98 -16.22 9.70
N SER A 245 -3.82 -15.30 10.19
CA SER A 245 -4.00 -14.00 9.55
C SER A 245 -2.69 -13.21 9.53
N ARG A 246 -1.74 -13.63 10.37
CA ARG A 246 -0.42 -13.02 10.43
C ARG A 246 0.33 -13.15 9.09
N VAL A 247 0.01 -14.20 8.34
CA VAL A 247 0.70 -14.49 7.09
C VAL A 247 0.39 -13.45 6.02
N VAL A 248 -0.82 -12.89 6.06
CA VAL A 248 -1.29 -11.99 5.00
C VAL A 248 -1.62 -10.59 5.50
N PHE A 249 -1.43 -10.34 6.80
CA PHE A 249 -1.78 -9.05 7.38
C PHE A 249 -0.90 -8.69 8.57
N GLN A 250 -0.47 -7.43 8.61
CA GLN A 250 0.17 -6.87 9.79
C GLN A 250 -0.30 -5.44 10.00
N SER A 251 -0.51 -5.07 11.25
CA SER A 251 -0.81 -3.68 11.61
C SER A 251 0.50 -2.91 11.72
N GLU A 252 0.39 -1.61 11.94
CA GLU A 252 1.55 -0.73 12.01
C GLU A 252 2.63 -1.24 12.96
N ASN A 253 3.87 -1.24 12.48
CA ASN A 253 5.06 -1.63 13.25
C ASN A 253 5.11 -3.12 13.64
N GLU A 254 4.21 -3.93 13.09
CA GLU A 254 4.26 -5.38 13.31
C GLU A 254 4.83 -6.08 12.08
N ARG A 255 5.39 -7.26 12.30
CA ARG A 255 5.96 -8.04 11.22
C ARG A 255 5.23 -9.37 11.03
N ASN A 256 5.43 -9.96 9.86
CA ASN A 256 5.07 -11.34 9.61
C ASN A 256 5.99 -12.22 10.44
N TYR A 257 5.84 -13.53 10.29
CA TYR A 257 6.72 -14.47 10.99
C TYR A 257 8.17 -14.26 10.59
N HIS A 258 9.07 -14.47 11.56
CA HIS A 258 10.49 -14.14 11.42
C HIS A 258 11.12 -14.72 10.15
N ILE A 259 10.80 -15.98 9.86
CA ILE A 259 11.53 -16.72 8.84
C ILE A 259 11.38 -16.10 7.46
N PHE A 260 10.29 -15.39 7.23
CA PHE A 260 10.10 -14.68 5.97
C PHE A 260 11.18 -13.61 5.79
N TYR A 261 11.54 -12.94 6.88
CA TYR A 261 12.51 -11.87 6.84
C TYR A 261 13.93 -12.41 6.83
N GLN A 262 14.11 -13.59 7.41
CA GLN A 262 15.38 -14.30 7.34
C GLN A 262 15.64 -14.71 5.89
N LEU A 263 14.57 -15.14 5.22
CA LEU A 263 14.65 -15.58 3.84
C LEU A 263 14.89 -14.41 2.88
N CYS A 264 14.15 -13.32 3.04
CA CYS A 264 14.30 -12.16 2.17
C CYS A 264 15.67 -11.50 2.34
N ALA A 265 16.20 -11.56 3.56
CA ALA A 265 17.52 -11.01 3.83
C ALA A 265 18.62 -11.85 3.18
N SER A 266 18.24 -13.04 2.72
CA SER A 266 19.16 -13.96 2.06
C SER A 266 18.88 -14.06 0.57
N ALA A 267 18.11 -13.10 0.06
CA ALA A 267 17.65 -13.12 -1.33
C ALA A 267 18.77 -13.21 -2.35
N GLN A 268 19.87 -12.49 -2.10
CA GLN A 268 20.95 -12.39 -3.07
C GLN A 268 22.07 -13.40 -2.82
N GLN A 269 21.81 -14.41 -1.99
CA GLN A 269 22.74 -15.53 -1.82
C GLN A 269 22.52 -16.54 -2.94
N SER A 270 23.60 -17.17 -3.39
CA SER A 270 23.57 -18.08 -4.53
C SER A 270 22.53 -19.19 -4.36
N GLU A 271 22.49 -19.80 -3.18
CA GLU A 271 21.60 -20.93 -2.93
C GLU A 271 20.12 -20.55 -3.06
N PHE A 272 19.83 -19.26 -2.93
CA PHE A 272 18.44 -18.78 -2.87
C PHE A 272 17.96 -18.07 -4.14
N LYS A 273 18.87 -17.86 -5.09
CA LYS A 273 18.55 -17.09 -6.30
C LYS A 273 17.33 -17.62 -7.05
N HIS A 274 17.20 -18.94 -7.08
CA HIS A 274 16.11 -19.60 -7.82
C HIS A 274 14.75 -19.32 -7.21
N LEU A 275 14.72 -18.79 -5.99
CA LEU A 275 13.47 -18.44 -5.33
C LEU A 275 13.00 -17.04 -5.76
N LYS A 276 13.88 -16.33 -6.47
CA LYS A 276 13.55 -15.05 -7.08
C LYS A 276 12.94 -14.07 -6.07
N LEU A 277 13.58 -13.98 -4.92
CA LEU A 277 13.13 -13.09 -3.85
C LEU A 277 13.81 -11.74 -3.95
N GLY A 278 13.21 -10.76 -3.29
CA GLY A 278 13.83 -9.46 -3.10
C GLY A 278 13.78 -9.11 -1.63
N SER A 279 13.94 -7.83 -1.30
CA SER A 279 13.84 -7.38 0.08
C SER A 279 12.43 -7.60 0.61
N ALA A 280 12.31 -7.65 1.94
CA ALA A 280 11.02 -7.81 2.59
C ALA A 280 10.06 -6.67 2.22
N GLU A 281 10.62 -5.57 1.73
CA GLU A 281 9.81 -4.42 1.35
C GLU A 281 9.15 -4.57 -0.03
N GLU A 282 9.58 -5.55 -0.80
N GLU A 282 9.58 -5.56 -0.79
CA GLU A 282 8.97 -5.81 -2.11
CA GLU A 282 9.00 -5.81 -2.11
C GLU A 282 7.62 -6.50 -1.97
C GLU A 282 7.65 -6.51 -1.98
N PHE A 283 7.51 -7.35 -0.96
CA PHE A 283 6.35 -8.23 -0.83
C PHE A 283 5.28 -7.65 0.09
N ASN A 284 4.05 -7.67 -0.40
CA ASN A 284 2.90 -7.18 0.35
C ASN A 284 2.71 -7.88 1.70
N TYR A 285 3.10 -9.16 1.76
CA TYR A 285 2.88 -9.95 2.97
C TYR A 285 3.90 -9.65 4.08
N THR A 286 4.95 -8.92 3.77
CA THR A 286 6.01 -8.62 4.74
C THR A 286 6.25 -7.12 4.95
N ARG A 287 5.67 -6.28 4.08
CA ARG A 287 5.94 -4.85 4.10
C ARG A 287 4.88 -4.03 4.84
N MET A 288 3.75 -4.66 5.13
CA MET A 288 2.54 -3.94 5.52
C MET A 288 2.70 -3.07 6.77
N GLY A 289 3.50 -3.53 7.73
CA GLY A 289 3.65 -2.83 8.99
C GLY A 289 4.47 -1.55 8.88
N GLY A 290 5.20 -1.39 7.78
CA GLY A 290 5.95 -0.18 7.53
C GLY A 290 7.39 -0.21 8.01
N ASN A 291 7.77 -1.30 8.69
CA ASN A 291 9.13 -1.45 9.19
C ASN A 291 9.52 -2.93 9.24
N THR A 292 10.46 -3.31 8.38
CA THR A 292 10.83 -4.71 8.20
C THR A 292 12.01 -5.16 9.08
N VAL A 293 12.57 -4.25 9.87
CA VAL A 293 13.71 -4.59 10.73
C VAL A 293 13.36 -4.47 12.21
N ILE A 294 13.81 -5.46 12.97
CA ILE A 294 13.71 -5.44 14.42
C ILE A 294 15.04 -4.94 14.97
N GLU A 295 14.99 -3.91 15.81
CA GLU A 295 16.19 -3.39 16.44
C GLU A 295 16.97 -4.50 17.15
N GLY A 296 18.26 -4.60 16.83
CA GLY A 296 19.13 -5.56 17.48
C GLY A 296 19.14 -6.93 16.81
N VAL A 297 18.29 -7.12 15.81
CA VAL A 297 18.18 -8.40 15.11
C VAL A 297 18.69 -8.29 13.67
N ASN A 298 19.67 -9.13 13.35
CA ASN A 298 20.17 -9.27 12.00
C ASN A 298 19.54 -10.48 11.34
N ASP A 299 18.53 -10.24 10.51
CA ASP A 299 17.73 -11.33 9.96
C ASP A 299 18.53 -12.28 9.09
N ARG A 300 19.58 -11.77 8.45
CA ARG A 300 20.46 -12.62 7.66
C ARG A 300 21.23 -13.55 8.57
N ALA A 301 21.73 -13.02 9.68
CA ALA A 301 22.47 -13.82 10.64
C ALA A 301 21.54 -14.86 11.29
N GLU A 302 20.26 -14.51 11.44
CA GLU A 302 19.29 -15.44 12.03
C GLU A 302 18.97 -16.58 11.08
N MET A 303 18.96 -16.28 9.77
CA MET A 303 18.78 -17.31 8.75
C MET A 303 19.85 -18.38 8.88
N VAL A 304 21.09 -17.92 9.05
CA VAL A 304 22.22 -18.82 9.17
C VAL A 304 22.09 -19.71 10.41
N GLU A 305 21.62 -19.13 11.52
CA GLU A 305 21.43 -19.89 12.75
C GLU A 305 20.26 -20.87 12.59
N THR A 306 19.19 -20.42 11.95
CA THR A 306 18.05 -21.27 11.66
C THR A 306 18.48 -22.49 10.83
N GLN A 307 19.35 -22.27 9.85
CA GLN A 307 19.83 -23.36 9.02
C GLN A 307 20.67 -24.35 9.81
N LYS A 308 21.50 -23.82 10.71
CA LYS A 308 22.31 -24.67 11.59
C LYS A 308 21.41 -25.52 12.49
N THR A 309 20.30 -24.93 12.95
CA THR A 309 19.40 -25.62 13.88
C THR A 309 18.63 -26.72 13.17
N PHE A 310 18.15 -26.44 11.96
CA PHE A 310 17.55 -27.48 11.12
C PHE A 310 18.52 -28.64 10.97
N THR A 311 19.78 -28.31 10.68
CA THR A 311 20.81 -29.32 10.47
C THR A 311 21.07 -30.11 11.74
N LEU A 312 21.08 -29.42 12.88
CA LEU A 312 21.26 -30.06 14.17
C LEU A 312 20.16 -31.09 14.43
N LEU A 313 18.95 -30.79 13.99
CA LEU A 313 17.81 -31.70 14.16
C LEU A 313 17.80 -32.81 13.10
N GLY A 314 18.75 -32.78 12.19
CA GLY A 314 18.88 -33.81 11.17
C GLY A 314 18.16 -33.48 9.86
N PHE A 315 17.77 -32.21 9.71
CA PHE A 315 17.13 -31.75 8.48
C PHE A 315 18.16 -31.17 7.52
N LYS A 316 18.49 -31.95 6.51
CA LYS A 316 19.56 -31.61 5.58
C LYS A 316 19.19 -30.44 4.67
N GLU A 317 20.13 -30.04 3.83
CA GLU A 317 19.96 -28.86 2.98
C GLU A 317 18.74 -28.95 2.07
N ASP A 318 18.47 -30.14 1.54
CA ASP A 318 17.37 -30.32 0.62
C ASP A 318 16.03 -30.13 1.32
N PHE A 319 15.92 -30.66 2.53
CA PHE A 319 14.72 -30.47 3.33
C PHE A 319 14.50 -29.00 3.60
N GLN A 320 15.59 -28.29 3.89
CA GLN A 320 15.52 -26.86 4.18
C GLN A 320 15.08 -26.06 2.96
N MET A 321 15.64 -26.39 1.80
CA MET A 321 15.28 -25.69 0.56
C MET A 321 13.81 -25.90 0.23
N ASP A 322 13.29 -27.09 0.55
CA ASP A 322 11.91 -27.41 0.28
C ASP A 322 10.93 -26.52 1.07
N VAL A 323 11.24 -26.23 2.33
CA VAL A 323 10.35 -25.36 3.10
C VAL A 323 10.54 -23.91 2.66
N PHE A 324 11.78 -23.54 2.34
CA PHE A 324 12.07 -22.20 1.83
C PHE A 324 11.33 -21.96 0.53
N LYS A 325 11.14 -23.02 -0.26
CA LYS A 325 10.43 -22.91 -1.53
C LYS A 325 8.95 -22.61 -1.27
N ILE A 326 8.37 -23.28 -0.29
CA ILE A 326 7.00 -23.00 0.13
C ILE A 326 6.87 -21.56 0.60
N LEU A 327 7.82 -21.12 1.43
CA LEU A 327 7.78 -19.78 1.98
C LEU A 327 7.93 -18.72 0.89
N ALA A 328 8.85 -18.95 -0.05
CA ALA A 328 9.03 -18.04 -1.17
C ALA A 328 7.76 -17.97 -2.02
N ALA A 329 7.13 -19.13 -2.23
CA ALA A 329 5.91 -19.21 -3.03
C ALA A 329 4.78 -18.37 -2.42
N ILE A 330 4.67 -18.43 -1.09
CA ILE A 330 3.66 -17.66 -0.38
C ILE A 330 3.88 -16.17 -0.57
N LEU A 331 5.14 -15.75 -0.53
CA LEU A 331 5.47 -14.34 -0.70
C LEU A 331 5.08 -13.86 -2.09
N HIS A 332 5.42 -14.65 -3.11
CA HIS A 332 5.08 -14.32 -4.48
C HIS A 332 3.57 -14.30 -4.71
N LEU A 333 2.85 -15.20 -4.04
CA LEU A 333 1.40 -15.25 -4.17
C LEU A 333 0.78 -13.93 -3.75
N GLY A 334 1.33 -13.32 -2.70
CA GLY A 334 0.83 -12.06 -2.20
C GLY A 334 1.03 -10.89 -3.13
N ASN A 335 1.94 -11.03 -4.09
CA ASN A 335 2.22 -9.98 -5.06
C ASN A 335 1.60 -10.25 -6.44
N VAL A 336 0.80 -11.30 -6.54
CA VAL A 336 0.04 -11.56 -7.76
C VAL A 336 -0.98 -10.45 -7.95
N GLN A 337 -0.89 -9.73 -9.06
CA GLN A 337 -1.79 -8.62 -9.30
C GLN A 337 -3.20 -9.12 -9.63
N ILE A 338 -4.18 -8.64 -8.88
CA ILE A 338 -5.58 -8.88 -9.19
C ILE A 338 -6.21 -7.54 -9.54
N THR A 339 -6.69 -7.41 -10.78
CA THR A 339 -7.25 -6.16 -11.26
C THR A 339 -8.77 -6.21 -11.31
N ALA A 340 -9.39 -5.03 -11.16
CA ALA A 340 -10.83 -4.89 -11.27
C ALA A 340 -11.26 -4.80 -12.73
N VAL A 341 -12.29 -5.57 -13.08
CA VAL A 341 -12.94 -5.47 -14.38
C VAL A 341 -14.39 -5.07 -14.15
N GLY A 342 -14.67 -3.79 -14.38
CA GLY A 342 -15.97 -3.24 -14.06
C GLY A 342 -16.15 -3.18 -12.55
N ASN A 343 -17.35 -3.51 -12.08
CA ASN A 343 -17.66 -3.46 -10.65
C ASN A 343 -17.93 -4.84 -10.07
N GLU A 344 -18.08 -5.85 -10.93
CA GLU A 344 -18.53 -7.17 -10.50
C GLU A 344 -17.49 -8.26 -10.74
N ARG A 345 -16.45 -7.96 -11.49
CA ARG A 345 -15.49 -8.99 -11.92
C ARG A 345 -14.04 -8.63 -11.59
N SER A 346 -13.23 -9.67 -11.48
CA SER A 346 -11.79 -9.51 -11.29
C SER A 346 -11.03 -10.31 -12.34
N SER A 347 -9.74 -10.06 -12.46
CA SER A 347 -8.91 -10.76 -13.43
C SER A 347 -7.47 -10.87 -12.98
N VAL A 348 -6.87 -12.03 -13.25
CA VAL A 348 -5.44 -12.24 -13.05
C VAL A 348 -4.83 -12.66 -14.38
N SER A 349 -3.76 -11.99 -14.77
CA SER A 349 -3.06 -12.33 -16.00
C SER A 349 -2.17 -13.55 -15.78
N GLU A 350 -2.25 -14.51 -16.69
CA GLU A 350 -1.42 -15.71 -16.63
C GLU A 350 0.06 -15.36 -16.78
N ASP A 351 0.34 -14.16 -17.27
CA ASP A 351 1.71 -13.70 -17.48
C ASP A 351 2.19 -12.84 -16.32
N ASP A 352 1.37 -12.76 -15.26
CA ASP A 352 1.79 -12.10 -14.03
C ASP A 352 3.10 -12.72 -13.54
N SER A 353 4.13 -11.90 -13.44
CA SER A 353 5.48 -12.39 -13.14
C SER A 353 5.54 -13.14 -11.82
N HIS A 354 4.79 -12.68 -10.83
CA HIS A 354 4.77 -13.32 -9.53
C HIS A 354 3.92 -14.58 -9.54
N LEU A 355 2.88 -14.60 -10.37
CA LEU A 355 2.07 -15.80 -10.54
C LEU A 355 2.90 -16.93 -11.16
N LYS A 356 3.79 -16.56 -12.09
CA LYS A 356 4.60 -17.56 -12.79
C LYS A 356 5.63 -18.20 -11.86
N VAL A 357 6.24 -17.39 -10.99
CA VAL A 357 7.19 -17.91 -10.03
C VAL A 357 6.46 -18.81 -9.04
N PHE A 358 5.32 -18.34 -8.56
CA PHE A 358 4.46 -19.10 -7.65
C PHE A 358 4.17 -20.49 -8.20
N CYS A 359 3.87 -20.57 -9.49
CA CYS A 359 3.49 -21.82 -10.13
C CYS A 359 4.69 -22.68 -10.49
N GLU A 360 5.81 -22.02 -10.79
CA GLU A 360 7.06 -22.72 -11.04
C GLU A 360 7.50 -23.44 -9.76
N LEU A 361 7.44 -22.73 -8.64
CA LEU A 361 7.90 -23.28 -7.37
C LEU A 361 7.01 -24.41 -6.85
N LEU A 362 5.70 -24.30 -7.06
CA LEU A 362 4.76 -25.30 -6.56
C LEU A 362 4.26 -26.24 -7.67
N GLY A 363 4.81 -26.08 -8.87
CA GLY A 363 4.46 -26.95 -9.98
C GLY A 363 2.97 -26.94 -10.31
N LEU A 364 2.46 -25.76 -10.61
CA LEU A 364 1.03 -25.59 -10.93
C LEU A 364 0.86 -25.01 -12.33
N GLU A 365 -0.37 -25.08 -12.84
CA GLU A 365 -0.71 -24.44 -14.11
C GLU A 365 -1.23 -23.03 -13.87
N SER A 366 -0.57 -22.04 -14.48
CA SER A 366 -0.88 -20.64 -14.24
C SER A 366 -2.26 -20.26 -14.78
N GLY A 367 -2.68 -20.87 -15.87
CA GLY A 367 -4.00 -20.63 -16.42
C GLY A 367 -5.08 -21.05 -15.45
N ARG A 368 -4.81 -22.13 -14.71
CA ARG A 368 -5.78 -22.67 -13.76
C ARG A 368 -5.88 -21.78 -12.52
N VAL A 369 -4.74 -21.34 -12.01
CA VAL A 369 -4.71 -20.53 -10.80
C VAL A 369 -5.37 -19.18 -11.04
N ALA A 370 -5.00 -18.53 -12.14
CA ALA A 370 -5.57 -17.24 -12.50
C ALA A 370 -7.08 -17.33 -12.64
N GLN A 371 -7.54 -18.40 -13.28
CA GLN A 371 -8.97 -18.64 -13.48
C GLN A 371 -9.73 -18.70 -12.15
N TRP A 372 -9.21 -19.50 -11.21
CA TRP A 372 -9.94 -19.85 -10.00
C TRP A 372 -9.58 -18.99 -8.79
N LEU A 373 -8.77 -17.97 -9.01
CA LEU A 373 -8.63 -16.89 -8.03
C LEU A 373 -9.76 -15.88 -8.21
N CYS A 374 -10.35 -15.87 -9.40
CA CYS A 374 -11.30 -14.82 -9.79
C CYS A 374 -12.68 -15.37 -10.15
N ASN A 375 -12.86 -16.68 -9.98
CA ASN A 375 -14.16 -17.30 -10.18
C ASN A 375 -14.37 -18.40 -9.15
N ARG A 376 -15.63 -18.71 -8.87
CA ARG A 376 -15.96 -19.79 -7.94
C ARG A 376 -16.99 -20.73 -8.56
N LYS A 377 -16.78 -22.02 -8.36
CA LYS A 377 -17.64 -23.05 -8.91
C LYS A 377 -18.72 -23.43 -7.91
N ILE A 378 -19.96 -23.51 -8.38
CA ILE A 378 -21.09 -23.89 -7.54
C ILE A 378 -21.76 -25.12 -8.12
N VAL A 379 -21.57 -26.26 -7.46
CA VAL A 379 -22.07 -27.54 -7.95
C VAL A 379 -23.34 -27.96 -7.23
N THR A 380 -24.46 -27.90 -7.94
CA THR A 380 -25.71 -28.51 -7.49
C THR A 380 -25.88 -29.83 -8.24
N SER A 381 -26.98 -30.53 -7.98
CA SER A 381 -27.25 -31.78 -8.68
C SER A 381 -27.71 -31.48 -10.11
N SER A 382 -28.53 -30.43 -10.24
CA SER A 382 -29.10 -30.06 -11.52
C SER A 382 -28.08 -29.46 -12.49
N GLU A 383 -27.01 -28.89 -11.96
CA GLU A 383 -26.10 -28.11 -12.78
C GLU A 383 -24.81 -27.72 -12.05
N THR A 384 -23.88 -27.15 -12.81
CA THR A 384 -22.68 -26.53 -12.27
C THR A 384 -22.62 -25.08 -12.75
N VAL A 385 -22.55 -24.16 -11.80
CA VAL A 385 -22.53 -22.74 -12.11
C VAL A 385 -21.17 -22.15 -11.76
N VAL A 386 -20.70 -21.25 -12.63
CA VAL A 386 -19.47 -20.52 -12.38
C VAL A 386 -19.77 -19.03 -12.30
N LYS A 387 -19.54 -18.45 -11.12
CA LYS A 387 -19.81 -17.04 -10.89
C LYS A 387 -18.51 -16.25 -10.78
N PRO A 388 -18.48 -15.03 -11.35
CA PRO A 388 -17.27 -14.23 -11.18
C PRO A 388 -17.12 -13.75 -9.74
N MET A 389 -15.90 -13.48 -9.31
CA MET A 389 -15.67 -12.87 -8.00
C MET A 389 -15.26 -11.41 -8.17
N THR A 390 -15.74 -10.56 -7.27
CA THR A 390 -15.29 -9.18 -7.21
C THR A 390 -13.82 -9.19 -6.83
N ARG A 391 -13.14 -8.06 -7.03
CA ARG A 391 -11.73 -8.00 -6.68
C ARG A 391 -11.52 -8.24 -5.17
N PRO A 392 -12.34 -7.60 -4.32
CA PRO A 392 -12.20 -7.87 -2.89
C PRO A 392 -12.34 -9.35 -2.54
N GLN A 393 -13.32 -10.01 -3.14
CA GLN A 393 -13.54 -11.42 -2.91
C GLN A 393 -12.35 -12.23 -3.42
N ALA A 394 -11.78 -11.82 -4.56
CA ALA A 394 -10.65 -12.53 -5.15
C ALA A 394 -9.40 -12.39 -4.27
N VAL A 395 -9.19 -11.19 -3.74
CA VAL A 395 -8.08 -10.95 -2.82
C VAL A 395 -8.22 -11.83 -1.59
N ASN A 396 -9.45 -11.91 -1.07
CA ASN A 396 -9.72 -12.71 0.11
C ASN A 396 -9.48 -14.20 -0.13
N ALA A 397 -9.89 -14.67 -1.31
CA ALA A 397 -9.66 -16.06 -1.70
C ALA A 397 -8.17 -16.31 -1.83
N ARG A 398 -7.48 -15.37 -2.44
CA ARG A 398 -6.03 -15.43 -2.62
C ARG A 398 -5.31 -15.54 -1.28
N ASP A 399 -5.66 -14.66 -0.35
CA ASP A 399 -5.02 -14.63 0.97
C ASP A 399 -5.37 -15.85 1.81
N ALA A 400 -6.59 -16.36 1.65
CA ALA A 400 -7.01 -17.56 2.38
C ALA A 400 -6.12 -18.74 1.99
N LEU A 401 -5.80 -18.83 0.71
CA LEU A 401 -4.94 -19.90 0.20
C LEU A 401 -3.55 -19.79 0.82
N ALA A 402 -3.02 -18.57 0.88
CA ALA A 402 -1.72 -18.31 1.48
C ALA A 402 -1.70 -18.76 2.93
N LYS A 403 -2.72 -18.38 3.69
CA LYS A 403 -2.81 -18.78 5.09
C LYS A 403 -2.83 -20.29 5.23
N LYS A 404 -3.60 -20.95 4.37
CA LYS A 404 -3.75 -22.39 4.41
C LYS A 404 -2.43 -23.12 4.12
N ILE A 405 -1.69 -22.63 3.13
CA ILE A 405 -0.40 -23.22 2.80
C ILE A 405 0.57 -23.10 3.98
N TYR A 406 0.58 -21.94 4.62
CA TYR A 406 1.48 -21.72 5.75
C TYR A 406 1.10 -22.59 6.94
N ALA A 407 -0.20 -22.76 7.17
CA ALA A 407 -0.68 -23.58 8.28
C ALA A 407 -0.20 -25.02 8.13
N HIS A 408 -0.32 -25.56 6.93
CA HIS A 408 0.15 -26.90 6.63
C HIS A 408 1.65 -27.02 6.85
N LEU A 409 2.38 -26.01 6.39
CA LEU A 409 3.84 -25.99 6.50
C LEU A 409 4.27 -26.03 7.95
N PHE A 410 3.59 -25.25 8.79
CA PHE A 410 3.90 -25.19 10.21
C PHE A 410 3.63 -26.54 10.89
N ASP A 411 2.48 -27.13 10.60
CA ASP A 411 2.15 -28.45 11.15
C ASP A 411 3.17 -29.49 10.70
N PHE A 412 3.60 -29.38 9.46
CA PHE A 412 4.55 -30.34 8.88
C PHE A 412 5.90 -30.27 9.58
N ILE A 413 6.38 -29.06 9.86
CA ILE A 413 7.64 -28.87 10.56
C ILE A 413 7.56 -29.45 11.98
N VAL A 414 6.46 -29.17 12.67
CA VAL A 414 6.26 -29.67 14.03
C VAL A 414 6.26 -31.20 14.04
N GLU A 415 5.57 -31.79 13.07
CA GLU A 415 5.46 -33.24 12.98
C GLU A 415 6.83 -33.88 12.77
N ARG A 416 7.65 -33.26 11.93
CA ARG A 416 8.97 -33.78 11.64
C ARG A 416 9.95 -33.56 12.80
N ILE A 417 9.74 -32.47 13.56
CA ILE A 417 10.50 -32.28 14.78
C ILE A 417 10.18 -33.39 15.75
N ASN A 418 8.90 -33.74 15.84
CA ASN A 418 8.47 -34.79 16.75
C ASN A 418 9.02 -36.16 16.33
N GLN A 419 9.13 -36.38 15.03
CA GLN A 419 9.73 -37.62 14.53
C GLN A 419 11.21 -37.68 14.92
N ALA A 420 11.90 -36.55 14.83
CA ALA A 420 13.32 -36.47 15.15
C ALA A 420 13.59 -36.64 16.65
N LEU A 421 12.56 -36.40 17.47
CA LEU A 421 12.71 -36.46 18.92
C LEU A 421 12.10 -37.72 19.52
N GLN A 422 11.62 -38.62 18.68
CA GLN A 422 11.06 -39.90 19.14
C GLN A 422 12.10 -40.76 19.83
N PHE A 423 11.63 -41.75 20.59
CA PHE A 423 12.50 -42.70 21.29
C PHE A 423 11.95 -44.11 21.21
N SER A 424 12.86 -45.09 21.20
CA SER A 424 12.48 -46.50 21.14
C SER A 424 12.23 -47.07 22.53
N GLY A 425 12.90 -46.50 23.53
CA GLY A 425 12.77 -46.97 24.90
C GLY A 425 11.41 -46.72 25.49
N LYS A 426 11.23 -47.12 26.74
CA LYS A 426 9.96 -46.90 27.45
C LYS A 426 10.00 -45.59 28.22
N GLN A 427 8.91 -44.84 28.16
CA GLN A 427 8.82 -43.58 28.91
C GLN A 427 8.49 -43.86 30.37
N HIS A 428 9.47 -43.68 31.24
CA HIS A 428 9.29 -43.85 32.67
C HIS A 428 8.42 -42.71 33.21
N THR A 429 8.90 -41.48 33.02
CA THR A 429 8.18 -40.28 33.42
C THR A 429 8.39 -39.19 32.37
N PHE A 430 7.70 -38.07 32.55
CA PHE A 430 7.95 -36.90 31.72
C PHE A 430 7.76 -35.61 32.50
N ILE A 431 8.44 -34.57 32.06
CA ILE A 431 8.21 -33.22 32.54
C ILE A 431 7.70 -32.39 31.37
N GLY A 432 6.51 -31.83 31.53
CA GLY A 432 5.90 -31.02 30.50
C GLY A 432 6.16 -29.54 30.74
N VAL A 433 6.56 -28.83 29.69
CA VAL A 433 6.77 -27.39 29.79
C VAL A 433 5.73 -26.68 28.94
N LEU A 434 4.95 -25.82 29.60
CA LEU A 434 3.88 -25.09 28.93
C LEU A 434 4.32 -23.67 28.62
N ASP A 435 4.16 -23.30 27.36
CA ASP A 435 4.45 -21.95 26.91
C ASP A 435 3.43 -21.55 25.85
N ILE A 436 2.42 -20.79 26.26
CA ILE A 436 1.40 -20.33 25.33
C ILE A 436 1.42 -18.80 25.24
N TYR A 437 0.84 -18.27 24.17
CA TYR A 437 0.67 -16.83 24.04
C TYR A 437 -0.05 -16.27 25.25
N GLY A 438 0.45 -15.15 25.75
CA GLY A 438 -0.10 -14.53 26.95
C GLY A 438 -1.15 -13.50 26.63
N PHE A 439 -1.87 -13.06 27.66
CA PHE A 439 -2.90 -12.05 27.54
C PHE A 439 -2.41 -10.84 26.76
N GLU A 440 -3.22 -10.37 25.82
CA GLU A 440 -2.85 -9.23 24.98
C GLU A 440 -4.07 -8.44 24.52
N THR A 441 -3.90 -7.13 24.42
CA THR A 441 -4.94 -6.24 23.92
C THR A 441 -4.31 -5.09 23.15
N PHE A 442 -4.95 -4.70 22.05
CA PHE A 442 -4.48 -3.62 21.19
C PHE A 442 -5.63 -2.65 20.94
N ASP A 443 -5.36 -1.60 20.17
CA ASP A 443 -6.39 -0.64 19.79
C ASP A 443 -7.52 -1.37 19.05
N VAL A 444 -7.12 -2.40 18.29
CA VAL A 444 -8.07 -3.21 17.55
C VAL A 444 -7.88 -4.68 17.91
N ASN A 445 -8.87 -5.24 18.59
CA ASN A 445 -8.86 -6.65 18.96
C ASN A 445 -9.89 -7.43 18.18
N SER A 446 -9.50 -8.62 17.71
CA SER A 446 -10.38 -9.45 16.90
C SER A 446 -10.39 -10.90 17.39
N PHE A 447 -10.80 -11.79 16.50
CA PHE A 447 -10.91 -13.22 16.77
C PHE A 447 -9.64 -13.80 17.39
N GLU A 448 -8.49 -13.32 16.91
CA GLU A 448 -7.20 -13.80 17.38
C GLU A 448 -6.99 -13.54 18.87
N GLN A 449 -7.26 -12.32 19.30
CA GLN A 449 -7.05 -11.93 20.69
C GLN A 449 -8.07 -12.59 21.59
N PHE A 450 -9.29 -12.74 21.08
CA PHE A 450 -10.36 -13.41 21.81
C PHE A 450 -9.95 -14.83 22.17
N CYS A 451 -9.36 -15.55 21.21
CA CYS A 451 -8.93 -16.93 21.44
C CYS A 451 -7.75 -16.99 22.42
N ILE A 452 -6.76 -16.14 22.21
CA ILE A 452 -5.58 -16.09 23.09
C ILE A 452 -5.99 -15.80 24.53
N ASN A 453 -6.87 -14.82 24.69
CA ASN A 453 -7.26 -14.38 26.01
C ASN A 453 -8.18 -15.39 26.69
N TYR A 454 -8.97 -16.12 25.90
CA TYR A 454 -9.78 -17.21 26.43
C TYR A 454 -8.89 -18.34 26.94
N ALA A 455 -7.80 -18.61 26.21
CA ALA A 455 -6.86 -19.64 26.63
C ALA A 455 -6.21 -19.27 27.95
N ASN A 456 -5.96 -17.98 28.15
CA ASN A 456 -5.33 -17.50 29.36
C ASN A 456 -6.29 -17.54 30.55
N GLU A 457 -7.58 -17.38 30.28
CA GLU A 457 -8.59 -17.57 31.32
C GLU A 457 -8.57 -19.00 31.83
N LYS A 458 -8.53 -19.95 30.89
CA LYS A 458 -8.53 -21.37 31.24
C LYS A 458 -7.30 -21.76 32.05
N LEU A 459 -6.16 -21.14 31.76
CA LEU A 459 -4.95 -21.40 32.52
C LEU A 459 -5.03 -20.83 33.92
N GLN A 460 -5.67 -19.67 34.05
CA GLN A 460 -5.86 -19.07 35.37
C GLN A 460 -6.82 -19.92 36.19
N GLN A 461 -7.78 -20.55 35.51
CA GLN A 461 -8.71 -21.46 36.14
C GLN A 461 -8.00 -22.71 36.64
N GLN A 462 -7.09 -23.23 35.83
CA GLN A 462 -6.33 -24.43 36.20
C GLN A 462 -5.42 -24.11 37.39
N PHE A 463 -4.84 -22.91 37.39
CA PHE A 463 -4.02 -22.45 38.49
C PHE A 463 -4.85 -22.35 39.78
N ASN A 464 -6.00 -21.71 39.66
CA ASN A 464 -6.87 -21.49 40.81
C ASN A 464 -7.41 -22.81 41.37
N MET A 465 -7.84 -23.69 40.48
CA MET A 465 -8.36 -24.98 40.88
C MET A 465 -7.35 -25.74 41.73
N HIS A 466 -6.07 -25.64 41.36
CA HIS A 466 -5.03 -26.36 42.07
C HIS A 466 -4.59 -25.64 43.35
N VAL A 467 -4.32 -24.35 43.24
CA VAL A 467 -3.74 -23.60 44.35
C VAL A 467 -4.76 -23.26 45.43
N PHE A 468 -6.01 -23.03 45.03
CA PHE A 468 -7.03 -22.57 45.97
C PHE A 468 -8.13 -23.59 46.25
N LYS A 469 -8.69 -24.20 45.20
CA LYS A 469 -9.81 -25.11 45.39
C LYS A 469 -9.38 -26.46 45.96
N LEU A 470 -8.67 -27.24 45.16
CA LEU A 470 -8.21 -28.58 45.56
C LEU A 470 -7.45 -28.56 46.89
N GLU A 471 -6.58 -27.57 47.07
CA GLU A 471 -5.73 -27.50 48.26
C GLU A 471 -6.54 -27.26 49.53
N GLN A 472 -7.44 -26.28 49.49
CA GLN A 472 -8.22 -25.94 50.68
C GLN A 472 -9.29 -26.98 50.98
N GLU A 473 -9.76 -27.69 49.95
CA GLU A 473 -10.72 -28.76 50.16
C GLU A 473 -10.09 -29.91 50.94
N GLU A 474 -8.83 -30.21 50.63
CA GLU A 474 -8.10 -31.27 51.31
C GLU A 474 -8.13 -31.06 52.83
N TYR A 475 -7.95 -29.81 53.24
CA TYR A 475 -7.94 -29.48 54.66
C TYR A 475 -9.34 -29.64 55.27
N MET A 476 -10.36 -29.21 54.55
CA MET A 476 -11.72 -29.28 55.06
C MET A 476 -12.20 -30.73 55.19
N LYS A 477 -11.79 -31.58 54.25
CA LYS A 477 -12.16 -32.99 54.30
C LYS A 477 -11.36 -33.73 55.37
N GLU A 478 -10.13 -33.29 55.61
CA GLU A 478 -9.31 -33.86 56.67
C GLU A 478 -9.68 -33.23 58.02
N ASP A 479 -10.66 -32.34 57.99
CA ASP A 479 -11.28 -31.77 59.19
C ASP A 479 -10.27 -31.20 60.19
N ILE A 480 -9.54 -30.17 59.77
CA ILE A 480 -8.68 -29.40 60.66
C ILE A 480 -9.14 -27.94 60.64
N PRO A 481 -8.71 -27.14 61.64
CA PRO A 481 -9.11 -25.73 61.58
C PRO A 481 -8.41 -24.99 60.44
N TRP A 482 -9.18 -24.46 59.50
CA TRP A 482 -8.64 -23.75 58.36
C TRP A 482 -9.47 -22.53 58.00
N THR A 483 -8.85 -21.36 58.06
CA THR A 483 -9.50 -20.13 57.63
C THR A 483 -9.34 -20.01 56.12
N LEU A 484 -10.45 -19.82 55.42
CA LEU A 484 -10.46 -19.82 53.97
C LEU A 484 -9.82 -18.58 53.37
N ILE A 485 -8.96 -18.80 52.38
CA ILE A 485 -8.37 -17.73 51.59
C ILE A 485 -9.22 -17.49 50.35
N ASP A 486 -9.72 -16.28 50.19
CA ASP A 486 -10.56 -15.94 49.04
C ASP A 486 -9.73 -15.74 47.78
N PHE A 487 -10.29 -16.17 46.66
CA PHE A 487 -9.69 -15.92 45.35
C PHE A 487 -10.80 -15.55 44.38
N TYR A 488 -10.44 -14.90 43.28
CA TYR A 488 -11.40 -14.55 42.26
C TYR A 488 -11.64 -15.72 41.31
N ASP A 489 -12.82 -16.31 41.41
CA ASP A 489 -13.19 -17.43 40.54
C ASP A 489 -13.60 -16.90 39.17
N ASN A 490 -12.83 -17.24 38.15
CA ASN A 490 -13.09 -16.74 36.80
C ASN A 490 -13.94 -17.71 35.99
N GLN A 491 -14.58 -18.65 36.67
CA GLN A 491 -15.48 -19.60 36.02
C GLN A 491 -16.58 -18.90 35.22
N PRO A 492 -17.14 -17.79 35.75
CA PRO A 492 -18.18 -17.07 35.02
C PRO A 492 -17.77 -16.59 33.61
N VAL A 493 -16.67 -15.85 33.49
CA VAL A 493 -16.26 -15.35 32.18
C VAL A 493 -15.93 -16.52 31.26
N ILE A 494 -15.46 -17.62 31.84
CA ILE A 494 -15.15 -18.82 31.08
C ILE A 494 -16.43 -19.41 30.50
N ASP A 495 -17.48 -19.47 31.33
CA ASP A 495 -18.76 -20.00 30.87
C ASP A 495 -19.35 -19.11 29.78
N LEU A 496 -19.24 -17.80 29.97
CA LEU A 496 -19.72 -16.84 28.98
C LEU A 496 -19.09 -17.09 27.61
N ILE A 497 -17.87 -17.63 27.62
CA ILE A 497 -17.13 -17.87 26.39
C ILE A 497 -17.37 -19.28 25.82
N GLU A 498 -17.34 -20.30 26.67
CA GLU A 498 -17.26 -21.69 26.19
C GLU A 498 -18.51 -22.53 26.39
N ALA A 499 -19.40 -22.13 27.30
CA ALA A 499 -20.53 -22.98 27.68
C ALA A 499 -21.63 -23.03 26.61
N LYS A 500 -22.68 -23.78 26.92
CA LYS A 500 -23.76 -24.07 25.97
C LYS A 500 -24.38 -22.84 25.31
N MET A 501 -24.60 -21.80 26.09
CA MET A 501 -25.24 -20.58 25.59
C MET A 501 -24.21 -19.50 25.31
N GLY A 502 -22.95 -19.91 25.19
CA GLY A 502 -21.85 -18.96 25.18
C GLY A 502 -21.58 -18.26 23.87
N ILE A 503 -20.66 -17.31 23.91
CA ILE A 503 -20.26 -16.52 22.75
C ILE A 503 -19.79 -17.41 21.59
N LEU A 504 -18.95 -18.39 21.90
CA LEU A 504 -18.40 -19.26 20.86
C LEU A 504 -19.46 -20.20 20.27
N GLU A 505 -20.40 -20.63 21.10
CA GLU A 505 -21.47 -21.51 20.61
C GLU A 505 -22.40 -20.71 19.70
N LEU A 506 -22.63 -19.45 20.05
CA LEU A 506 -23.45 -18.58 19.22
C LEU A 506 -22.75 -18.25 17.91
N LEU A 507 -21.43 -18.14 17.95
CA LEU A 507 -20.65 -17.89 16.74
C LEU A 507 -20.78 -19.08 15.80
N ASP A 508 -20.69 -20.28 16.36
CA ASP A 508 -20.86 -21.51 15.59
C ASP A 508 -22.25 -21.59 14.98
N GLU A 509 -23.26 -21.14 15.73
CA GLU A 509 -24.63 -21.14 15.23
C GLU A 509 -24.78 -20.26 14.00
N GLU A 510 -24.26 -19.03 14.11
CA GLU A 510 -24.34 -18.07 13.01
C GLU A 510 -23.58 -18.57 11.78
N CYS A 511 -22.51 -19.33 12.01
CA CYS A 511 -21.68 -19.85 10.92
C CYS A 511 -22.41 -20.91 10.11
N LEU A 512 -23.41 -21.56 10.72
CA LEU A 512 -24.20 -22.57 10.02
C LEU A 512 -25.19 -21.93 9.06
N LEU A 513 -25.66 -20.73 9.40
CA LEU A 513 -26.53 -19.98 8.52
C LEU A 513 -25.81 -19.65 7.21
N PRO A 514 -26.45 -19.92 6.06
CA PRO A 514 -25.77 -19.60 4.80
C PRO A 514 -25.68 -18.09 4.60
N HIS A 515 -26.61 -17.37 5.22
CA HIS A 515 -26.62 -15.91 5.19
C HIS A 515 -26.26 -15.34 6.56
N GLY A 516 -25.39 -16.05 7.27
CA GLY A 516 -24.90 -15.58 8.55
C GLY A 516 -24.01 -14.36 8.37
N THR A 517 -23.99 -13.48 9.38
CA THR A 517 -23.16 -12.29 9.34
C THR A 517 -22.58 -11.96 10.71
N ASP A 518 -21.48 -11.23 10.72
CA ASP A 518 -20.88 -10.75 11.96
C ASP A 518 -21.85 -9.86 12.73
N GLU A 519 -22.57 -9.02 12.01
CA GLU A 519 -23.52 -8.09 12.62
C GLU A 519 -24.68 -8.81 13.30
N ASN A 520 -25.25 -9.81 12.63
CA ASN A 520 -26.37 -10.56 13.19
C ASN A 520 -25.93 -11.34 14.43
N TRP A 521 -24.70 -11.84 14.40
CA TRP A 521 -24.12 -12.54 15.54
C TRP A 521 -23.95 -11.58 16.71
N LEU A 522 -23.44 -10.39 16.41
CA LEU A 522 -23.23 -9.36 17.43
C LEU A 522 -24.54 -8.95 18.09
N GLN A 523 -25.60 -8.84 17.31
CA GLN A 523 -26.90 -8.48 17.86
C GLN A 523 -27.40 -9.56 18.81
N LYS A 524 -27.18 -10.82 18.45
CA LYS A 524 -27.54 -11.94 19.30
C LYS A 524 -26.74 -11.91 20.60
N LEU A 525 -25.50 -11.42 20.53
CA LEU A 525 -24.69 -11.25 21.74
C LEU A 525 -25.28 -10.15 22.62
N TYR A 526 -25.59 -9.02 22.00
CA TYR A 526 -26.20 -7.90 22.73
C TYR A 526 -27.47 -8.34 23.45
N ASN A 527 -28.37 -8.96 22.70
CA ASN A 527 -29.66 -9.38 23.23
C ASN A 527 -29.54 -10.35 24.39
N ASN A 528 -28.64 -11.33 24.25
CA ASN A 528 -28.51 -12.39 25.25
C ASN A 528 -27.75 -11.96 26.51
N PHE A 529 -26.86 -10.98 26.40
CA PHE A 529 -25.92 -10.68 27.48
C PHE A 529 -25.94 -9.24 28.03
N VAL A 530 -26.30 -8.26 27.20
CA VAL A 530 -26.33 -6.88 27.69
C VAL A 530 -27.33 -6.74 28.84
N ASN A 531 -26.87 -6.14 29.93
CA ASN A 531 -27.69 -5.95 31.12
C ASN A 531 -28.24 -7.26 31.68
N ARG A 532 -27.60 -8.37 31.34
CA ARG A 532 -28.02 -9.69 31.82
C ARG A 532 -26.83 -10.46 32.39
N ASN A 533 -25.71 -10.43 31.69
CA ASN A 533 -24.44 -10.93 32.22
C ASN A 533 -23.53 -9.74 32.56
N PRO A 534 -23.07 -9.65 33.82
CA PRO A 534 -22.31 -8.45 34.20
C PRO A 534 -20.96 -8.32 33.50
N LEU A 535 -20.41 -9.44 33.06
CA LEU A 535 -19.08 -9.47 32.45
C LEU A 535 -19.11 -9.06 30.98
N PHE A 536 -20.30 -8.78 30.47
CA PHE A 536 -20.48 -8.41 29.07
C PHE A 536 -21.01 -6.98 28.98
N GLU A 537 -20.43 -6.18 28.09
CA GLU A 537 -20.84 -4.79 27.92
C GLU A 537 -20.87 -4.37 26.46
N LYS A 538 -21.71 -3.37 26.17
CA LYS A 538 -21.71 -2.68 24.89
C LYS A 538 -21.27 -1.24 25.12
N PRO A 539 -20.24 -0.78 24.38
CA PRO A 539 -19.88 0.64 24.54
C PRO A 539 -21.02 1.55 24.12
N ARG A 540 -21.22 2.64 24.84
CA ARG A 540 -22.31 3.56 24.55
C ARG A 540 -22.19 4.14 23.15
N MET A 541 -20.96 4.21 22.65
CA MET A 541 -20.67 4.82 21.35
C MET A 541 -20.20 3.79 20.33
N SER A 542 -20.89 2.67 20.23
CA SER A 542 -20.53 1.64 19.25
C SER A 542 -21.61 0.58 19.06
N ASN A 543 -21.86 0.24 17.80
CA ASN A 543 -22.79 -0.82 17.44
CA ASN A 543 -22.78 -0.82 17.43
C ASN A 543 -22.08 -1.89 16.61
N THR A 544 -20.76 -1.99 16.80
CA THR A 544 -19.92 -2.93 16.05
C THR A 544 -18.96 -3.71 16.94
N SER A 545 -18.98 -3.44 18.24
CA SER A 545 -18.04 -4.07 19.16
C SER A 545 -18.68 -4.46 20.48
N PHE A 546 -18.06 -5.41 21.18
CA PHE A 546 -18.49 -5.80 22.52
C PHE A 546 -17.28 -5.90 23.45
N VAL A 547 -17.54 -5.75 24.75
CA VAL A 547 -16.48 -5.72 25.75
C VAL A 547 -16.64 -6.87 26.76
N ILE A 548 -15.52 -7.49 27.10
CA ILE A 548 -15.50 -8.61 28.05
C ILE A 548 -14.62 -8.27 29.24
N GLN A 549 -15.12 -8.55 30.44
CA GLN A 549 -14.33 -8.40 31.66
C GLN A 549 -13.49 -9.66 31.88
N HIS A 550 -12.25 -9.63 31.39
CA HIS A 550 -11.33 -10.72 31.63
C HIS A 550 -10.69 -10.56 33.00
N PHE A 551 -10.05 -11.63 33.48
CA PHE A 551 -9.41 -11.63 34.78
C PHE A 551 -8.35 -10.53 34.91
N ALA A 552 -7.78 -10.12 33.77
CA ALA A 552 -6.63 -9.23 33.77
C ALA A 552 -6.99 -7.81 33.35
N ASP A 553 -8.04 -7.67 32.56
CA ASP A 553 -8.42 -6.37 32.02
C ASP A 553 -9.76 -6.48 31.29
N LYS A 554 -10.35 -5.33 30.96
CA LYS A 554 -11.48 -5.29 30.05
C LYS A 554 -10.95 -5.17 28.62
N VAL A 555 -11.53 -5.93 27.71
CA VAL A 555 -11.11 -5.94 26.31
C VAL A 555 -12.27 -5.72 25.36
N GLU A 556 -12.12 -4.75 24.44
CA GLU A 556 -13.13 -4.48 23.43
C GLU A 556 -12.81 -5.23 22.13
N TYR A 557 -13.77 -6.02 21.65
CA TYR A 557 -13.59 -6.81 20.43
C TYR A 557 -14.46 -6.29 19.29
N LYS A 558 -13.85 -6.05 18.13
CA LYS A 558 -14.59 -5.72 16.92
C LYS A 558 -15.15 -7.01 16.31
N CYS A 559 -16.41 -6.97 15.88
CA CYS A 559 -17.07 -8.17 15.39
C CYS A 559 -16.62 -8.57 13.99
N GLU A 560 -16.08 -7.61 13.24
CA GLU A 560 -15.73 -7.83 11.85
C GLU A 560 -14.75 -8.98 11.64
N GLY A 561 -15.17 -9.97 10.87
CA GLY A 561 -14.30 -11.06 10.46
C GLY A 561 -14.35 -12.29 11.34
N PHE A 562 -15.25 -12.29 12.32
CA PHE A 562 -15.35 -13.41 13.25
C PHE A 562 -15.86 -14.68 12.58
N LEU A 563 -16.88 -14.55 11.73
CA LEU A 563 -17.42 -15.70 10.99
C LEU A 563 -16.34 -16.29 10.09
N GLU A 564 -15.77 -15.46 9.24
CA GLU A 564 -14.76 -15.88 8.28
C GLU A 564 -13.62 -16.62 8.98
N LYS A 565 -13.08 -16.01 10.03
CA LYS A 565 -11.96 -16.59 10.75
C LYS A 565 -12.35 -17.87 11.50
N ASN A 566 -13.61 -17.97 11.89
CA ASN A 566 -14.10 -19.18 12.55
C ASN A 566 -14.32 -20.32 11.56
N ARG A 567 -14.71 -19.98 10.34
CA ARG A 567 -14.91 -20.97 9.28
C ARG A 567 -13.58 -21.45 8.71
N ASP A 568 -12.72 -20.51 8.35
CA ASP A 568 -11.36 -20.82 7.93
C ASP A 568 -11.30 -21.70 6.68
N THR A 569 -12.01 -21.31 5.63
CA THR A 569 -12.10 -22.12 4.42
C THR A 569 -11.29 -21.58 3.25
N VAL A 570 -10.97 -22.48 2.32
CA VAL A 570 -10.39 -22.15 1.02
C VAL A 570 -11.34 -22.70 -0.04
N TYR A 571 -11.44 -22.02 -1.17
CA TYR A 571 -12.30 -22.48 -2.25
C TYR A 571 -11.80 -23.83 -2.79
N ASP A 572 -12.74 -24.71 -3.09
CA ASP A 572 -12.42 -26.07 -3.49
C ASP A 572 -11.53 -26.15 -4.72
N MET A 573 -11.79 -25.29 -5.70
CA MET A 573 -11.03 -25.33 -6.95
C MET A 573 -9.58 -24.99 -6.71
N LEU A 574 -9.30 -24.10 -5.76
CA LEU A 574 -7.92 -23.75 -5.43
C LEU A 574 -7.23 -24.91 -4.73
N VAL A 575 -7.93 -25.55 -3.79
CA VAL A 575 -7.39 -26.73 -3.09
C VAL A 575 -7.12 -27.85 -4.07
N GLU A 576 -8.04 -28.06 -5.00
CA GLU A 576 -7.90 -29.10 -6.02
C GLU A 576 -6.66 -28.88 -6.88
N ILE A 577 -6.36 -27.62 -7.18
CA ILE A 577 -5.21 -27.27 -8.00
C ILE A 577 -3.91 -27.62 -7.27
N LEU A 578 -3.84 -27.25 -5.99
CA LEU A 578 -2.65 -27.53 -5.19
C LEU A 578 -2.54 -29.01 -4.84
N ARG A 579 -3.67 -29.70 -4.83
CA ARG A 579 -3.70 -31.15 -4.64
C ARG A 579 -3.02 -31.86 -5.81
N ALA A 580 -3.12 -31.27 -6.99
CA ALA A 580 -2.51 -31.82 -8.19
C ALA A 580 -1.10 -31.26 -8.41
N SER A 581 -0.53 -30.68 -7.35
CA SER A 581 0.82 -30.12 -7.40
C SER A 581 1.85 -31.14 -7.86
N LYS A 582 2.81 -30.69 -8.67
CA LYS A 582 3.91 -31.53 -9.11
C LYS A 582 5.09 -31.41 -8.15
N PHE A 583 4.97 -30.52 -7.18
CA PHE A 583 5.93 -30.43 -6.08
C PHE A 583 5.49 -31.37 -4.96
N HIS A 584 6.35 -32.32 -4.61
CA HIS A 584 5.98 -33.39 -3.68
C HIS A 584 5.49 -32.88 -2.33
N LEU A 585 6.19 -31.90 -1.77
CA LEU A 585 5.86 -31.41 -0.44
C LEU A 585 4.51 -30.69 -0.43
N CYS A 586 4.22 -29.97 -1.51
CA CYS A 586 2.96 -29.24 -1.61
C CYS A 586 1.79 -30.19 -1.81
N ALA A 587 1.98 -31.19 -2.65
CA ALA A 587 0.94 -32.19 -2.92
C ALA A 587 0.58 -32.92 -1.63
N ASN A 588 1.59 -33.15 -0.80
CA ASN A 588 1.41 -33.80 0.49
C ASN A 588 0.54 -32.97 1.43
N PHE A 589 0.71 -31.65 1.40
CA PHE A 589 -0.07 -30.75 2.24
C PHE A 589 -1.57 -30.84 1.93
N PHE A 590 -1.90 -30.89 0.64
CA PHE A 590 -3.28 -30.77 0.19
C PHE A 590 -3.87 -32.09 -0.30
N GLN A 591 -3.26 -33.19 0.13
CA GLN A 591 -3.79 -34.51 -0.20
C GLN A 591 -5.09 -34.76 0.55
N GLU A 592 -5.94 -35.62 0.01
CA GLU A 592 -7.19 -35.97 0.66
C GLU A 592 -7.00 -37.17 1.58
N ASN A 593 -7.13 -36.93 2.89
CA ASN A 593 -6.98 -37.99 3.88
C ASN A 593 -8.33 -38.54 4.32
N ARG A 621 -15.60 -30.18 9.18
CA ARG A 621 -16.92 -29.88 9.70
C ARG A 621 -16.84 -28.84 10.82
N THR A 622 -16.15 -29.20 11.90
CA THR A 622 -16.06 -28.35 13.08
C THR A 622 -15.31 -27.04 12.81
N THR A 623 -15.66 -26.02 13.57
CA THR A 623 -15.10 -24.69 13.40
C THR A 623 -13.75 -24.54 14.11
N VAL A 624 -13.08 -23.42 13.88
CA VAL A 624 -11.85 -23.09 14.60
C VAL A 624 -12.13 -23.00 16.10
N GLY A 625 -13.18 -22.25 16.44
CA GLY A 625 -13.56 -22.05 17.82
C GLY A 625 -13.84 -23.34 18.58
N SER A 626 -14.44 -24.31 17.89
CA SER A 626 -14.80 -25.57 18.53
C SER A 626 -13.60 -26.51 18.64
N LYS A 627 -12.76 -26.54 17.60
CA LYS A 627 -11.51 -27.29 17.68
C LYS A 627 -10.65 -26.76 18.82
N PHE A 628 -10.70 -25.44 19.01
CA PHE A 628 -9.86 -24.79 20.02
C PHE A 628 -10.32 -25.16 21.43
N ARG A 629 -11.62 -25.09 21.68
CA ARG A 629 -12.18 -25.48 22.96
C ARG A 629 -11.78 -26.90 23.34
N SER A 630 -11.96 -27.82 22.40
CA SER A 630 -11.63 -29.22 22.62
C SER A 630 -10.14 -29.40 22.93
N SER A 631 -9.30 -28.65 22.22
CA SER A 631 -7.86 -28.75 22.41
C SER A 631 -7.45 -28.28 23.79
N LEU A 632 -8.10 -27.22 24.28
CA LEU A 632 -7.81 -26.68 25.59
C LEU A 632 -8.31 -27.62 26.68
N TYR A 633 -9.45 -28.26 26.45
CA TYR A 633 -9.99 -29.21 27.42
C TYR A 633 -9.01 -30.35 27.65
N LEU A 634 -8.48 -30.91 26.56
CA LEU A 634 -7.52 -32.00 26.65
C LEU A 634 -6.23 -31.55 27.31
N LEU A 635 -5.83 -30.30 27.06
CA LEU A 635 -4.59 -29.77 27.62
C LEU A 635 -4.75 -29.57 29.12
N MET A 636 -5.89 -29.05 29.55
CA MET A 636 -6.13 -28.78 30.96
C MET A 636 -6.10 -30.10 31.76
N GLU A 637 -6.65 -31.17 31.19
CA GLU A 637 -6.69 -32.44 31.91
C GLU A 637 -5.32 -33.12 31.87
N THR A 638 -4.54 -32.85 30.82
CA THR A 638 -3.15 -33.29 30.78
C THR A 638 -2.37 -32.67 31.92
N LEU A 639 -2.54 -31.37 32.12
CA LEU A 639 -1.85 -30.64 33.18
C LEU A 639 -2.31 -31.09 34.57
N ASN A 640 -3.61 -31.33 34.71
CA ASN A 640 -4.18 -31.74 35.99
C ASN A 640 -3.67 -33.09 36.46
N ALA A 641 -3.17 -33.90 35.52
CA ALA A 641 -2.64 -35.22 35.84
C ALA A 641 -1.13 -35.17 36.08
N THR A 642 -0.62 -33.96 36.34
CA THR A 642 0.79 -33.78 36.68
C THR A 642 0.90 -32.94 37.94
N THR A 643 2.08 -32.96 38.56
CA THR A 643 2.38 -32.05 39.66
C THR A 643 2.82 -30.72 39.07
N PRO A 644 2.02 -29.65 39.25
CA PRO A 644 2.38 -28.38 38.62
C PRO A 644 3.47 -27.62 39.35
N HIS A 645 4.22 -26.80 38.61
CA HIS A 645 5.16 -25.86 39.18
C HIS A 645 4.97 -24.52 38.48
N TYR A 646 4.42 -23.56 39.20
CA TYR A 646 3.96 -22.32 38.58
C TYR A 646 4.99 -21.21 38.60
N VAL A 647 5.16 -20.60 37.43
CA VAL A 647 6.01 -19.41 37.28
C VAL A 647 5.13 -18.27 36.77
N ARG A 648 5.09 -17.18 37.53
CA ARG A 648 4.24 -16.04 37.18
C ARG A 648 5.11 -14.88 36.69
N CYS A 649 5.07 -14.64 35.39
CA CYS A 649 5.90 -13.61 34.78
C CYS A 649 5.21 -12.25 34.73
N ILE A 650 5.97 -11.20 35.07
CA ILE A 650 5.45 -9.84 35.08
C ILE A 650 6.24 -8.94 34.14
N LYS A 651 5.52 -8.24 33.27
CA LYS A 651 6.11 -7.22 32.40
C LYS A 651 6.20 -5.90 33.18
N PRO A 652 7.41 -5.49 33.59
CA PRO A 652 7.47 -4.36 34.51
C PRO A 652 7.16 -3.01 33.87
N ASN A 653 7.36 -2.87 32.56
CA ASN A 653 7.02 -1.63 31.86
C ASN A 653 6.64 -1.87 30.40
N ASP A 654 6.08 -0.86 29.76
CA ASP A 654 5.53 -1.00 28.42
C ASP A 654 6.46 -0.48 27.33
N GLU A 655 7.72 -0.23 27.66
CA GLU A 655 8.66 0.37 26.72
C GLU A 655 9.93 -0.45 26.58
N LYS A 656 9.89 -1.70 27.06
CA LYS A 656 11.00 -2.63 26.90
C LYS A 656 12.29 -2.04 27.46
N LEU A 657 12.16 -1.30 28.56
CA LEU A 657 13.29 -0.63 29.19
C LEU A 657 13.94 -1.51 30.25
N PRO A 658 15.28 -1.46 30.37
CA PRO A 658 15.97 -2.29 31.36
C PRO A 658 15.71 -1.87 32.79
N PHE A 659 15.32 -2.83 33.63
CA PHE A 659 15.02 -2.60 35.05
C PHE A 659 14.28 -1.30 35.31
N GLU A 660 13.11 -1.17 34.67
CA GLU A 660 12.24 -0.01 34.84
C GLU A 660 10.91 -0.46 35.44
N PHE A 661 10.56 0.12 36.58
CA PHE A 661 9.43 -0.35 37.39
C PHE A 661 8.20 0.56 37.25
N ASP A 662 7.22 0.10 36.47
CA ASP A 662 5.97 0.84 36.27
C ASP A 662 4.94 0.31 37.28
N SER A 663 4.75 1.06 38.36
CA SER A 663 3.97 0.61 39.51
C SER A 663 2.51 0.27 39.17
N LYS A 664 1.84 1.16 38.43
CA LYS A 664 0.44 0.97 38.11
C LYS A 664 0.21 -0.28 37.27
N ARG A 665 1.08 -0.53 36.30
CA ARG A 665 0.93 -1.67 35.42
C ARG A 665 1.30 -2.98 36.11
N ILE A 666 2.27 -2.91 37.01
CA ILE A 666 2.70 -4.09 37.74
C ILE A 666 1.65 -4.53 38.76
N VAL A 667 1.07 -3.58 39.49
CA VAL A 667 0.07 -3.93 40.49
C VAL A 667 -1.19 -4.49 39.81
N GLN A 668 -1.46 -4.02 38.61
CA GLN A 668 -2.58 -4.54 37.82
C GLN A 668 -2.38 -6.02 37.49
N GLN A 669 -1.13 -6.40 37.24
CA GLN A 669 -0.80 -7.79 36.91
C GLN A 669 -0.78 -8.67 38.16
N LEU A 670 -0.33 -8.12 39.28
CA LEU A 670 -0.32 -8.84 40.54
C LEU A 670 -1.73 -9.20 40.96
N ARG A 671 -2.64 -8.23 40.86
CA ARG A 671 -4.04 -8.44 41.16
C ARG A 671 -4.65 -9.49 40.25
N ALA A 672 -4.39 -9.36 38.95
CA ALA A 672 -4.96 -10.26 37.95
C ALA A 672 -4.57 -11.71 38.19
N CYS A 673 -3.32 -11.93 38.62
CA CYS A 673 -2.82 -13.27 38.86
C CYS A 673 -3.11 -13.75 40.28
N GLY A 674 -3.70 -12.88 41.09
CA GLY A 674 -3.97 -13.20 42.48
C GLY A 674 -2.70 -13.55 43.23
N VAL A 675 -1.74 -12.65 43.20
CA VAL A 675 -0.43 -12.90 43.80
C VAL A 675 -0.50 -12.78 45.32
N LEU A 676 -1.22 -11.78 45.81
CA LEU A 676 -1.39 -11.60 47.26
C LEU A 676 -2.07 -12.81 47.88
N GLU A 677 -3.16 -13.25 47.26
CA GLU A 677 -3.91 -14.41 47.75
C GLU A 677 -3.04 -15.67 47.69
N THR A 678 -2.18 -15.74 46.67
CA THR A 678 -1.27 -16.88 46.52
C THR A 678 -0.28 -16.92 47.67
N ILE A 679 0.17 -15.75 48.11
CA ILE A 679 1.13 -15.66 49.21
C ILE A 679 0.45 -15.97 50.54
N ARG A 680 -0.78 -15.49 50.70
CA ARG A 680 -1.54 -15.75 51.93
C ARG A 680 -1.75 -17.25 52.14
N ILE A 681 -2.24 -17.94 51.13
CA ILE A 681 -2.45 -19.38 51.25
C ILE A 681 -1.11 -20.10 51.32
N SER A 682 -0.07 -19.52 50.73
CA SER A 682 1.27 -20.10 50.80
C SER A 682 1.80 -20.05 52.23
N ALA A 683 1.65 -18.90 52.87
CA ALA A 683 2.12 -18.73 54.24
C ALA A 683 1.34 -19.61 55.22
N GLN A 684 0.05 -19.79 54.95
CA GLN A 684 -0.85 -20.47 55.88
C GLN A 684 -0.88 -21.99 55.68
N SER A 685 -0.41 -22.46 54.53
CA SER A 685 -0.49 -23.89 54.21
C SER A 685 0.51 -24.72 54.99
N TYR A 686 0.20 -26.00 55.15
CA TYR A 686 1.10 -26.96 55.77
C TYR A 686 1.86 -27.71 54.69
N PRO A 687 3.20 -27.55 54.64
CA PRO A 687 3.96 -28.12 53.52
C PRO A 687 3.96 -29.65 53.48
N SER A 688 4.17 -30.28 54.64
CA SER A 688 4.36 -31.72 54.71
C SER A 688 3.17 -32.44 55.32
N ARG A 689 2.59 -33.36 54.57
CA ARG A 689 1.50 -34.21 55.05
C ARG A 689 1.99 -35.64 55.24
N TYR A 692 -2.15 -41.25 58.64
CA TYR A 692 -1.74 -41.91 59.88
C TYR A 692 -1.13 -43.28 59.62
N ILE A 693 -1.76 -44.04 58.72
CA ILE A 693 -1.27 -45.37 58.37
C ILE A 693 0.17 -45.30 57.87
N GLU A 694 0.50 -44.22 57.17
CA GLU A 694 1.86 -44.00 56.68
C GLU A 694 2.78 -43.59 57.83
N PHE A 695 2.22 -43.00 58.86
CA PHE A 695 2.99 -42.49 60.00
C PHE A 695 3.70 -43.61 60.76
N TYR A 696 2.95 -44.67 61.09
CA TYR A 696 3.48 -45.76 61.89
C TYR A 696 4.52 -46.59 61.15
N SER A 697 4.17 -47.03 59.94
CA SER A 697 5.03 -47.92 59.18
C SER A 697 6.34 -47.26 58.74
N ARG A 698 6.26 -45.98 58.38
CA ARG A 698 7.42 -45.26 57.86
C ARG A 698 8.54 -45.12 58.90
N TYR A 699 8.16 -44.79 60.13
CA TYR A 699 9.12 -44.55 61.20
C TYR A 699 8.68 -45.23 62.50
N LYS A 713 -6.40 -46.20 68.09
CA LYS A 713 -5.29 -46.25 67.15
C LYS A 713 -4.76 -44.84 66.85
N LYS A 714 -5.55 -44.07 66.10
CA LYS A 714 -5.19 -42.69 65.77
C LYS A 714 -5.05 -41.85 67.04
N GLU A 715 -5.61 -42.33 68.15
CA GLU A 715 -5.43 -41.69 69.44
C GLU A 715 -4.03 -41.97 69.99
N VAL A 716 -3.46 -43.10 69.57
CA VAL A 716 -2.12 -43.49 70.00
C VAL A 716 -1.05 -42.72 69.25
N CYS A 717 -1.12 -42.74 67.93
CA CYS A 717 -0.14 -42.07 67.07
C CYS A 717 -0.03 -40.58 67.39
N LYS A 718 -1.15 -39.98 67.77
CA LYS A 718 -1.18 -38.55 68.08
C LYS A 718 -0.52 -38.28 69.42
N VAL A 719 -0.99 -38.95 70.47
CA VAL A 719 -0.43 -38.81 71.81
C VAL A 719 1.04 -39.23 71.84
N VAL A 720 1.44 -40.01 70.83
CA VAL A 720 2.83 -40.42 70.69
C VAL A 720 3.68 -39.27 70.18
N LEU A 721 3.21 -38.64 69.10
CA LEU A 721 3.93 -37.51 68.50
C LEU A 721 3.81 -36.27 69.38
N HIS A 722 2.66 -36.11 70.03
CA HIS A 722 2.46 -34.98 70.94
C HIS A 722 3.42 -35.08 72.12
N ARG A 723 3.52 -36.26 72.70
CA ARG A 723 4.43 -36.49 73.81
C ARG A 723 5.88 -36.66 73.32
N LEU A 724 6.08 -36.50 72.01
CA LEU A 724 7.41 -36.62 71.42
C LEU A 724 8.01 -35.23 71.13
N ILE A 725 7.16 -34.32 70.65
CA ILE A 725 7.58 -32.95 70.37
C ILE A 725 6.78 -31.97 71.22
N GLN A 726 7.46 -31.04 71.86
CA GLN A 726 6.84 -30.12 72.80
C GLN A 726 5.94 -29.09 72.13
N ASP A 727 6.05 -28.98 70.80
CA ASP A 727 5.30 -27.98 70.05
C ASP A 727 3.98 -28.55 69.51
N SER A 728 2.88 -28.13 70.11
CA SER A 728 1.55 -28.56 69.68
C SER A 728 1.11 -27.79 68.44
N ASN A 729 1.70 -26.61 68.24
CA ASN A 729 1.42 -25.80 67.06
C ASN A 729 2.29 -26.21 65.87
N GLN A 730 3.42 -26.86 66.18
CA GLN A 730 4.38 -27.25 65.15
C GLN A 730 3.87 -28.40 64.28
N TYR A 731 2.69 -28.93 64.61
CA TYR A 731 2.07 -29.97 63.80
C TYR A 731 0.60 -30.14 64.16
N GLN A 732 -0.26 -30.14 63.15
CA GLN A 732 -1.71 -30.23 63.34
C GLN A 732 -2.25 -31.58 62.86
N PHE A 733 -3.05 -32.22 63.70
CA PHE A 733 -3.59 -33.54 63.41
C PHE A 733 -4.97 -33.46 62.77
N GLY A 734 -5.20 -34.28 61.74
CA GLY A 734 -6.45 -34.30 61.02
C GLY A 734 -7.18 -35.63 61.14
N LYS A 735 -8.20 -35.82 60.30
CA LYS A 735 -9.03 -37.01 60.34
C LYS A 735 -8.24 -38.27 60.03
N THR A 736 -7.28 -38.17 59.11
CA THR A 736 -6.53 -39.34 58.64
C THR A 736 -5.07 -39.04 58.37
N LYS A 737 -4.63 -37.82 58.68
CA LYS A 737 -3.24 -37.43 58.47
C LYS A 737 -2.81 -36.34 59.44
N ILE A 738 -1.52 -36.36 59.79
CA ILE A 738 -0.92 -35.32 60.63
C ILE A 738 -0.14 -34.36 59.76
N PHE A 739 -0.42 -33.07 59.91
CA PHE A 739 0.23 -32.02 59.11
C PHE A 739 1.37 -31.37 59.89
N PHE A 740 2.57 -31.44 59.34
CA PHE A 740 3.74 -30.84 59.97
C PHE A 740 4.07 -29.50 59.32
N ARG A 741 4.13 -28.44 60.14
CA ARG A 741 4.44 -27.10 59.66
C ARG A 741 5.83 -27.06 59.02
N GLY A 743 8.81 -26.72 58.42
CA GLY A 743 9.77 -27.79 58.20
C GLY A 743 9.95 -28.66 59.44
N GLN A 744 8.91 -28.72 60.26
CA GLN A 744 8.94 -29.52 61.49
C GLN A 744 9.14 -31.00 61.19
N VAL A 745 8.81 -31.40 59.97
CA VAL A 745 8.93 -32.80 59.57
C VAL A 745 10.38 -33.19 59.28
N ALA A 746 11.22 -32.21 58.99
CA ALA A 746 12.60 -32.47 58.61
C ALA A 746 13.46 -32.82 59.82
N TYR A 747 13.07 -32.33 61.00
CA TYR A 747 13.80 -32.60 62.22
C TYR A 747 13.85 -34.10 62.52
N LEU A 748 12.70 -34.74 62.44
CA LEU A 748 12.59 -36.18 62.70
C LEU A 748 13.40 -37.00 61.70
N GLU A 749 13.58 -36.47 60.50
CA GLU A 749 14.29 -37.17 59.44
C GLU A 749 15.76 -37.35 59.78
N LYS A 750 16.39 -36.28 60.26
CA LYS A 750 17.82 -36.32 60.60
C LYS A 750 18.05 -37.09 61.89
N LEU A 751 17.00 -37.20 62.71
CA LEU A 751 17.07 -38.00 63.93
C LEU A 751 17.15 -39.49 63.57
N ARG A 752 16.74 -39.82 62.35
CA ARG A 752 16.80 -41.19 61.85
C ARG A 752 18.21 -41.53 61.38
N MET B 1 -29.44 23.66 -60.09
CA MET B 1 -29.23 22.19 -60.02
C MET B 1 -29.75 21.63 -58.71
N ALA B 2 -30.79 20.81 -58.79
CA ALA B 2 -31.45 20.28 -57.61
C ALA B 2 -30.78 19.00 -57.12
N VAL B 3 -30.72 18.82 -55.80
CA VAL B 3 -30.08 17.66 -55.20
C VAL B 3 -31.07 16.50 -55.08
N ALA B 4 -32.36 16.81 -54.97
CA ALA B 4 -33.39 15.80 -54.92
C ALA B 4 -33.43 14.99 -56.20
N GLU B 5 -32.95 15.59 -57.29
CA GLU B 5 -32.94 14.93 -58.60
C GLU B 5 -31.91 13.81 -58.68
N LEU B 6 -31.10 13.66 -57.64
CA LEU B 6 -29.98 12.72 -57.66
C LEU B 6 -30.30 11.36 -57.03
N TYR B 7 -31.42 11.28 -56.31
CA TYR B 7 -31.79 10.04 -55.64
C TYR B 7 -32.54 9.11 -56.59
N THR B 8 -31.83 8.72 -57.65
CA THR B 8 -32.37 7.81 -58.66
C THR B 8 -32.09 6.37 -58.25
N GLN B 9 -32.76 5.42 -58.90
CA GLN B 9 -32.56 4.01 -58.56
C GLN B 9 -31.14 3.58 -58.89
N TYR B 10 -30.66 2.57 -58.18
CA TYR B 10 -29.31 2.01 -58.32
C TYR B 10 -28.23 2.90 -57.71
N ASN B 11 -28.58 4.12 -57.32
CA ASN B 11 -27.71 4.91 -56.46
C ASN B 11 -27.75 4.36 -55.05
N ARG B 12 -26.91 4.89 -54.16
CA ARG B 12 -26.83 4.39 -52.80
C ARG B 12 -26.76 5.53 -51.77
N VAL B 13 -27.26 5.26 -50.58
CA VAL B 13 -27.24 6.24 -49.48
C VAL B 13 -26.72 5.61 -48.20
N TRP B 14 -26.51 6.46 -47.19
CA TRP B 14 -26.06 6.02 -45.88
C TRP B 14 -27.20 6.16 -44.85
N ILE B 15 -27.50 5.07 -44.15
CA ILE B 15 -28.49 5.11 -43.08
C ILE B 15 -27.85 4.66 -41.76
N PRO B 16 -28.45 5.04 -40.62
CA PRO B 16 -27.90 4.70 -39.30
C PRO B 16 -27.66 3.20 -39.11
N ASP B 17 -26.63 2.88 -38.33
CA ASP B 17 -26.32 1.51 -37.95
C ASP B 17 -25.64 1.51 -36.59
N PRO B 18 -26.07 0.64 -35.67
CA PRO B 18 -25.51 0.69 -34.31
C PRO B 18 -24.00 0.43 -34.27
N GLU B 19 -23.58 -0.68 -34.88
CA GLU B 19 -22.20 -1.14 -34.76
C GLU B 19 -21.21 -0.29 -35.56
N GLU B 20 -21.65 0.27 -36.69
CA GLU B 20 -20.76 0.96 -37.62
C GLU B 20 -21.19 2.39 -37.93
N VAL B 21 -22.14 2.91 -37.15
CA VAL B 21 -22.65 4.28 -37.29
C VAL B 21 -23.46 4.46 -38.58
N TRP B 22 -22.85 4.11 -39.72
CA TRP B 22 -23.54 4.19 -41.01
C TRP B 22 -23.39 2.89 -41.81
N LYS B 23 -24.48 2.48 -42.46
CA LYS B 23 -24.47 1.36 -43.38
C LYS B 23 -25.01 1.83 -44.73
N SER B 24 -24.65 1.12 -45.80
CA SER B 24 -25.09 1.48 -47.14
C SER B 24 -26.42 0.82 -47.50
N ALA B 25 -27.21 1.52 -48.30
CA ALA B 25 -28.46 0.98 -48.82
C ALA B 25 -28.67 1.43 -50.26
N GLU B 26 -29.20 0.54 -51.09
CA GLU B 26 -29.41 0.81 -52.51
C GLU B 26 -30.82 1.28 -52.79
N ILE B 27 -30.95 2.41 -53.49
CA ILE B 27 -32.26 2.93 -53.87
C ILE B 27 -32.90 2.00 -54.90
N ALA B 28 -34.16 1.65 -54.65
CA ALA B 28 -34.89 0.73 -55.53
C ALA B 28 -35.72 1.52 -56.56
N LYS B 29 -36.58 2.40 -56.06
CA LYS B 29 -37.39 3.26 -56.90
C LYS B 29 -36.96 4.71 -56.74
N ASP B 30 -37.04 5.48 -57.83
CA ASP B 30 -36.63 6.88 -57.81
C ASP B 30 -37.38 7.68 -56.76
N TYR B 31 -36.71 8.65 -56.17
CA TYR B 31 -37.32 9.54 -55.18
C TYR B 31 -38.02 10.71 -55.86
N ARG B 32 -39.31 10.87 -55.59
CA ARG B 32 -40.04 12.05 -56.03
C ARG B 32 -39.81 13.18 -55.04
N VAL B 33 -39.71 14.40 -55.54
CA VAL B 33 -39.24 15.55 -54.75
C VAL B 33 -39.95 15.73 -53.41
N GLY B 34 -41.23 15.33 -53.35
CA GLY B 34 -42.06 15.63 -52.19
C GLY B 34 -42.27 14.52 -51.19
N ASP B 35 -41.92 13.29 -51.55
CA ASP B 35 -42.31 12.12 -50.77
C ASP B 35 -41.67 12.06 -49.39
N LYS B 36 -42.29 11.30 -48.50
CA LYS B 36 -41.81 11.13 -47.13
C LYS B 36 -41.15 9.77 -46.92
N VAL B 37 -40.95 9.03 -48.00
CA VAL B 37 -40.27 7.74 -47.94
C VAL B 37 -39.30 7.56 -49.10
N LEU B 38 -38.44 6.55 -48.95
CA LEU B 38 -37.44 6.21 -49.96
C LEU B 38 -37.28 4.70 -50.01
N ARG B 39 -37.59 4.11 -51.16
CA ARG B 39 -37.53 2.65 -51.30
C ARG B 39 -36.10 2.16 -51.35
N LEU B 40 -35.71 1.38 -50.34
CA LEU B 40 -34.34 0.89 -50.22
C LEU B 40 -34.25 -0.63 -50.22
N LEU B 41 -33.04 -1.14 -50.45
CA LEU B 41 -32.76 -2.57 -50.42
C LEU B 41 -31.61 -2.87 -49.46
N LEU B 42 -31.83 -3.83 -48.56
CA LEU B 42 -30.84 -4.19 -47.55
C LEU B 42 -29.97 -5.36 -48.00
N GLU B 43 -28.73 -5.38 -47.52
CA GLU B 43 -27.80 -6.45 -47.86
C GLU B 43 -28.18 -7.75 -47.15
N LEU B 48 -38.40 -2.25 -49.11
CA LEU B 48 -38.37 -1.74 -47.74
C LEU B 48 -38.47 -0.22 -47.72
N ASP B 49 -39.69 0.29 -47.50
CA ASP B 49 -39.93 1.72 -47.51
C ASP B 49 -39.32 2.39 -46.28
N TYR B 50 -38.41 3.33 -46.54
CA TYR B 50 -37.64 3.98 -45.50
C TYR B 50 -38.16 5.39 -45.25
N SER B 51 -38.60 5.66 -44.02
CA SER B 51 -39.09 6.99 -43.65
C SER B 51 -37.96 8.01 -43.75
N VAL B 52 -38.25 9.12 -44.44
CA VAL B 52 -37.24 10.11 -44.76
C VAL B 52 -37.74 11.54 -44.53
N ASN B 53 -36.82 12.42 -44.11
CA ASN B 53 -37.09 13.85 -44.03
C ASN B 53 -36.83 14.49 -45.40
N PRO B 54 -37.88 15.00 -46.06
CA PRO B 54 -37.70 15.50 -47.43
C PRO B 54 -36.75 16.70 -47.55
N GLU B 55 -36.51 17.41 -46.45
CA GLU B 55 -35.63 18.58 -46.47
C GLU B 55 -34.21 18.19 -46.11
N SER B 56 -34.05 17.06 -45.45
CA SER B 56 -32.73 16.50 -45.16
C SER B 56 -32.70 15.01 -45.48
N LEU B 57 -32.57 14.69 -46.77
CA LEU B 57 -32.56 13.31 -47.22
C LEU B 57 -31.32 12.58 -46.73
N PRO B 58 -31.35 11.23 -46.74
CA PRO B 58 -30.16 10.46 -46.34
C PRO B 58 -28.95 10.81 -47.21
N PRO B 59 -27.76 10.92 -46.62
CA PRO B 59 -26.57 11.27 -47.40
C PRO B 59 -26.31 10.33 -48.58
N LEU B 60 -26.10 10.91 -49.76
CA LEU B 60 -25.77 10.11 -50.94
C LEU B 60 -24.37 9.52 -50.83
N ARG B 61 -24.23 8.26 -51.25
CA ARG B 61 -22.92 7.63 -51.28
C ARG B 61 -22.14 8.10 -52.50
N ASN B 62 -20.84 8.30 -52.33
CA ASN B 62 -19.98 8.71 -53.43
C ASN B 62 -19.66 7.51 -54.33
N PRO B 63 -19.34 7.78 -55.61
CA PRO B 63 -18.93 6.71 -56.52
C PRO B 63 -17.70 5.96 -56.01
N ASP B 64 -17.65 4.66 -56.27
CA ASP B 64 -16.58 3.81 -55.74
C ASP B 64 -15.22 4.17 -56.34
N ILE B 65 -14.17 3.97 -55.55
CA ILE B 65 -12.81 4.28 -55.94
C ILE B 65 -11.87 3.24 -55.36
N LEU B 66 -10.77 2.98 -56.06
CA LEU B 66 -9.88 1.88 -55.74
C LEU B 66 -9.25 1.97 -54.35
N VAL B 67 -8.56 3.07 -54.07
CA VAL B 67 -7.73 3.18 -52.87
C VAL B 67 -8.29 4.11 -51.81
N GLY B 68 -9.06 5.11 -52.23
CA GLY B 68 -9.58 6.12 -51.32
C GLY B 68 -8.87 7.44 -51.56
N GLU B 69 -9.61 8.53 -51.44
CA GLU B 69 -9.09 9.85 -51.81
C GLU B 69 -7.93 10.28 -50.93
N ASN B 70 -6.78 10.52 -51.56
CA ASN B 70 -5.63 11.08 -50.89
C ASN B 70 -5.97 12.36 -50.15
N ASP B 71 -6.91 13.12 -50.73
CA ASP B 71 -7.39 14.36 -50.14
C ASP B 71 -8.92 14.33 -50.09
N LEU B 72 -9.46 14.42 -48.88
CA LEU B 72 -10.90 14.29 -48.67
C LEU B 72 -11.70 15.38 -49.37
N THR B 73 -11.03 16.44 -49.81
CA THR B 73 -11.68 17.49 -50.58
C THR B 73 -12.11 16.99 -51.95
N ALA B 74 -11.57 15.84 -52.36
CA ALA B 74 -11.83 15.29 -53.69
C ALA B 74 -13.19 14.60 -53.80
N LEU B 75 -13.95 14.61 -52.72
CA LEU B 75 -15.25 13.94 -52.69
C LEU B 75 -16.36 14.81 -53.28
N SER B 76 -17.21 14.19 -54.10
CA SER B 76 -18.35 14.88 -54.68
C SER B 76 -19.34 15.30 -53.58
N TYR B 77 -19.83 14.32 -52.83
CA TYR B 77 -20.78 14.57 -51.74
C TYR B 77 -20.05 14.57 -50.41
N LEU B 78 -20.11 15.69 -49.71
CA LEU B 78 -19.31 15.90 -48.51
C LEU B 78 -20.17 15.89 -47.25
N HIS B 79 -20.18 14.74 -46.57
CA HIS B 79 -20.90 14.59 -45.31
C HIS B 79 -20.15 13.62 -44.40
N GLU B 80 -20.69 13.40 -43.20
CA GLU B 80 -20.01 12.59 -42.19
C GLU B 80 -19.75 11.16 -42.65
N PRO B 81 -20.79 10.46 -43.17
CA PRO B 81 -20.57 9.07 -43.56
C PRO B 81 -19.52 8.92 -44.66
N ALA B 82 -19.41 9.92 -45.53
CA ALA B 82 -18.43 9.92 -46.59
C ALA B 82 -17.02 9.95 -46.02
N VAL B 83 -16.81 10.86 -45.07
CA VAL B 83 -15.51 11.01 -44.41
C VAL B 83 -15.13 9.74 -43.67
N LEU B 84 -16.08 9.18 -42.93
CA LEU B 84 -15.84 7.96 -42.15
C LEU B 84 -15.46 6.79 -43.06
N HIS B 85 -16.21 6.62 -44.14
CA HIS B 85 -15.98 5.52 -45.06
C HIS B 85 -14.65 5.66 -45.79
N ASN B 86 -14.32 6.87 -46.21
CA ASN B 86 -13.07 7.12 -46.93
C ASN B 86 -11.88 6.82 -46.03
N LEU B 87 -11.96 7.28 -44.79
CA LEU B 87 -10.91 7.01 -43.81
C LEU B 87 -10.82 5.53 -43.46
N ARG B 88 -11.97 4.86 -43.41
CA ARG B 88 -11.98 3.43 -43.09
C ARG B 88 -11.28 2.61 -44.16
N ILE B 89 -11.65 2.81 -45.41
CA ILE B 89 -11.10 2.03 -46.52
C ILE B 89 -9.59 2.25 -46.65
N ARG B 90 -9.15 3.49 -46.48
CA ARG B 90 -7.73 3.80 -46.56
C ARG B 90 -6.95 3.20 -45.39
N PHE B 91 -7.56 3.22 -44.21
CA PHE B 91 -6.89 2.73 -43.00
C PHE B 91 -6.95 1.21 -42.90
N ALA B 92 -8.17 0.67 -42.84
CA ALA B 92 -8.36 -0.76 -42.57
C ALA B 92 -7.89 -1.66 -43.72
N GLU B 93 -8.07 -1.20 -44.96
CA GLU B 93 -7.77 -2.01 -46.13
C GLU B 93 -6.47 -1.62 -46.82
N SER B 94 -6.29 -0.34 -47.11
CA SER B 94 -5.09 0.12 -47.82
C SER B 94 -3.92 0.37 -46.86
N LYS B 95 -4.19 0.30 -45.55
CA LYS B 95 -3.16 0.47 -44.53
C LYS B 95 -2.44 1.81 -44.66
N LEU B 96 -3.18 2.85 -45.03
CA LEU B 96 -2.66 4.22 -45.04
C LEU B 96 -3.15 4.97 -43.82
N ILE B 97 -2.22 5.60 -43.11
CA ILE B 97 -2.55 6.28 -41.86
C ILE B 97 -2.68 7.80 -42.05
N TYR B 98 -2.12 8.31 -43.13
CA TYR B 98 -2.16 9.74 -43.42
C TYR B 98 -3.16 10.07 -44.53
N THR B 99 -3.85 11.18 -44.36
CA THR B 99 -4.89 11.62 -45.30
C THR B 99 -5.06 13.13 -45.22
N TYR B 100 -5.10 13.78 -46.38
CA TYR B 100 -5.23 15.23 -46.43
C TYR B 100 -6.69 15.68 -46.27
N SER B 101 -6.85 16.85 -45.68
CA SER B 101 -8.14 17.53 -45.62
C SER B 101 -7.93 18.97 -46.09
N GLY B 102 -7.22 19.10 -47.21
CA GLY B 102 -6.83 20.40 -47.72
C GLY B 102 -5.57 20.89 -47.00
N ILE B 103 -5.76 21.83 -46.08
CA ILE B 103 -4.65 22.39 -45.32
C ILE B 103 -4.27 21.48 -44.14
N ILE B 104 -5.23 20.68 -43.68
CA ILE B 104 -5.07 19.87 -42.48
C ILE B 104 -4.71 18.42 -42.82
N LEU B 105 -3.83 17.84 -42.00
CA LEU B 105 -3.46 16.43 -42.12
C LEU B 105 -4.15 15.59 -41.04
N VAL B 106 -4.75 14.47 -41.46
CA VAL B 106 -5.35 13.52 -40.54
C VAL B 106 -4.44 12.31 -40.39
N ALA B 107 -4.11 11.96 -39.14
CA ALA B 107 -3.19 10.87 -38.86
C ALA B 107 -3.81 9.81 -37.94
N MET B 108 -3.97 8.60 -38.47
CA MET B 108 -4.52 7.49 -37.71
C MET B 108 -3.40 6.70 -37.03
N ASN B 109 -3.56 6.40 -35.74
CA ASN B 109 -2.54 5.62 -35.03
C ASN B 109 -2.57 4.16 -35.50
N PRO B 110 -1.46 3.69 -36.11
CA PRO B 110 -1.46 2.30 -36.58
C PRO B 110 -1.31 1.27 -35.47
N TYR B 111 -0.66 1.65 -34.36
CA TYR B 111 -0.26 0.71 -33.33
C TYR B 111 0.53 -0.43 -33.97
N LYS B 112 1.47 -0.05 -34.82
CA LYS B 112 2.30 -0.98 -35.57
C LYS B 112 3.41 -0.21 -36.27
N GLN B 113 4.63 -0.76 -36.24
CA GLN B 113 5.76 -0.08 -36.87
C GLN B 113 5.65 -0.20 -38.39
N LEU B 114 5.54 0.95 -39.04
CA LEU B 114 5.47 1.02 -40.50
C LEU B 114 6.80 1.47 -41.06
N PRO B 115 7.31 0.77 -42.09
CA PRO B 115 8.59 1.18 -42.69
C PRO B 115 8.41 2.32 -43.69
N ILE B 116 7.94 3.47 -43.21
CA ILE B 116 7.66 4.62 -44.07
C ILE B 116 8.31 5.91 -43.57
N TYR B 117 9.38 5.77 -42.79
CA TYR B 117 10.03 6.92 -42.15
C TYR B 117 11.53 6.97 -42.42
N GLY B 118 12.02 6.14 -43.34
CA GLY B 118 13.43 6.07 -43.64
C GLY B 118 14.00 7.31 -44.30
N ASP B 119 15.33 7.34 -44.45
CA ASP B 119 16.01 8.48 -45.05
C ASP B 119 15.63 8.68 -46.51
N ALA B 120 15.48 7.59 -47.24
CA ALA B 120 15.12 7.65 -48.65
C ALA B 120 13.80 8.38 -48.83
N ILE B 121 12.84 8.08 -47.96
CA ILE B 121 11.52 8.68 -48.02
C ILE B 121 11.58 10.16 -47.65
N ILE B 122 12.46 10.50 -46.71
CA ILE B 122 12.64 11.90 -46.31
C ILE B 122 13.10 12.74 -47.51
N HIS B 123 14.07 12.22 -48.25
CA HIS B 123 14.62 12.95 -49.40
C HIS B 123 13.66 12.94 -50.57
N ALA B 124 12.82 11.91 -50.67
CA ALA B 124 11.80 11.85 -51.71
C ALA B 124 10.77 12.95 -51.51
N TYR B 125 10.43 13.24 -50.26
CA TYR B 125 9.50 14.32 -49.93
C TYR B 125 10.20 15.67 -49.98
N SER B 126 11.54 15.65 -49.96
CA SER B 126 12.32 16.87 -50.04
C SER B 126 12.18 17.49 -51.42
N GLY B 127 11.92 18.79 -51.46
CA GLY B 127 11.78 19.51 -52.71
C GLY B 127 10.60 19.06 -53.55
N GLN B 128 9.46 18.85 -52.90
CA GLN B 128 8.20 18.56 -53.56
C GLN B 128 7.13 19.44 -52.95
N ASN B 129 6.07 19.73 -53.70
CA ASN B 129 4.99 20.57 -53.20
C ASN B 129 3.91 19.74 -52.51
N MET B 130 3.07 20.42 -51.75
CA MET B 130 2.08 19.81 -50.86
C MET B 130 1.45 18.51 -51.37
N GLY B 131 0.72 18.60 -52.46
CA GLY B 131 -0.09 17.48 -52.93
C GLY B 131 0.57 16.61 -53.99
N ASP B 132 1.85 16.82 -54.24
CA ASP B 132 2.58 16.04 -55.23
C ASP B 132 2.81 14.61 -54.74
N MET B 133 3.16 14.49 -53.46
CA MET B 133 3.42 13.19 -52.85
C MET B 133 2.22 12.73 -52.03
N ASP B 134 2.14 11.43 -51.78
CA ASP B 134 1.09 10.89 -50.92
C ASP B 134 1.12 11.58 -49.56
N PRO B 135 -0.04 11.67 -48.88
CA PRO B 135 -0.08 12.32 -47.56
C PRO B 135 0.90 11.70 -46.59
N HIS B 136 1.62 12.54 -45.84
CA HIS B 136 2.66 12.08 -44.93
C HIS B 136 3.08 13.22 -44.02
N ILE B 137 3.55 12.90 -42.82
CA ILE B 137 3.93 13.93 -41.86
C ILE B 137 5.10 14.75 -42.39
N PHE B 138 5.98 14.10 -43.15
CA PHE B 138 7.10 14.78 -43.79
C PHE B 138 6.63 15.91 -44.71
N ALA B 139 5.49 15.71 -45.35
CA ALA B 139 4.96 16.69 -46.29
C ALA B 139 4.49 17.94 -45.57
N VAL B 140 4.05 17.77 -44.33
CA VAL B 140 3.63 18.91 -43.50
C VAL B 140 4.88 19.69 -43.07
N ALA B 141 5.93 18.97 -42.73
CA ALA B 141 7.18 19.58 -42.31
C ALA B 141 7.86 20.28 -43.48
N GLU B 142 7.96 19.57 -44.60
CA GLU B 142 8.50 20.14 -45.83
C GLU B 142 7.79 21.44 -46.19
N GLU B 143 6.47 21.41 -46.12
CA GLU B 143 5.65 22.57 -46.47
C GLU B 143 5.97 23.75 -45.57
N ALA B 144 6.11 23.49 -44.27
CA ALA B 144 6.47 24.53 -43.33
C ALA B 144 7.88 25.05 -43.64
N TYR B 145 8.74 24.16 -44.10
CA TYR B 145 10.11 24.52 -44.43
C TYR B 145 10.16 25.43 -45.65
N LYS B 146 9.46 25.04 -46.72
CA LYS B 146 9.36 25.85 -47.92
C LYS B 146 8.86 27.25 -47.61
N GLN B 147 7.69 27.33 -46.99
CA GLN B 147 7.05 28.61 -46.67
C GLN B 147 7.92 29.47 -45.76
N MET B 148 8.77 28.83 -44.96
CA MET B 148 9.72 29.55 -44.13
C MET B 148 10.84 30.13 -44.98
N ALA B 149 11.38 29.29 -45.86
CA ALA B 149 12.48 29.69 -46.72
C ALA B 149 12.04 30.74 -47.73
N ARG B 150 10.84 30.56 -48.28
CA ARG B 150 10.31 31.45 -49.30
C ARG B 150 9.87 32.79 -48.71
N ASN B 151 9.13 32.74 -47.61
CA ASN B 151 8.48 33.93 -47.05
C ASN B 151 9.21 34.54 -45.87
N ASN B 152 10.24 33.87 -45.37
CA ASN B 152 10.96 34.31 -44.18
C ASN B 152 9.99 34.54 -43.00
N ARG B 153 9.01 33.65 -42.88
CA ARG B 153 7.97 33.74 -41.86
C ARG B 153 8.06 32.56 -40.91
N ASN B 154 7.93 32.84 -39.62
CA ASN B 154 7.97 31.79 -38.60
C ASN B 154 6.77 30.85 -38.71
N GLN B 155 7.03 29.56 -38.58
CA GLN B 155 6.01 28.53 -38.77
C GLN B 155 5.69 27.79 -37.47
N SER B 156 4.62 27.01 -37.49
CA SER B 156 4.27 26.14 -36.38
C SER B 156 3.68 24.81 -36.85
N ILE B 157 4.25 23.70 -36.37
CA ILE B 157 3.62 22.39 -36.54
C ILE B 157 2.79 22.11 -35.29
N ILE B 158 1.48 22.15 -35.45
CA ILE B 158 0.57 22.01 -34.32
C ILE B 158 -0.19 20.69 -34.41
N VAL B 159 0.15 19.77 -33.52
CA VAL B 159 -0.48 18.47 -33.48
C VAL B 159 -1.55 18.47 -32.40
N SER B 160 -2.57 17.64 -32.57
CA SER B 160 -3.68 17.60 -31.63
C SER B 160 -4.39 16.25 -31.71
N GLY B 161 -5.32 16.02 -30.79
CA GLY B 161 -6.02 14.76 -30.68
C GLY B 161 -5.98 14.29 -29.23
N GLU B 162 -6.83 13.33 -28.90
CA GLU B 162 -6.93 12.85 -27.54
C GLU B 162 -5.72 12.00 -27.16
N SER B 163 -5.66 11.57 -25.91
CA SER B 163 -4.53 10.80 -25.41
C SER B 163 -4.33 9.52 -26.20
N GLY B 164 -3.09 9.29 -26.63
CA GLY B 164 -2.73 8.09 -27.36
C GLY B 164 -3.05 8.14 -28.85
N ALA B 165 -3.48 9.31 -29.32
CA ALA B 165 -3.83 9.47 -30.73
C ALA B 165 -2.59 9.41 -31.62
N GLY B 166 -1.44 9.83 -31.09
CA GLY B 166 -0.19 9.75 -31.82
C GLY B 166 0.50 11.10 -32.01
N LYS B 167 0.19 12.05 -31.13
CA LYS B 167 0.72 13.40 -31.24
C LYS B 167 2.24 13.47 -31.09
N THR B 168 2.76 12.81 -30.06
CA THR B 168 4.18 12.88 -29.75
C THR B 168 5.02 12.20 -30.83
N VAL B 169 4.50 11.10 -31.37
CA VAL B 169 5.18 10.39 -32.45
C VAL B 169 5.20 11.27 -33.70
N SER B 170 4.10 11.97 -33.95
CA SER B 170 4.02 12.88 -35.09
C SER B 170 4.98 14.05 -34.92
N ALA B 171 5.06 14.58 -33.70
CA ALA B 171 5.95 15.69 -33.39
C ALA B 171 7.41 15.30 -33.62
N ARG B 172 7.79 14.10 -33.18
CA ARG B 172 9.16 13.64 -33.30
C ARG B 172 9.57 13.38 -34.75
N TYR B 173 8.64 12.83 -35.53
CA TYR B 173 8.94 12.54 -36.94
C TYR B 173 9.04 13.82 -37.76
N ALA B 174 8.25 14.82 -37.37
CA ALA B 174 8.35 16.13 -38.01
C ALA B 174 9.70 16.75 -37.72
N MET B 175 10.20 16.56 -36.50
CA MET B 175 11.48 17.11 -36.10
C MET B 175 12.63 16.35 -36.73
N ARG B 176 12.46 15.03 -36.87
CA ARG B 176 13.48 14.21 -37.52
C ARG B 176 13.64 14.63 -38.97
N TYR B 177 12.55 15.12 -39.56
CA TYR B 177 12.59 15.56 -40.94
C TYR B 177 13.45 16.81 -41.08
N PHE B 178 13.20 17.80 -40.24
CA PHE B 178 13.96 19.04 -40.25
C PHE B 178 15.45 18.76 -40.02
N ALA B 179 15.74 17.79 -39.17
CA ALA B 179 17.11 17.46 -38.81
C ALA B 179 17.84 16.74 -39.95
N THR B 180 17.09 16.33 -40.97
CA THR B 180 17.66 15.63 -42.12
C THR B 180 17.82 16.57 -43.31
N VAL B 181 16.87 17.48 -43.50
CA VAL B 181 16.85 18.36 -44.66
C VAL B 181 17.30 19.77 -44.33
N SER B 182 17.40 20.08 -43.04
CA SER B 182 17.87 21.38 -42.57
C SER B 182 19.10 21.19 -41.70
N LYS B 183 19.83 20.13 -41.98
CA LYS B 183 21.08 19.78 -41.30
C LYS B 183 21.95 21.00 -41.04
N SER B 184 22.37 21.17 -39.79
CA SER B 184 23.12 22.35 -39.39
C SER B 184 24.43 22.46 -40.17
N GLY B 185 24.91 23.70 -40.29
CA GLY B 185 26.09 23.98 -41.09
C GLY B 185 27.37 23.40 -40.55
N SER B 186 28.30 23.13 -41.46
CA SER B 186 29.65 22.69 -41.11
C SER B 186 29.70 21.38 -40.33
N ASN B 187 28.65 20.56 -40.45
CA ASN B 187 28.59 19.30 -39.71
C ASN B 187 28.78 19.57 -38.22
N ALA B 188 28.01 20.51 -37.68
CA ALA B 188 28.26 21.00 -36.32
C ALA B 188 28.23 19.90 -35.26
N HIS B 189 27.19 19.05 -35.19
CA HIS B 189 25.93 19.18 -35.88
C HIS B 189 24.84 19.38 -34.82
N VAL B 190 24.27 20.57 -34.78
CA VAL B 190 23.34 20.95 -33.73
C VAL B 190 22.08 20.07 -33.70
N GLU B 191 21.63 19.63 -34.87
CA GLU B 191 20.35 18.94 -35.00
C GLU B 191 20.26 17.67 -34.16
N ASP B 192 21.39 17.03 -33.88
CA ASP B 192 21.39 15.80 -33.10
C ASP B 192 21.07 16.06 -31.64
N LYS B 193 21.50 17.22 -31.15
CA LYS B 193 21.19 17.63 -29.79
C LYS B 193 19.71 18.02 -29.67
N VAL B 194 19.21 18.67 -30.71
CA VAL B 194 17.82 19.11 -30.76
C VAL B 194 16.88 17.90 -30.68
N LEU B 195 17.25 16.82 -31.37
CA LEU B 195 16.44 15.61 -31.38
C LEU B 195 16.57 14.83 -30.07
N ALA B 196 17.72 14.97 -29.42
CA ALA B 196 17.98 14.28 -28.16
C ALA B 196 17.11 14.81 -27.02
N SER B 197 16.56 16.02 -27.21
CA SER B 197 15.79 16.68 -26.17
C SER B 197 14.43 16.00 -25.95
N ASN B 198 13.97 15.27 -26.95
CA ASN B 198 12.66 14.60 -26.86
C ASN B 198 12.71 13.38 -25.94
N PRO B 199 13.64 12.44 -26.20
CA PRO B 199 13.69 11.25 -25.32
C PRO B 199 14.08 11.58 -23.87
N ILE B 200 14.88 12.63 -23.65
CA ILE B 200 15.23 13.02 -22.29
C ILE B 200 13.99 13.44 -21.53
N THR B 201 13.20 14.34 -22.12
CA THR B 201 12.00 14.84 -21.46
C THR B 201 10.94 13.75 -21.39
N GLU B 202 11.02 12.76 -22.28
CA GLU B 202 10.12 11.61 -22.20
C GLU B 202 10.45 10.79 -20.96
N ALA B 203 11.74 10.62 -20.69
CA ALA B 203 12.16 9.82 -19.54
C ALA B 203 11.68 10.39 -18.22
N VAL B 204 11.73 11.72 -18.09
CA VAL B 204 11.35 12.37 -16.84
C VAL B 204 9.95 12.98 -16.86
N GLY B 205 9.31 12.99 -18.02
CA GLY B 205 8.02 13.65 -18.19
C GLY B 205 6.90 12.78 -18.74
N ASN B 206 7.23 11.56 -19.18
CA ASN B 206 6.20 10.64 -19.65
C ASN B 206 6.00 9.47 -18.69
N ALA B 207 4.84 8.82 -18.80
CA ALA B 207 4.48 7.73 -17.91
C ALA B 207 3.34 6.91 -18.48
N LYS B 208 3.26 5.65 -18.08
CA LYS B 208 2.17 4.79 -18.50
C LYS B 208 0.87 5.17 -17.80
N THR B 209 -0.13 5.54 -18.60
CA THR B 209 -1.51 5.61 -18.14
C THR B 209 -2.26 4.46 -18.81
N THR B 210 -3.53 4.30 -18.47
CA THR B 210 -4.34 3.23 -19.07
C THR B 210 -4.74 3.58 -20.51
N ARG B 211 -4.57 4.84 -20.90
CA ARG B 211 -4.86 5.27 -22.26
C ARG B 211 -3.63 5.12 -23.16
N ASN B 212 -2.45 5.29 -22.57
CA ASN B 212 -1.20 5.31 -23.33
C ASN B 212 0.01 4.88 -22.49
N ASP B 213 0.72 3.86 -22.98
CA ASP B 213 1.92 3.36 -22.32
C ASP B 213 3.01 4.42 -22.17
N ASN B 214 2.99 5.42 -23.05
CA ASN B 214 4.01 6.47 -23.06
C ASN B 214 3.37 7.85 -23.09
N SER B 215 2.47 8.08 -22.15
CA SER B 215 1.70 9.32 -22.09
C SER B 215 2.54 10.52 -21.66
N SER B 216 2.45 11.60 -22.43
CA SER B 216 3.07 12.87 -22.04
C SER B 216 2.28 13.49 -20.89
N ARG B 217 2.96 13.78 -19.78
CA ARG B 217 2.30 14.40 -18.62
C ARG B 217 2.72 15.86 -18.49
N PHE B 218 3.11 16.45 -19.60
CA PHE B 218 3.48 17.86 -19.66
C PHE B 218 3.27 18.36 -21.08
N GLY B 219 3.22 19.68 -21.25
CA GLY B 219 3.10 20.28 -22.56
C GLY B 219 4.46 20.74 -23.05
N LYS B 220 4.65 20.72 -24.37
CA LYS B 220 5.94 21.05 -24.97
C LYS B 220 5.77 21.89 -26.24
N TYR B 221 6.45 23.04 -26.26
CA TYR B 221 6.59 23.83 -27.48
C TYR B 221 8.08 24.02 -27.74
N THR B 222 8.56 23.42 -28.83
CA THR B 222 9.97 23.49 -29.18
C THR B 222 10.20 24.35 -30.42
N GLU B 223 10.78 25.53 -30.22
CA GLU B 223 11.13 26.40 -31.32
C GLU B 223 12.48 25.99 -31.91
N ILE B 224 12.47 25.57 -33.17
CA ILE B 224 13.70 25.19 -33.87
C ILE B 224 14.22 26.38 -34.68
N SER B 225 15.31 26.98 -34.21
CA SER B 225 15.89 28.15 -34.86
C SER B 225 16.61 27.79 -36.14
N PHE B 226 16.50 28.68 -37.14
CA PHE B 226 17.25 28.54 -38.39
C PHE B 226 18.01 29.83 -38.69
N ASP B 227 19.14 29.70 -39.38
CA ASP B 227 19.93 30.86 -39.79
C ASP B 227 19.40 31.43 -41.11
N GLU B 228 20.14 32.39 -41.68
CA GLU B 228 19.74 33.02 -42.93
C GLU B 228 19.67 32.03 -44.08
N GLN B 229 20.46 30.96 -43.98
CA GLN B 229 20.50 29.93 -45.02
C GLN B 229 19.52 28.81 -44.74
N ASN B 230 18.59 29.05 -43.82
CA ASN B 230 17.58 28.07 -43.44
C ASN B 230 18.22 26.76 -42.97
N GLN B 231 19.32 26.89 -42.22
CA GLN B 231 19.97 25.75 -41.58
C GLN B 231 19.78 25.85 -40.07
N ILE B 232 19.56 24.70 -39.42
CA ILE B 232 19.36 24.67 -37.98
C ILE B 232 20.59 25.25 -37.24
N ILE B 233 20.34 26.14 -36.29
CA ILE B 233 21.40 26.69 -35.45
C ILE B 233 21.19 26.34 -33.98
N GLY B 234 19.95 26.02 -33.61
CA GLY B 234 19.64 25.67 -32.25
C GLY B 234 18.15 25.49 -32.00
N ALA B 235 17.78 25.46 -30.72
CA ALA B 235 16.38 25.31 -30.35
C ALA B 235 16.13 25.76 -28.92
N ASN B 236 14.88 26.10 -28.62
CA ASN B 236 14.47 26.41 -27.26
C ASN B 236 13.14 25.73 -26.92
N MET B 237 13.09 25.08 -25.76
CA MET B 237 11.92 24.33 -25.33
C MET B 237 11.16 25.06 -24.23
N SER B 238 9.88 25.30 -24.48
CA SER B 238 8.97 25.82 -23.46
C SER B 238 8.07 24.69 -22.99
N THR B 239 7.93 24.56 -21.67
CA THR B 239 7.13 23.49 -21.09
C THR B 239 5.92 24.01 -20.33
N TYR B 240 4.90 23.16 -20.20
CA TYR B 240 3.66 23.55 -19.54
C TYR B 240 3.17 22.49 -18.55
N LEU B 241 2.98 22.96 -17.32
CA LEU B 241 2.39 22.21 -16.20
C LEU B 241 2.59 20.69 -16.22
N LEU B 242 3.69 20.24 -15.62
CA LEU B 242 3.93 18.82 -15.41
C LEU B 242 2.99 18.27 -14.36
N GLU B 243 2.56 17.01 -14.53
CA GLU B 243 1.68 16.37 -13.56
C GLU B 243 2.45 15.94 -12.30
N LYS B 244 2.33 16.72 -11.23
CA LYS B 244 3.09 16.48 -10.01
C LYS B 244 2.61 15.25 -9.22
N SER B 245 1.30 15.10 -9.11
CA SER B 245 0.73 14.03 -8.29
C SER B 245 1.20 12.64 -8.74
N ARG B 246 1.65 12.56 -9.99
CA ARG B 246 2.17 11.32 -10.57
C ARG B 246 3.39 10.82 -9.79
N VAL B 247 4.11 11.75 -9.18
CA VAL B 247 5.33 11.42 -8.45
C VAL B 247 5.04 10.57 -7.23
N VAL B 248 3.88 10.79 -6.60
CA VAL B 248 3.56 10.13 -5.34
C VAL B 248 2.31 9.25 -5.41
N PHE B 249 1.66 9.20 -6.57
CA PHE B 249 0.40 8.46 -6.70
C PHE B 249 0.21 7.87 -8.09
N GLN B 250 -0.28 6.64 -8.14
CA GLN B 250 -0.72 6.01 -9.38
C GLN B 250 -1.95 5.14 -9.15
N SER B 251 -2.90 5.21 -10.06
CA SER B 251 -4.07 4.34 -10.03
C SER B 251 -3.68 2.99 -10.63
N GLU B 252 -4.60 2.04 -10.59
CA GLU B 252 -4.34 0.68 -11.04
C GLU B 252 -3.77 0.63 -12.47
N ASN B 253 -2.71 -0.15 -12.63
CA ASN B 253 -2.06 -0.39 -13.92
C ASN B 253 -1.33 0.83 -14.52
N GLU B 254 -1.18 1.88 -13.73
CA GLU B 254 -0.40 3.04 -14.16
C GLU B 254 0.95 3.07 -13.45
N ARG B 255 1.89 3.82 -14.02
CA ARG B 255 3.24 3.92 -13.47
C ARG B 255 3.62 5.35 -13.16
N ASN B 256 4.63 5.50 -12.31
CA ASN B 256 5.31 6.77 -12.15
C ASN B 256 6.09 7.07 -13.42
N TYR B 257 6.80 8.19 -13.45
CA TYR B 257 7.59 8.56 -14.62
C TYR B 257 8.64 7.48 -14.92
N HIS B 258 8.92 7.30 -16.21
CA HIS B 258 9.75 6.20 -16.70
C HIS B 258 11.10 6.06 -16.00
N ILE B 259 11.77 7.18 -15.74
CA ILE B 259 13.16 7.15 -15.31
C ILE B 259 13.34 6.49 -13.95
N PHE B 260 12.29 6.53 -13.13
CA PHE B 260 12.31 5.85 -11.84
C PHE B 260 12.52 4.35 -12.02
N TYR B 261 11.89 3.80 -13.05
CA TYR B 261 11.96 2.37 -13.32
C TYR B 261 13.23 2.00 -14.05
N GLN B 262 13.71 2.92 -14.88
CA GLN B 262 15.02 2.76 -15.51
C GLN B 262 16.10 2.70 -14.43
N LEU B 263 15.96 3.55 -13.42
CA LEU B 263 16.91 3.59 -12.32
C LEU B 263 16.83 2.36 -11.42
N CYS B 264 15.62 2.00 -11.01
CA CYS B 264 15.43 0.81 -10.18
C CYS B 264 15.87 -0.46 -10.90
N ALA B 265 15.74 -0.47 -12.22
CA ALA B 265 16.15 -1.62 -13.02
C ALA B 265 17.68 -1.75 -13.05
N SER B 266 18.36 -0.69 -12.64
CA SER B 266 19.82 -0.62 -12.66
C SER B 266 20.37 -0.56 -11.24
N ALA B 267 19.58 -0.98 -10.28
CA ALA B 267 19.90 -0.83 -8.86
C ALA B 267 21.14 -1.61 -8.43
N GLN B 268 21.37 -2.75 -9.07
CA GLN B 268 22.47 -3.63 -8.67
C GLN B 268 23.70 -3.42 -9.56
N GLN B 269 23.69 -2.33 -10.32
CA GLN B 269 24.88 -1.89 -11.06
C GLN B 269 25.81 -1.16 -10.10
N SER B 270 27.12 -1.31 -10.32
CA SER B 270 28.12 -0.76 -9.42
C SER B 270 28.05 0.75 -9.30
N GLU B 271 27.75 1.42 -10.41
CA GLU B 271 27.74 2.88 -10.44
C GLU B 271 26.60 3.46 -9.61
N PHE B 272 25.59 2.62 -9.34
CA PHE B 272 24.38 3.08 -8.66
C PHE B 272 24.24 2.57 -7.22
N LYS B 273 25.22 1.79 -6.76
CA LYS B 273 25.15 1.18 -5.43
C LYS B 273 24.94 2.22 -4.33
N HIS B 274 25.60 3.38 -4.47
CA HIS B 274 25.55 4.41 -3.43
C HIS B 274 24.16 5.01 -3.29
N LEU B 275 23.29 4.72 -4.26
CA LEU B 275 21.90 5.19 -4.21
C LEU B 275 21.04 4.25 -3.36
N LYS B 276 21.58 3.07 -3.05
CA LYS B 276 20.90 2.10 -2.19
C LYS B 276 19.45 1.86 -2.63
N LEU B 277 19.28 1.65 -3.93
CA LEU B 277 17.97 1.40 -4.48
C LEU B 277 17.63 -0.08 -4.46
N GLY B 278 16.38 -0.38 -4.79
CA GLY B 278 15.93 -1.74 -4.96
C GLY B 278 15.06 -1.79 -6.20
N SER B 279 14.30 -2.86 -6.35
CA SER B 279 13.37 -2.95 -7.47
C SER B 279 12.26 -1.92 -7.27
N ALA B 280 11.52 -1.65 -8.34
CA ALA B 280 10.45 -0.67 -8.30
C ALA B 280 9.33 -1.10 -7.35
N GLU B 281 9.30 -2.39 -7.02
CA GLU B 281 8.29 -2.92 -6.11
C GLU B 281 8.58 -2.65 -4.64
N GLU B 282 9.79 -2.20 -4.33
CA GLU B 282 10.14 -1.86 -2.94
CA GLU B 282 10.12 -1.86 -2.94
C GLU B 282 9.55 -0.51 -2.54
N PHE B 283 9.56 0.42 -3.48
CA PHE B 283 9.18 1.80 -3.20
C PHE B 283 7.71 2.10 -3.45
N ASN B 284 7.10 2.73 -2.45
CA ASN B 284 5.69 3.10 -2.52
C ASN B 284 5.34 4.00 -3.71
N TYR B 285 6.29 4.83 -4.12
CA TYR B 285 6.06 5.78 -5.20
C TYR B 285 6.05 5.16 -6.60
N THR B 286 6.51 3.91 -6.71
CA THR B 286 6.59 3.24 -8.01
C THR B 286 5.78 1.95 -8.10
N ARG B 287 5.30 1.45 -6.96
CA ARG B 287 4.63 0.15 -6.89
C ARG B 287 3.10 0.24 -6.87
N MET B 288 2.58 1.44 -6.66
CA MET B 288 1.16 1.62 -6.29
C MET B 288 0.16 1.04 -7.29
N GLY B 289 0.48 1.12 -8.57
CA GLY B 289 -0.43 0.66 -9.61
C GLY B 289 -0.51 -0.84 -9.78
N GLY B 290 0.43 -1.57 -9.19
CA GLY B 290 0.37 -3.02 -9.17
C GLY B 290 1.13 -3.73 -10.28
N ASN B 291 1.72 -2.96 -11.20
CA ASN B 291 2.50 -3.52 -12.29
C ASN B 291 3.61 -2.57 -12.74
N THR B 292 4.84 -2.89 -12.35
CA THR B 292 5.99 -2.04 -12.63
C THR B 292 6.56 -2.23 -14.04
N VAL B 293 5.94 -3.13 -14.82
CA VAL B 293 6.48 -3.51 -16.13
C VAL B 293 5.54 -3.13 -17.27
N ILE B 294 6.05 -2.34 -18.19
CA ILE B 294 5.36 -2.05 -19.44
C ILE B 294 5.71 -3.13 -20.44
N GLU B 295 4.70 -3.77 -21.00
CA GLU B 295 4.90 -4.83 -21.98
C GLU B 295 5.66 -4.30 -23.20
N GLY B 296 6.77 -4.95 -23.53
CA GLY B 296 7.56 -4.58 -24.69
C GLY B 296 8.64 -3.54 -24.39
N VAL B 297 8.74 -3.13 -23.13
CA VAL B 297 9.75 -2.15 -22.72
C VAL B 297 10.73 -2.76 -21.74
N ASN B 298 12.02 -2.59 -22.04
CA ASN B 298 13.10 -3.03 -21.16
C ASN B 298 13.68 -1.82 -20.43
N ASP B 299 13.28 -1.66 -19.17
CA ASP B 299 13.64 -0.47 -18.39
C ASP B 299 15.15 -0.34 -18.18
N ARG B 300 15.82 -1.48 -17.99
CA ARG B 300 17.27 -1.48 -17.85
C ARG B 300 17.91 -1.00 -19.15
N ALA B 301 17.38 -1.44 -20.28
CA ALA B 301 17.92 -1.04 -21.58
C ALA B 301 17.68 0.44 -21.84
N GLU B 302 16.54 0.93 -21.36
CA GLU B 302 16.20 2.34 -21.54
C GLU B 302 17.11 3.23 -20.70
N MET B 303 17.53 2.72 -19.55
CA MET B 303 18.48 3.46 -18.72
C MET B 303 19.76 3.71 -19.51
N VAL B 304 20.25 2.67 -20.16
CA VAL B 304 21.46 2.77 -20.98
C VAL B 304 21.28 3.82 -22.07
N GLU B 305 20.11 3.83 -22.70
CA GLU B 305 19.82 4.79 -23.77
C GLU B 305 19.66 6.21 -23.22
N THR B 306 19.02 6.33 -22.06
CA THR B 306 18.88 7.63 -21.41
C THR B 306 20.25 8.20 -21.08
N GLN B 307 21.17 7.34 -20.65
CA GLN B 307 22.53 7.76 -20.34
C GLN B 307 23.27 8.20 -21.60
N LYS B 308 23.07 7.46 -22.69
CA LYS B 308 23.65 7.84 -23.98
C LYS B 308 23.12 9.18 -24.45
N THR B 309 21.82 9.40 -24.26
CA THR B 309 21.18 10.63 -24.70
C THR B 309 21.70 11.81 -23.89
N PHE B 310 21.87 11.61 -22.59
CA PHE B 310 22.43 12.65 -21.72
C PHE B 310 23.81 13.08 -22.21
N THR B 311 24.66 12.09 -22.50
CA THR B 311 26.02 12.36 -22.98
C THR B 311 26.00 13.17 -24.26
N LEU B 312 25.12 12.81 -25.18
CA LEU B 312 25.02 13.48 -26.47
C LEU B 312 24.72 14.97 -26.32
N LEU B 313 23.93 15.32 -25.30
CA LEU B 313 23.61 16.71 -25.03
C LEU B 313 24.72 17.41 -24.24
N GLY B 314 25.81 16.69 -24.00
CA GLY B 314 26.97 17.25 -23.32
C GLY B 314 26.83 17.25 -21.81
N PHE B 315 26.08 16.28 -21.29
CA PHE B 315 25.94 16.11 -19.84
C PHE B 315 26.81 14.96 -19.36
N LYS B 316 27.86 15.31 -18.62
CA LYS B 316 28.86 14.36 -18.18
C LYS B 316 28.33 13.37 -17.14
N GLU B 317 29.19 12.47 -16.69
CA GLU B 317 28.82 11.48 -15.68
C GLU B 317 28.44 12.16 -14.38
N ASP B 318 29.19 13.20 -14.02
CA ASP B 318 28.94 13.94 -12.79
C ASP B 318 27.52 14.51 -12.78
N PHE B 319 27.13 15.11 -13.90
CA PHE B 319 25.81 15.70 -14.03
C PHE B 319 24.71 14.65 -13.96
N GLN B 320 24.93 13.54 -14.66
CA GLN B 320 23.93 12.46 -14.71
C GLN B 320 23.71 11.86 -13.32
N MET B 321 24.80 11.67 -12.59
CA MET B 321 24.72 11.07 -11.27
C MET B 321 24.03 11.99 -10.27
N ASP B 322 24.07 13.30 -10.54
CA ASP B 322 23.43 14.25 -9.64
C ASP B 322 21.90 14.19 -9.78
N VAL B 323 21.38 14.01 -10.99
CA VAL B 323 19.93 13.91 -11.16
C VAL B 323 19.45 12.56 -10.63
N PHE B 324 20.24 11.52 -10.88
CA PHE B 324 19.92 10.19 -10.37
C PHE B 324 19.89 10.20 -8.86
N LYS B 325 20.72 11.04 -8.25
CA LYS B 325 20.77 11.17 -6.80
C LYS B 325 19.49 11.78 -6.27
N ILE B 326 19.00 12.81 -6.96
CA ILE B 326 17.75 13.47 -6.58
C ILE B 326 16.59 12.49 -6.71
N LEU B 327 16.55 11.75 -7.81
CA LEU B 327 15.47 10.79 -8.07
C LEU B 327 15.47 9.67 -7.02
N ALA B 328 16.64 9.17 -6.66
CA ALA B 328 16.73 8.11 -5.65
C ALA B 328 16.27 8.63 -4.28
N ALA B 329 16.63 9.87 -3.97
CA ALA B 329 16.22 10.50 -2.72
C ALA B 329 14.70 10.54 -2.62
N ILE B 330 14.05 10.94 -3.71
CA ILE B 330 12.59 11.00 -3.76
C ILE B 330 11.97 9.64 -3.47
N LEU B 331 12.57 8.59 -4.03
CA LEU B 331 12.07 7.23 -3.82
C LEU B 331 12.17 6.84 -2.35
N HIS B 332 13.31 7.17 -1.74
CA HIS B 332 13.53 6.83 -0.33
C HIS B 332 12.59 7.62 0.57
N LEU B 333 12.38 8.90 0.25
CA LEU B 333 11.46 9.73 1.02
C LEU B 333 10.09 9.07 1.12
N GLY B 334 9.64 8.50 0.00
CA GLY B 334 8.33 7.87 -0.07
C GLY B 334 8.19 6.64 0.82
N ASN B 335 9.33 6.08 1.23
CA ASN B 335 9.34 4.90 2.08
C ASN B 335 9.65 5.20 3.55
N VAL B 336 9.87 6.47 3.86
CA VAL B 336 10.07 6.89 5.24
C VAL B 336 8.80 6.56 6.04
N GLN B 337 8.95 5.80 7.12
CA GLN B 337 7.81 5.41 7.92
C GLN B 337 7.33 6.57 8.79
N ILE B 338 6.04 6.85 8.72
CA ILE B 338 5.39 7.82 9.57
C ILE B 338 4.35 7.09 10.41
N THR B 339 4.55 7.09 11.72
CA THR B 339 3.68 6.38 12.64
C THR B 339 2.70 7.30 13.33
N ALA B 340 1.53 6.76 13.66
CA ALA B 340 0.54 7.49 14.44
C ALA B 340 0.86 7.38 15.93
N VAL B 341 0.89 8.52 16.61
CA VAL B 341 1.00 8.57 18.06
C VAL B 341 -0.30 9.16 18.60
N GLY B 342 -1.16 8.31 19.13
CA GLY B 342 -2.51 8.71 19.44
C GLY B 342 -3.23 9.04 18.15
N ASN B 343 -4.28 9.85 18.23
CA ASN B 343 -5.05 10.23 17.05
C ASN B 343 -4.73 11.63 16.54
N GLU B 344 -3.93 12.38 17.30
CA GLU B 344 -3.65 13.78 16.99
C GLU B 344 -2.19 14.02 16.59
N ARG B 345 -1.31 13.08 16.90
CA ARG B 345 0.13 13.25 16.65
C ARG B 345 0.70 12.20 15.72
N SER B 346 1.90 12.47 15.22
CA SER B 346 2.61 11.54 14.35
C SER B 346 4.10 11.57 14.71
N SER B 347 4.86 10.61 14.19
CA SER B 347 6.27 10.51 14.53
C SER B 347 7.08 9.84 13.43
N VAL B 348 8.27 10.36 13.20
CA VAL B 348 9.25 9.72 12.32
C VAL B 348 10.51 9.43 13.14
N SER B 349 10.94 8.18 13.12
CA SER B 349 12.13 7.79 13.84
C SER B 349 13.37 8.36 13.15
N GLU B 350 14.25 8.96 13.94
CA GLU B 350 15.48 9.55 13.42
C GLU B 350 16.37 8.45 12.83
N ASP B 351 16.13 7.21 13.24
CA ASP B 351 16.88 6.06 12.75
C ASP B 351 16.17 5.32 11.62
N ASP B 352 15.10 5.90 11.09
CA ASP B 352 14.42 5.32 9.93
C ASP B 352 15.44 5.16 8.79
N SER B 353 15.50 3.96 8.22
CA SER B 353 16.56 3.63 7.28
C SER B 353 16.49 4.44 6.00
N HIS B 354 15.28 4.62 5.47
CA HIS B 354 15.10 5.35 4.23
C HIS B 354 15.28 6.85 4.45
N LEU B 355 14.88 7.34 5.61
CA LEU B 355 15.12 8.72 5.98
C LEU B 355 16.61 9.00 5.98
N LYS B 356 17.39 8.02 6.43
CA LYS B 356 18.83 8.20 6.57
C LYS B 356 19.55 8.36 5.23
N VAL B 357 19.21 7.55 4.23
CA VAL B 357 19.89 7.68 2.95
C VAL B 357 19.31 8.89 2.20
N PHE B 358 18.05 9.21 2.45
CA PHE B 358 17.46 10.43 1.91
C PHE B 358 18.26 11.65 2.35
N CYS B 359 18.64 11.65 3.62
CA CYS B 359 19.42 12.75 4.19
C CYS B 359 20.89 12.65 3.78
N GLU B 360 21.37 11.42 3.62
CA GLU B 360 22.73 11.19 3.13
C GLU B 360 22.91 11.76 1.72
N LEU B 361 21.96 11.45 0.85
CA LEU B 361 22.05 11.85 -0.55
C LEU B 361 21.88 13.36 -0.75
N LEU B 362 21.04 13.98 0.07
CA LEU B 362 20.76 15.41 -0.06
C LEU B 362 21.53 16.27 0.94
N GLY B 363 22.35 15.63 1.76
CA GLY B 363 23.11 16.36 2.78
C GLY B 363 22.20 17.14 3.70
N LEU B 364 21.38 16.42 4.47
CA LEU B 364 20.45 17.02 5.41
C LEU B 364 20.64 16.41 6.79
N GLU B 365 20.14 17.08 7.82
CA GLU B 365 20.18 16.56 9.18
C GLU B 365 18.89 15.77 9.45
N SER B 366 19.05 14.49 9.74
CA SER B 366 17.93 13.56 9.93
C SER B 366 16.93 14.06 10.98
N GLY B 367 17.46 14.51 12.11
CA GLY B 367 16.62 14.94 13.23
C GLY B 367 15.69 16.08 12.86
N ARG B 368 16.19 17.01 12.04
CA ARG B 368 15.39 18.15 11.62
C ARG B 368 14.26 17.72 10.68
N VAL B 369 14.57 16.79 9.79
CA VAL B 369 13.58 16.30 8.83
C VAL B 369 12.47 15.55 9.55
N ALA B 370 12.85 14.62 10.42
CA ALA B 370 11.88 13.86 11.21
C ALA B 370 10.99 14.80 12.00
N GLN B 371 11.58 15.85 12.55
CA GLN B 371 10.86 16.85 13.34
C GLN B 371 9.78 17.56 12.52
N TRP B 372 10.16 18.05 11.35
CA TRP B 372 9.30 18.95 10.59
C TRP B 372 8.46 18.25 9.54
N LEU B 373 8.55 16.93 9.49
CA LEU B 373 7.58 16.12 8.76
C LEU B 373 6.32 15.94 9.60
N CYS B 374 6.46 16.11 10.91
CA CYS B 374 5.41 15.77 11.87
C CYS B 374 4.98 16.94 12.75
N ASN B 375 5.54 18.12 12.47
CA ASN B 375 5.15 19.33 13.17
C ASN B 375 5.15 20.52 12.22
N ARG B 376 4.40 21.56 12.58
CA ARG B 376 4.36 22.77 11.77
C ARG B 376 4.49 24.01 12.65
N LYS B 377 5.12 25.03 12.09
CA LYS B 377 5.43 26.25 12.82
C LYS B 377 4.46 27.36 12.43
N ILE B 378 3.95 28.06 13.45
CA ILE B 378 3.06 29.20 13.23
C ILE B 378 3.65 30.44 13.88
N VAL B 379 4.26 31.28 13.06
CA VAL B 379 4.87 32.51 13.54
C VAL B 379 3.88 33.67 13.56
N THR B 380 3.61 34.18 14.74
CA THR B 380 2.87 35.42 14.90
C THR B 380 3.84 36.50 15.35
N SER B 381 3.37 37.74 15.42
CA SER B 381 4.22 38.84 15.88
C SER B 381 4.61 38.67 17.34
N SER B 382 3.69 38.07 18.11
CA SER B 382 3.86 37.95 19.55
C SER B 382 4.61 36.69 19.96
N GLU B 383 4.57 35.66 19.12
CA GLU B 383 5.10 34.37 19.52
C GLU B 383 5.28 33.41 18.34
N THR B 384 5.83 32.24 18.65
CA THR B 384 5.97 31.15 17.69
C THR B 384 5.37 29.89 18.27
N VAL B 385 4.42 29.30 17.54
CA VAL B 385 3.71 28.11 18.00
C VAL B 385 4.08 26.90 17.15
N VAL B 386 4.40 25.80 17.82
CA VAL B 386 4.72 24.54 17.15
C VAL B 386 3.63 23.53 17.47
N LYS B 387 2.79 23.23 16.49
CA LYS B 387 1.69 22.29 16.65
C LYS B 387 2.04 20.94 16.03
N PRO B 388 1.58 19.84 16.63
CA PRO B 388 1.80 18.54 15.98
C PRO B 388 0.86 18.34 14.79
N MET B 389 1.28 17.52 13.83
CA MET B 389 0.41 17.12 12.73
C MET B 389 -0.03 15.68 12.92
N THR B 390 -1.22 15.36 12.43
CA THR B 390 -1.71 13.99 12.44
C THR B 390 -0.93 13.19 11.42
N ARG B 391 -1.12 11.86 11.41
CA ARG B 391 -0.42 11.03 10.45
C ARG B 391 -0.81 11.38 9.01
N PRO B 392 -2.13 11.54 8.73
CA PRO B 392 -2.49 11.93 7.36
C PRO B 392 -1.86 13.24 6.92
N GLN B 393 -1.79 14.21 7.82
CA GLN B 393 -1.21 15.52 7.52
C GLN B 393 0.28 15.41 7.26
N ALA B 394 0.95 14.51 7.98
CA ALA B 394 2.38 14.33 7.83
C ALA B 394 2.69 13.63 6.51
N VAL B 395 1.88 12.65 6.16
CA VAL B 395 2.01 11.95 4.89
C VAL B 395 1.83 12.94 3.75
N ASN B 396 0.83 13.80 3.87
CA ASN B 396 0.56 14.83 2.87
C ASN B 396 1.74 15.79 2.74
N ALA B 397 2.28 16.22 3.88
CA ALA B 397 3.43 17.10 3.88
C ALA B 397 4.63 16.40 3.23
N ARG B 398 4.79 15.13 3.57
CA ARG B 398 5.90 14.33 3.05
C ARG B 398 5.83 14.22 1.52
N ASP B 399 4.63 13.94 1.02
CA ASP B 399 4.43 13.77 -0.42
C ASP B 399 4.47 15.08 -1.18
N ALA B 400 4.07 16.16 -0.52
CA ALA B 400 4.12 17.48 -1.12
C ALA B 400 5.56 17.89 -1.41
N LEU B 401 6.44 17.54 -0.48
CA LEU B 401 7.87 17.83 -0.62
C LEU B 401 8.46 17.05 -1.79
N ALA B 402 8.12 15.77 -1.89
CA ALA B 402 8.58 14.92 -2.98
C ALA B 402 8.17 15.52 -4.33
N LYS B 403 6.90 15.90 -4.44
CA LYS B 403 6.39 16.53 -5.65
C LYS B 403 7.18 17.78 -6.00
N LYS B 404 7.49 18.58 -4.98
CA LYS B 404 8.21 19.83 -5.17
C LYS B 404 9.63 19.57 -5.65
N ILE B 405 10.30 18.60 -5.04
CA ILE B 405 11.66 18.25 -5.44
C ILE B 405 11.68 17.81 -6.89
N TYR B 406 10.69 17.02 -7.30
CA TYR B 406 10.64 16.52 -8.67
C TYR B 406 10.36 17.66 -9.66
N ALA B 407 9.52 18.60 -9.25
CA ALA B 407 9.14 19.70 -10.13
C ALA B 407 10.36 20.56 -10.46
N HIS B 408 11.16 20.85 -9.45
CA HIS B 408 12.38 21.62 -9.63
C HIS B 408 13.38 20.87 -10.51
N LEU B 409 13.49 19.56 -10.30
CA LEU B 409 14.42 18.75 -11.08
C LEU B 409 14.04 18.78 -12.56
N PHE B 410 12.75 18.71 -12.84
CA PHE B 410 12.28 18.76 -14.21
C PHE B 410 12.63 20.11 -14.84
N ASP B 411 12.27 21.19 -14.15
CA ASP B 411 12.61 22.54 -14.61
C ASP B 411 14.10 22.69 -14.86
N PHE B 412 14.90 22.18 -13.92
CA PHE B 412 16.35 22.24 -14.04
C PHE B 412 16.85 21.54 -15.29
N ILE B 413 16.31 20.36 -15.56
CA ILE B 413 16.73 19.57 -16.70
C ILE B 413 16.36 20.27 -18.01
N VAL B 414 15.21 20.93 -18.04
CA VAL B 414 14.79 21.65 -19.24
C VAL B 414 15.65 22.88 -19.47
N GLU B 415 16.01 23.57 -18.39
CA GLU B 415 16.88 24.74 -18.48
C GLU B 415 18.22 24.39 -19.12
N ARG B 416 18.82 23.31 -18.66
CA ARG B 416 20.15 22.90 -19.13
C ARG B 416 20.10 22.32 -20.53
N ILE B 417 18.95 21.77 -20.93
CA ILE B 417 18.77 21.34 -22.31
C ILE B 417 18.81 22.57 -23.22
N ASN B 418 18.12 23.63 -22.79
CA ASN B 418 18.05 24.86 -23.56
C ASN B 418 19.41 25.54 -23.67
N GLN B 419 20.16 25.58 -22.57
CA GLN B 419 21.50 26.13 -22.59
C GLN B 419 22.38 25.37 -23.56
N ALA B 420 22.20 24.05 -23.61
CA ALA B 420 22.98 23.20 -24.51
C ALA B 420 22.61 23.45 -25.96
N LEU B 421 21.40 23.97 -26.20
CA LEU B 421 20.90 24.18 -27.55
C LEU B 421 20.91 25.66 -27.95
N GLN B 422 21.59 26.49 -27.16
CA GLN B 422 21.71 27.92 -27.47
C GLN B 422 22.53 28.15 -28.73
N PHE B 423 22.55 29.40 -29.19
CA PHE B 423 23.36 29.80 -30.33
C PHE B 423 23.78 31.25 -30.19
N SER B 424 25.05 31.53 -30.52
CA SER B 424 25.57 32.89 -30.44
C SER B 424 24.99 33.78 -31.52
N GLY B 425 24.61 33.17 -32.64
CA GLY B 425 24.08 33.90 -33.77
C GLY B 425 22.74 34.55 -33.49
N LYS B 426 22.25 35.31 -34.47
CA LYS B 426 20.93 35.93 -34.40
C LYS B 426 19.93 35.07 -35.16
N GLN B 427 18.74 34.92 -34.59
CA GLN B 427 17.72 34.04 -35.16
C GLN B 427 17.04 34.66 -36.37
N HIS B 428 17.21 34.03 -37.53
CA HIS B 428 16.53 34.45 -38.75
C HIS B 428 15.05 34.08 -38.66
N THR B 429 14.77 32.79 -38.50
CA THR B 429 13.40 32.29 -38.41
C THR B 429 13.35 31.05 -37.50
N PHE B 430 12.14 30.60 -37.17
CA PHE B 430 12.00 29.34 -36.43
C PHE B 430 10.75 28.57 -36.86
N ILE B 431 10.78 27.27 -36.59
CA ILE B 431 9.61 26.41 -36.72
C ILE B 431 9.31 25.79 -35.37
N GLY B 432 8.20 26.21 -34.77
CA GLY B 432 7.81 25.70 -33.47
C GLY B 432 6.95 24.45 -33.56
N VAL B 433 7.40 23.38 -32.90
CA VAL B 433 6.64 22.13 -32.85
C VAL B 433 5.90 22.01 -31.53
N LEU B 434 4.57 22.02 -31.58
CA LEU B 434 3.75 21.94 -30.38
C LEU B 434 3.29 20.52 -30.11
N ASP B 435 3.57 20.05 -28.90
CA ASP B 435 3.14 18.73 -28.45
C ASP B 435 2.73 18.78 -26.98
N ILE B 436 1.43 18.76 -26.72
CA ILE B 436 0.92 18.74 -25.35
C ILE B 436 0.07 17.51 -25.10
N TYR B 437 -0.18 17.22 -23.83
CA TYR B 437 -1.07 16.12 -23.46
C TYR B 437 -2.45 16.30 -24.10
N GLY B 438 -2.95 15.22 -24.68
CA GLY B 438 -4.24 15.23 -25.34
C GLY B 438 -5.39 15.09 -24.37
N PHE B 439 -6.60 15.32 -24.88
CA PHE B 439 -7.83 15.13 -24.11
C PHE B 439 -7.86 13.74 -23.49
N GLU B 440 -8.21 13.68 -22.21
CA GLU B 440 -8.32 12.40 -21.51
C GLU B 440 -9.41 12.41 -20.44
N THR B 441 -10.01 11.24 -20.22
CA THR B 441 -11.00 11.05 -19.18
C THR B 441 -10.88 9.64 -18.62
N PHE B 442 -10.99 9.51 -17.30
CA PHE B 442 -10.93 8.21 -16.65
C PHE B 442 -12.15 8.03 -15.75
N ASP B 443 -12.24 6.89 -15.08
CA ASP B 443 -13.33 6.64 -14.14
C ASP B 443 -13.34 7.67 -13.03
N VAL B 444 -12.15 8.15 -12.69
CA VAL B 444 -11.97 9.23 -11.73
C VAL B 444 -11.13 10.36 -12.33
N ASN B 445 -11.78 11.49 -12.58
CA ASN B 445 -11.09 12.67 -13.11
C ASN B 445 -10.94 13.74 -12.04
N SER B 446 -9.78 14.38 -12.02
CA SER B 446 -9.48 15.42 -11.03
C SER B 446 -8.90 16.67 -11.66
N PHE B 447 -8.27 17.49 -10.83
CA PHE B 447 -7.64 18.74 -11.24
C PHE B 447 -6.71 18.55 -12.44
N GLU B 448 -6.00 17.44 -12.47
CA GLU B 448 -5.08 17.13 -13.55
C GLU B 448 -5.79 17.06 -14.90
N GLN B 449 -6.88 16.30 -14.94
CA GLN B 449 -7.63 16.11 -16.19
C GLN B 449 -8.34 17.40 -16.57
N PHE B 450 -8.77 18.16 -15.57
CA PHE B 450 -9.43 19.43 -15.81
C PHE B 450 -8.48 20.41 -16.50
N CYS B 451 -7.23 20.44 -16.06
CA CYS B 451 -6.23 21.33 -16.65
C CYS B 451 -5.84 20.89 -18.05
N ILE B 452 -5.58 19.59 -18.23
CA ILE B 452 -5.26 19.04 -19.54
C ILE B 452 -6.37 19.33 -20.55
N ASN B 453 -7.61 19.05 -20.14
CA ASN B 453 -8.75 19.21 -21.04
C ASN B 453 -9.05 20.67 -21.31
N TYR B 454 -8.77 21.52 -20.33
CA TYR B 454 -8.85 22.97 -20.52
C TYR B 454 -7.87 23.40 -21.62
N ALA B 455 -6.66 22.87 -21.57
CA ALA B 455 -5.62 23.19 -22.55
C ALA B 455 -6.02 22.79 -23.96
N ASN B 456 -6.57 21.59 -24.11
CA ASN B 456 -7.02 21.12 -25.43
C ASN B 456 -8.16 21.99 -25.95
N GLU B 457 -8.92 22.57 -25.02
CA GLU B 457 -10.02 23.45 -25.37
C GLU B 457 -9.50 24.72 -26.04
N LYS B 458 -8.39 25.24 -25.52
CA LYS B 458 -7.81 26.46 -26.05
C LYS B 458 -7.10 26.25 -27.39
N LEU B 459 -6.58 25.03 -27.61
CA LEU B 459 -6.00 24.69 -28.90
C LEU B 459 -7.09 24.60 -29.95
N GLN B 460 -8.25 24.09 -29.56
CA GLN B 460 -9.38 24.00 -30.46
C GLN B 460 -9.89 25.40 -30.79
N GLN B 461 -9.74 26.32 -29.84
CA GLN B 461 -10.09 27.71 -30.05
C GLN B 461 -9.13 28.34 -31.03
N GLN B 462 -7.84 28.06 -30.83
CA GLN B 462 -6.78 28.57 -31.69
C GLN B 462 -6.96 28.07 -33.12
N PHE B 463 -7.27 26.78 -33.26
CA PHE B 463 -7.53 26.18 -34.56
C PHE B 463 -8.72 26.83 -35.24
N ASN B 464 -9.75 27.13 -34.45
CA ASN B 464 -10.99 27.69 -34.99
C ASN B 464 -10.87 29.16 -35.38
N MET B 465 -10.24 29.95 -34.52
CA MET B 465 -10.05 31.37 -34.80
C MET B 465 -9.28 31.58 -36.09
N HIS B 466 -8.40 30.63 -36.41
CA HIS B 466 -7.55 30.74 -37.60
C HIS B 466 -8.22 30.16 -38.83
N VAL B 467 -8.75 28.94 -38.71
CA VAL B 467 -9.29 28.22 -39.85
C VAL B 467 -10.66 28.76 -40.28
N PHE B 468 -11.45 29.24 -39.33
CA PHE B 468 -12.83 29.64 -39.61
C PHE B 468 -13.06 31.15 -39.55
N LYS B 469 -12.83 31.74 -38.38
CA LYS B 469 -13.12 33.16 -38.17
C LYS B 469 -12.29 34.07 -39.06
N LEU B 470 -10.97 33.89 -39.05
CA LEU B 470 -10.07 34.80 -39.75
C LEU B 470 -10.06 34.59 -41.26
N GLU B 471 -9.77 33.36 -41.70
CA GLU B 471 -9.65 33.05 -43.12
C GLU B 471 -10.86 33.55 -43.93
N GLN B 472 -12.03 33.46 -43.33
CA GLN B 472 -13.26 33.93 -43.97
C GLN B 472 -13.36 35.46 -43.95
N GLU B 473 -12.94 36.07 -42.84
CA GLU B 473 -12.99 37.52 -42.73
C GLU B 473 -11.97 38.19 -43.65
N GLU B 474 -10.92 37.46 -44.00
CA GLU B 474 -9.97 37.95 -44.99
C GLU B 474 -10.63 38.02 -46.36
N TYR B 475 -11.66 37.20 -46.54
CA TYR B 475 -12.43 37.20 -47.79
C TYR B 475 -13.52 38.26 -47.77
N MET B 476 -13.89 38.70 -46.56
CA MET B 476 -14.86 39.79 -46.42
C MET B 476 -14.14 41.12 -46.56
N LYS B 477 -12.85 41.13 -46.22
CA LYS B 477 -12.00 42.30 -46.46
C LYS B 477 -11.81 42.45 -47.96
N GLU B 478 -11.84 41.30 -48.66
CA GLU B 478 -11.80 41.27 -50.10
C GLU B 478 -13.23 41.27 -50.65
N ASP B 479 -13.37 41.35 -51.98
CA ASP B 479 -14.68 41.36 -52.62
C ASP B 479 -15.00 40.00 -53.23
N ILE B 480 -15.24 39.00 -52.37
CA ILE B 480 -15.55 37.65 -52.83
C ILE B 480 -16.49 36.96 -51.86
N TRP B 482 -19.09 34.81 -51.07
CA TRP B 482 -18.50 33.75 -50.27
C TRP B 482 -19.54 33.09 -49.38
N THR B 483 -19.90 31.85 -49.70
CA THR B 483 -20.84 31.09 -48.90
C THR B 483 -20.21 30.75 -47.55
N LEU B 484 -20.81 31.27 -46.48
CA LEU B 484 -20.21 31.17 -45.15
C LEU B 484 -20.38 29.77 -44.56
N ILE B 485 -19.29 29.26 -43.96
CA ILE B 485 -19.28 27.94 -43.35
C ILE B 485 -19.46 28.04 -41.84
N ASP B 486 -20.15 27.04 -41.27
CA ASP B 486 -20.50 27.05 -39.85
C ASP B 486 -19.74 25.97 -39.07
N PHE B 487 -19.26 26.35 -37.88
CA PHE B 487 -18.48 25.45 -37.03
C PHE B 487 -18.99 25.49 -35.60
N TYR B 488 -18.37 24.71 -34.72
CA TYR B 488 -18.70 24.74 -33.31
C TYR B 488 -17.74 25.65 -32.55
N ASP B 489 -18.27 26.78 -32.07
CA ASP B 489 -17.48 27.70 -31.27
C ASP B 489 -17.47 27.26 -29.80
N ASN B 490 -16.30 26.95 -29.29
CA ASN B 490 -16.15 26.50 -27.91
C ASN B 490 -15.77 27.65 -26.97
N GLN B 491 -16.14 28.87 -27.36
CA GLN B 491 -15.89 30.03 -26.51
C GLN B 491 -16.64 29.93 -25.18
N PRO B 492 -17.91 29.46 -25.20
CA PRO B 492 -18.65 29.36 -23.94
C PRO B 492 -17.99 28.47 -22.89
N VAL B 493 -17.55 27.27 -23.27
CA VAL B 493 -16.94 26.35 -22.30
C VAL B 493 -15.65 26.96 -21.76
N ILE B 494 -14.94 27.68 -22.61
CA ILE B 494 -13.71 28.32 -22.21
C ILE B 494 -14.01 29.36 -21.13
N ASP B 495 -14.98 30.22 -21.39
CA ASP B 495 -15.38 31.22 -20.40
C ASP B 495 -15.81 30.58 -19.10
N LEU B 496 -16.62 29.52 -19.19
CA LEU B 496 -17.05 28.79 -18.00
C LEU B 496 -15.86 28.39 -17.15
N ILE B 497 -14.72 28.15 -17.82
CA ILE B 497 -13.49 27.77 -17.13
C ILE B 497 -12.63 28.99 -16.76
N GLU B 498 -12.30 29.81 -17.75
CA GLU B 498 -11.27 30.84 -17.59
C GLU B 498 -11.79 32.26 -17.33
N ALA B 499 -13.10 32.47 -17.41
CA ALA B 499 -13.64 33.83 -17.35
C ALA B 499 -13.58 34.44 -15.94
N LYS B 500 -14.14 35.65 -15.82
CA LYS B 500 -14.08 36.41 -14.57
C LYS B 500 -14.85 35.73 -13.43
N MET B 501 -15.95 35.07 -13.76
CA MET B 501 -16.77 34.39 -12.78
C MET B 501 -16.81 32.88 -13.06
N GLY B 502 -15.80 32.41 -13.79
CA GLY B 502 -15.75 31.01 -14.20
C GLY B 502 -15.37 30.05 -13.10
N ILE B 503 -15.06 28.82 -13.48
CA ILE B 503 -14.74 27.76 -12.54
C ILE B 503 -13.38 27.98 -11.88
N LEU B 504 -12.36 28.24 -12.69
CA LEU B 504 -11.01 28.44 -12.18
C LEU B 504 -10.93 29.64 -11.25
N GLU B 505 -11.67 30.70 -11.55
CA GLU B 505 -11.61 31.90 -10.73
C GLU B 505 -12.28 31.65 -9.38
N LEU B 506 -13.42 30.96 -9.39
CA LEU B 506 -14.09 30.60 -8.14
C LEU B 506 -13.18 29.73 -7.28
N LEU B 507 -12.30 28.97 -7.93
CA LEU B 507 -11.35 28.13 -7.21
C LEU B 507 -10.31 28.99 -6.49
N ASP B 508 -9.75 29.96 -7.21
CA ASP B 508 -8.81 30.90 -6.62
C ASP B 508 -9.44 31.62 -5.44
N GLU B 509 -10.72 31.97 -5.59
CA GLU B 509 -11.44 32.68 -4.55
C GLU B 509 -11.60 31.80 -3.31
N GLU B 510 -11.82 30.50 -3.52
CA GLU B 510 -11.99 29.57 -2.40
C GLU B 510 -10.66 29.27 -1.70
N CYS B 511 -9.57 29.32 -2.45
CA CYS B 511 -8.25 28.99 -1.92
C CYS B 511 -7.75 30.05 -0.95
N LEU B 512 -8.21 31.28 -1.12
CA LEU B 512 -7.78 32.38 -0.25
C LEU B 512 -8.46 32.32 1.11
N LEU B 513 -9.65 31.74 1.17
CA LEU B 513 -10.33 31.53 2.44
C LEU B 513 -9.50 30.59 3.31
N PRO B 514 -9.32 30.93 4.60
CA PRO B 514 -8.55 30.03 5.45
C PRO B 514 -9.33 28.75 5.75
N HIS B 515 -10.65 28.84 5.75
CA HIS B 515 -11.52 27.71 6.03
C HIS B 515 -12.25 27.24 4.76
N GLY B 516 -11.71 27.61 3.61
CA GLY B 516 -12.26 27.14 2.35
C GLY B 516 -12.06 25.65 2.16
N THR B 517 -13.02 24.99 1.51
CA THR B 517 -12.98 23.55 1.32
C THR B 517 -13.42 23.17 -0.08
N ASP B 518 -13.07 21.97 -0.52
CA ASP B 518 -13.49 21.45 -1.81
C ASP B 518 -15.01 21.45 -1.92
N GLU B 519 -15.66 21.08 -0.81
CA GLU B 519 -17.12 20.96 -0.78
C GLU B 519 -17.83 22.30 -1.00
N ASN B 520 -17.34 23.35 -0.36
CA ASN B 520 -17.92 24.68 -0.51
C ASN B 520 -17.76 25.19 -1.94
N TRP B 521 -16.57 25.00 -2.49
CA TRP B 521 -16.28 25.38 -3.87
C TRP B 521 -17.26 24.73 -4.83
N LEU B 522 -17.52 23.44 -4.62
CA LEU B 522 -18.45 22.69 -5.45
C LEU B 522 -19.86 23.27 -5.36
N GLN B 523 -20.28 23.64 -4.15
CA GLN B 523 -21.58 24.24 -3.95
C GLN B 523 -21.69 25.57 -4.70
N LYS B 524 -20.64 26.38 -4.60
CA LYS B 524 -20.61 27.68 -5.26
C LYS B 524 -20.58 27.52 -6.78
N LEU B 525 -20.12 26.36 -7.25
CA LEU B 525 -20.20 26.04 -8.67
C LEU B 525 -21.64 25.68 -9.03
N TYR B 526 -22.27 24.88 -8.18
CA TYR B 526 -23.66 24.51 -8.38
C TYR B 526 -24.54 25.75 -8.48
N ASN B 527 -24.48 26.59 -7.45
CA ASN B 527 -25.26 27.82 -7.40
C ASN B 527 -25.11 28.67 -8.67
N ASN B 528 -23.86 28.93 -9.04
CA ASN B 528 -23.58 29.83 -10.16
C ASN B 528 -23.91 29.27 -11.54
N PHE B 529 -23.96 27.94 -11.67
CA PHE B 529 -23.98 27.33 -13.00
C PHE B 529 -25.07 26.26 -13.23
N VAL B 530 -25.57 25.63 -12.17
CA VAL B 530 -26.60 24.61 -12.35
C VAL B 530 -27.87 25.26 -12.89
N ASN B 531 -28.34 24.75 -14.03
CA ASN B 531 -29.50 25.31 -14.71
C ASN B 531 -29.32 26.79 -15.00
N ARG B 532 -28.09 27.16 -15.29
CA ARG B 532 -27.74 28.52 -15.72
C ARG B 532 -26.91 28.40 -16.99
N ASN B 533 -25.71 27.85 -16.84
CA ASN B 533 -24.86 27.50 -17.97
C ASN B 533 -25.24 26.11 -18.48
N PRO B 534 -25.58 25.97 -19.78
CA PRO B 534 -25.97 24.64 -20.26
C PRO B 534 -24.81 23.64 -20.28
N LEU B 535 -23.59 24.14 -20.32
CA LEU B 535 -22.40 23.29 -20.41
C LEU B 535 -21.96 22.78 -19.04
N PHE B 536 -22.83 22.95 -18.04
CA PHE B 536 -22.52 22.54 -16.67
C PHE B 536 -23.69 21.75 -16.10
N GLU B 537 -23.38 20.58 -15.55
CA GLU B 537 -24.40 19.71 -14.98
C GLU B 537 -23.97 19.14 -13.64
N LYS B 538 -24.94 18.82 -12.81
CA LYS B 538 -24.73 18.05 -11.59
C LYS B 538 -25.35 16.68 -11.78
N PRO B 539 -24.57 15.61 -11.57
CA PRO B 539 -25.18 14.28 -11.67
C PRO B 539 -26.32 14.11 -10.67
N ARG B 540 -27.37 13.43 -11.08
CA ARG B 540 -28.57 13.29 -10.25
C ARG B 540 -28.27 12.66 -8.90
N MET B 541 -27.36 11.68 -8.88
CA MET B 541 -27.09 10.90 -7.69
C MET B 541 -25.70 11.15 -7.11
N SER B 542 -25.20 12.37 -7.22
CA SER B 542 -23.90 12.74 -6.68
C SER B 542 -23.88 14.16 -6.13
N ASN B 543 -23.20 14.33 -5.00
CA ASN B 543 -22.99 15.64 -4.41
C ASN B 543 -21.50 15.90 -4.14
N THR B 544 -20.65 15.28 -4.96
CA THR B 544 -19.20 15.44 -4.83
C THR B 544 -18.53 15.65 -6.19
N SER B 545 -19.33 15.93 -7.22
CA SER B 545 -18.79 16.06 -8.57
C SER B 545 -19.65 16.93 -9.46
N PHE B 546 -19.08 17.36 -10.59
CA PHE B 546 -19.79 18.13 -11.59
C PHE B 546 -19.36 17.68 -12.99
N VAL B 547 -20.24 17.88 -13.97
CA VAL B 547 -19.96 17.50 -15.35
C VAL B 547 -19.80 18.72 -16.24
N ILE B 548 -18.78 18.68 -17.09
CA ILE B 548 -18.53 19.74 -18.07
C ILE B 548 -18.66 19.20 -19.48
N GLN B 549 -19.42 19.90 -20.31
CA GLN B 549 -19.54 19.55 -21.73
C GLN B 549 -18.36 20.07 -22.51
N HIS B 550 -17.36 19.23 -22.75
CA HIS B 550 -16.21 19.60 -23.57
C HIS B 550 -16.51 19.32 -25.03
N PHE B 551 -15.65 19.85 -25.91
CA PHE B 551 -15.79 19.65 -27.35
C PHE B 551 -15.74 18.16 -27.72
N ALA B 552 -14.95 17.40 -26.98
CA ALA B 552 -14.70 16.00 -27.33
C ALA B 552 -15.64 15.03 -26.62
N ASP B 553 -16.09 15.41 -25.42
CA ASP B 553 -16.89 14.50 -24.61
C ASP B 553 -17.41 15.23 -23.37
N LYS B 554 -18.31 14.58 -22.64
CA LYS B 554 -18.70 15.06 -21.32
C LYS B 554 -17.79 14.41 -20.28
N VAL B 555 -17.35 15.21 -19.31
CA VAL B 555 -16.36 14.78 -18.33
C VAL B 555 -16.78 15.12 -16.90
N GLU B 556 -16.84 14.10 -16.04
CA GLU B 556 -17.20 14.30 -14.64
C GLU B 556 -15.96 14.46 -13.77
N TYR B 557 -15.90 15.58 -13.03
CA TYR B 557 -14.78 15.86 -12.14
C TYR B 557 -15.18 15.75 -10.68
N LYS B 558 -14.42 14.96 -9.91
CA LYS B 558 -14.59 14.91 -8.46
C LYS B 558 -13.93 16.15 -7.85
N CYS B 559 -14.54 16.69 -6.81
CA CYS B 559 -14.04 17.95 -6.22
C CYS B 559 -12.86 17.74 -5.28
N GLU B 560 -12.70 16.52 -4.77
CA GLU B 560 -11.65 16.22 -3.80
C GLU B 560 -10.26 16.62 -4.28
N GLY B 561 -9.59 17.47 -3.51
CA GLY B 561 -8.19 17.80 -3.75
C GLY B 561 -7.94 19.01 -4.63
N PHE B 562 -9.01 19.61 -5.15
CA PHE B 562 -8.87 20.76 -6.05
C PHE B 562 -8.18 21.94 -5.37
N LEU B 563 -8.53 22.20 -4.11
CA LEU B 563 -7.91 23.28 -3.36
C LEU B 563 -6.43 23.00 -3.13
N GLU B 564 -6.15 21.84 -2.55
CA GLU B 564 -4.78 21.42 -2.24
C GLU B 564 -3.89 21.49 -3.49
N LYS B 565 -4.41 20.99 -4.61
CA LYS B 565 -3.64 20.93 -5.85
C LYS B 565 -3.47 22.29 -6.50
N ASN B 566 -4.42 23.20 -6.26
CA ASN B 566 -4.34 24.53 -6.83
C ASN B 566 -3.37 25.45 -6.07
N ARG B 567 -3.28 25.23 -4.76
CA ARG B 567 -2.33 25.97 -3.93
C ARG B 567 -0.92 25.47 -4.17
N ASP B 568 -0.75 24.16 -4.10
CA ASP B 568 0.53 23.52 -4.39
C ASP B 568 1.66 24.03 -3.50
N THR B 569 1.47 23.90 -2.19
CA THR B 569 2.42 24.45 -1.22
C THR B 569 3.21 23.38 -0.47
N VAL B 570 4.31 23.81 0.13
CA VAL B 570 5.14 22.98 1.00
C VAL B 570 5.39 23.78 2.28
N TYR B 571 5.41 23.09 3.42
CA TYR B 571 5.63 23.77 4.70
C TYR B 571 6.98 24.44 4.72
N ASP B 572 7.00 25.67 5.25
CA ASP B 572 8.19 26.51 5.24
C ASP B 572 9.41 25.83 5.84
N MET B 573 9.23 25.13 6.95
CA MET B 573 10.34 24.53 7.67
C MET B 573 11.01 23.43 6.84
N LEU B 574 10.22 22.72 6.04
CA LEU B 574 10.78 21.70 5.15
C LEU B 574 11.56 22.37 4.03
N VAL B 575 10.99 23.44 3.48
CA VAL B 575 11.65 24.21 2.44
C VAL B 575 13.01 24.73 2.93
N GLU B 576 13.04 25.28 4.13
CA GLU B 576 14.25 25.91 4.64
C GLU B 576 15.32 24.87 4.98
N ILE B 577 14.90 23.66 5.32
CA ILE B 577 15.84 22.57 5.58
C ILE B 577 16.57 22.20 4.30
N LEU B 578 15.83 22.11 3.20
CA LEU B 578 16.42 21.77 1.91
C LEU B 578 17.12 22.98 1.29
N ARG B 579 16.76 24.17 1.74
CA ARG B 579 17.47 25.38 1.34
C ARG B 579 18.87 25.38 1.93
N ALA B 580 19.03 24.66 3.04
CA ALA B 580 20.30 24.54 3.73
C ALA B 580 21.03 23.26 3.35
N SER B 581 20.67 22.70 2.19
CA SER B 581 21.24 21.44 1.73
C SER B 581 22.73 21.57 1.42
N LYS B 582 23.51 20.58 1.85
CA LYS B 582 24.93 20.53 1.55
C LYS B 582 25.14 20.15 0.08
N PHE B 583 24.14 19.47 -0.48
CA PHE B 583 24.18 19.08 -1.89
C PHE B 583 23.82 20.27 -2.76
N HIS B 584 24.78 20.72 -3.56
CA HIS B 584 24.65 21.95 -4.35
C HIS B 584 23.39 21.99 -5.21
N LEU B 585 23.07 20.87 -5.87
CA LEU B 585 21.97 20.82 -6.82
C LEU B 585 20.63 20.95 -6.08
N CYS B 586 20.56 20.39 -4.88
CA CYS B 586 19.35 20.47 -4.08
C CYS B 586 19.18 21.89 -3.54
N ALA B 587 20.27 22.47 -3.05
CA ALA B 587 20.25 23.84 -2.53
C ALA B 587 19.79 24.81 -3.60
N ASN B 588 20.22 24.56 -4.84
CA ASN B 588 19.87 25.41 -5.97
C ASN B 588 18.37 25.43 -6.22
N PHE B 589 17.71 24.30 -5.97
CA PHE B 589 16.26 24.21 -6.17
C PHE B 589 15.48 25.08 -5.20
N PHE B 590 15.96 25.17 -3.96
CA PHE B 590 15.19 25.78 -2.87
C PHE B 590 15.76 27.11 -2.39
N GLN B 591 16.50 27.81 -3.25
CA GLN B 591 16.96 29.16 -2.94
C GLN B 591 15.91 30.17 -3.37
N GLU B 592 15.70 31.20 -2.56
CA GLU B 592 14.79 32.27 -2.92
C GLU B 592 15.37 33.02 -4.13
N ASN B 593 14.49 33.40 -5.05
CA ASN B 593 14.89 34.00 -6.32
C ASN B 593 15.72 33.04 -7.16
N ARG B 621 2.67 33.23 -4.35
CA ARG B 621 1.35 33.60 -3.83
C ARG B 621 0.25 33.18 -4.81
N THR B 622 0.53 33.31 -6.11
CA THR B 622 -0.45 33.01 -7.14
C THR B 622 -0.60 31.50 -7.35
N THR B 623 -1.79 31.09 -7.76
CA THR B 623 -2.18 29.68 -7.80
C THR B 623 -1.73 28.96 -9.08
N VAL B 624 -1.85 27.63 -9.06
CA VAL B 624 -1.54 26.80 -10.22
C VAL B 624 -2.47 27.12 -11.38
N GLY B 625 -3.76 27.25 -11.07
CA GLY B 625 -4.76 27.53 -12.09
C GLY B 625 -4.51 28.85 -12.81
N SER B 626 -4.20 29.88 -12.05
CA SER B 626 -3.96 31.20 -12.61
C SER B 626 -2.68 31.23 -13.44
N LYS B 627 -1.62 30.61 -12.92
CA LYS B 627 -0.36 30.52 -13.66
C LYS B 627 -0.59 29.77 -14.97
N PHE B 628 -1.40 28.73 -14.92
CA PHE B 628 -1.64 27.90 -16.09
C PHE B 628 -2.42 28.67 -17.15
N ARG B 629 -3.39 29.47 -16.71
CA ARG B 629 -4.13 30.35 -17.61
C ARG B 629 -3.18 31.27 -18.36
N SER B 630 -2.35 31.98 -17.62
CA SER B 630 -1.43 32.96 -18.19
C SER B 630 -0.48 32.30 -19.19
N SER B 631 0.02 31.13 -18.85
CA SER B 631 0.98 30.42 -19.70
C SER B 631 0.34 30.06 -21.04
N LEU B 632 -0.92 29.65 -21.00
CA LEU B 632 -1.63 29.25 -22.21
C LEU B 632 -1.94 30.48 -23.07
N TYR B 633 -2.28 31.60 -22.45
CA TYR B 633 -2.50 32.83 -23.20
C TYR B 633 -1.25 33.18 -24.00
N LEU B 634 -0.11 33.21 -23.31
CA LEU B 634 1.16 33.51 -23.94
C LEU B 634 1.49 32.52 -25.04
N LEU B 635 1.13 31.26 -24.85
CA LEU B 635 1.36 30.24 -25.86
C LEU B 635 0.45 30.46 -27.07
N MET B 636 -0.81 30.80 -26.80
CA MET B 636 -1.78 30.99 -27.87
C MET B 636 -1.38 32.14 -28.78
N GLU B 637 -0.96 33.26 -28.19
CA GLU B 637 -0.56 34.41 -29.00
C GLU B 637 0.72 34.09 -29.76
N THR B 638 1.58 33.27 -29.16
CA THR B 638 2.82 32.85 -29.81
C THR B 638 2.50 32.05 -31.06
N LEU B 639 1.51 31.16 -30.95
CA LEU B 639 1.07 30.38 -32.10
C LEU B 639 0.43 31.28 -33.14
N ASN B 640 -0.32 32.27 -32.68
CA ASN B 640 -1.03 33.19 -33.56
C ASN B 640 -0.10 34.03 -34.42
N ALA B 641 1.12 34.26 -33.94
CA ALA B 641 2.11 35.04 -34.67
C ALA B 641 2.99 34.14 -35.53
N THR B 642 2.43 33.01 -35.96
CA THR B 642 3.11 32.10 -36.88
C THR B 642 2.10 31.54 -37.86
N THR B 643 2.59 30.93 -38.94
CA THR B 643 1.72 30.27 -39.89
C THR B 643 1.55 28.80 -39.48
N PRO B 644 0.35 28.43 -39.02
CA PRO B 644 0.15 27.07 -38.49
C PRO B 644 0.11 25.98 -39.55
N HIS B 645 0.47 24.77 -39.14
CA HIS B 645 0.30 23.57 -39.95
C HIS B 645 -0.31 22.49 -39.05
N TYR B 646 -1.61 22.25 -39.21
CA TYR B 646 -2.35 21.41 -38.28
C TYR B 646 -2.31 19.93 -38.66
N VAL B 647 -1.98 19.10 -37.67
CA VAL B 647 -2.07 17.65 -37.79
C VAL B 647 -3.08 17.15 -36.76
N ARG B 648 -4.15 16.53 -37.24
CA ARG B 648 -5.19 16.00 -36.36
C ARG B 648 -5.00 14.50 -36.19
N CYS B 649 -4.60 14.08 -34.99
CA CYS B 649 -4.35 12.67 -34.72
C CYS B 649 -5.60 11.99 -34.19
N ILE B 650 -5.82 10.75 -34.66
CA ILE B 650 -7.01 9.99 -34.32
C ILE B 650 -6.65 8.64 -33.73
N LYS B 651 -7.15 8.39 -32.51
CA LYS B 651 -6.99 7.09 -31.88
C LYS B 651 -8.04 6.13 -32.44
N PRO B 652 -7.64 5.15 -33.26
CA PRO B 652 -8.67 4.37 -33.94
C PRO B 652 -9.38 3.34 -33.07
N ASN B 653 -8.75 2.87 -32.01
CA ASN B 653 -9.40 1.94 -31.08
C ASN B 653 -8.82 2.09 -29.67
N ASP B 654 -9.50 1.50 -28.69
CA ASP B 654 -9.16 1.68 -27.29
C ASP B 654 -8.36 0.51 -26.71
N GLU B 655 -7.91 -0.39 -27.57
CA GLU B 655 -7.22 -1.61 -27.12
C GLU B 655 -5.79 -1.71 -27.69
N LYS B 656 -5.30 -0.61 -28.25
CA LYS B 656 -3.93 -0.55 -28.77
C LYS B 656 -3.68 -1.64 -29.82
N LEU B 657 -4.71 -1.92 -30.61
CA LEU B 657 -4.64 -2.96 -31.63
C LEU B 657 -4.16 -2.41 -32.96
N PRO B 658 -3.43 -3.22 -33.74
CA PRO B 658 -2.92 -2.74 -35.03
C PRO B 658 -4.00 -2.69 -36.11
N PHE B 659 -4.12 -1.53 -36.75
CA PHE B 659 -5.13 -1.29 -37.80
C PHE B 659 -6.51 -1.85 -37.46
N GLU B 660 -7.00 -1.54 -36.27
CA GLU B 660 -8.39 -1.84 -35.89
C GLU B 660 -9.21 -0.56 -35.92
N PHE B 661 -10.33 -0.61 -36.63
CA PHE B 661 -11.17 0.57 -36.88
C PHE B 661 -12.43 0.55 -36.01
N ASP B 662 -12.38 1.29 -34.90
CA ASP B 662 -13.53 1.41 -34.01
C ASP B 662 -14.39 2.58 -34.47
N SER B 663 -15.43 2.26 -35.23
CA SER B 663 -16.24 3.28 -35.92
C SER B 663 -16.82 4.33 -34.98
N LYS B 664 -17.50 3.89 -33.92
CA LYS B 664 -18.15 4.81 -33.00
C LYS B 664 -17.17 5.76 -32.33
N ARG B 665 -16.01 5.25 -31.96
CA ARG B 665 -15.01 6.08 -31.28
C ARG B 665 -14.33 7.04 -32.25
N ILE B 666 -14.10 6.59 -33.48
CA ILE B 666 -13.45 7.42 -34.48
C ILE B 666 -14.34 8.59 -34.88
N VAL B 667 -15.62 8.33 -35.10
CA VAL B 667 -16.53 9.37 -35.56
C VAL B 667 -16.73 10.41 -34.45
N GLN B 668 -16.67 9.97 -33.19
CA GLN B 668 -16.74 10.88 -32.06
C GLN B 668 -15.60 11.91 -32.11
N GLN B 669 -14.41 11.43 -32.43
CA GLN B 669 -13.24 12.31 -32.52
C GLN B 669 -13.30 13.22 -33.74
N LEU B 670 -13.81 12.71 -34.85
CA LEU B 670 -13.94 13.50 -36.07
C LEU B 670 -14.92 14.64 -35.85
N ARG B 671 -15.97 14.38 -35.08
CA ARG B 671 -16.94 15.41 -34.73
C ARG B 671 -16.30 16.46 -33.83
N ALA B 672 -15.45 16.01 -32.91
CA ALA B 672 -14.83 16.88 -31.92
C ALA B 672 -13.78 17.79 -32.54
N CYS B 673 -13.02 17.26 -33.49
CA CYS B 673 -12.01 18.04 -34.19
C CYS B 673 -12.61 18.85 -35.33
N GLY B 674 -13.93 18.75 -35.50
CA GLY B 674 -14.62 19.49 -36.54
C GLY B 674 -14.07 19.20 -37.92
N VAL B 675 -13.75 17.93 -38.16
CA VAL B 675 -13.10 17.52 -39.41
C VAL B 675 -13.99 17.79 -40.62
N LEU B 676 -15.30 17.57 -40.47
CA LEU B 676 -16.23 17.77 -41.57
C LEU B 676 -16.27 19.24 -42.00
N GLU B 677 -16.45 20.13 -41.04
CA GLU B 677 -16.51 21.56 -41.32
C GLU B 677 -15.16 22.08 -41.82
N THR B 678 -14.12 21.29 -41.63
CA THR B 678 -12.77 21.67 -42.05
C THR B 678 -12.52 21.29 -43.51
N ILE B 679 -13.10 20.17 -43.93
CA ILE B 679 -13.02 19.73 -45.32
C ILE B 679 -13.92 20.63 -46.18
N ARG B 680 -15.01 21.10 -45.57
CA ARG B 680 -15.98 21.93 -46.27
C ARG B 680 -15.43 23.31 -46.58
N ILE B 681 -14.72 23.91 -45.62
CA ILE B 681 -14.12 25.22 -45.84
C ILE B 681 -12.85 25.11 -46.69
N SER B 682 -12.18 23.97 -46.58
CA SER B 682 -10.96 23.73 -47.37
C SER B 682 -11.28 23.66 -48.85
N ALA B 683 -12.27 22.87 -49.21
CA ALA B 683 -12.63 22.64 -50.60
C ALA B 683 -13.25 23.88 -51.26
N GLN B 684 -13.57 24.89 -50.46
CA GLN B 684 -14.25 26.09 -50.94
C GLN B 684 -13.31 27.29 -51.03
N SER B 685 -12.07 27.14 -50.56
CA SER B 685 -11.16 28.27 -50.42
C SER B 685 -10.14 28.38 -51.54
N TYR B 686 -9.64 29.59 -51.76
CA TYR B 686 -8.65 29.87 -52.80
C TYR B 686 -7.26 30.14 -52.20
N PRO B 687 -6.22 29.43 -52.70
CA PRO B 687 -4.85 29.84 -52.38
C PRO B 687 -4.34 30.92 -53.35
N TRP B 690 -1.63 35.78 -55.15
CA TRP B 690 -0.87 36.69 -56.00
C TRP B 690 -1.41 38.12 -55.91
N THR B 691 -0.53 39.04 -55.54
CA THR B 691 -0.89 40.46 -55.50
C THR B 691 -1.20 40.96 -56.90
N TYR B 692 -1.96 42.06 -56.98
CA TYR B 692 -2.28 42.66 -58.27
C TYR B 692 -1.00 43.08 -58.99
N ILE B 693 -0.12 43.75 -58.27
CA ILE B 693 1.19 44.13 -58.80
C ILE B 693 2.06 42.90 -59.01
N GLU B 694 2.00 41.97 -58.06
CA GLU B 694 2.80 40.75 -58.11
C GLU B 694 2.57 39.96 -59.40
N PHE B 695 1.33 39.93 -59.86
CA PHE B 695 0.98 39.20 -61.07
C PHE B 695 1.46 39.96 -62.31
N TYR B 696 1.27 41.28 -62.31
CA TYR B 696 1.68 42.12 -63.43
C TYR B 696 3.19 41.98 -63.69
N SER B 697 3.97 41.97 -62.61
CA SER B 697 5.41 41.82 -62.71
C SER B 697 5.81 40.39 -63.07
N ARG B 698 5.11 39.42 -62.49
CA ARG B 698 5.46 38.01 -62.66
C ARG B 698 5.28 37.51 -64.09
N TYR B 699 4.06 37.61 -64.61
CA TYR B 699 3.73 37.09 -65.93
C TYR B 699 3.80 38.17 -67.00
N GLY B 700 4.73 39.10 -66.84
CA GLY B 700 4.86 40.24 -67.74
C GLY B 700 4.99 39.87 -69.21
N ILE B 701 5.89 38.95 -69.52
CA ILE B 701 6.14 38.55 -70.90
C ILE B 701 4.90 37.89 -71.53
N LEU B 702 4.03 37.35 -70.68
CA LEU B 702 2.81 36.70 -71.15
C LEU B 702 1.75 37.73 -71.53
N LYS B 705 1.38 41.60 -73.88
CA LYS B 705 1.39 42.34 -75.13
C LYS B 705 1.64 43.82 -74.88
N GLN B 706 2.09 44.52 -75.92
CA GLN B 706 2.31 45.96 -75.84
C GLN B 706 0.98 46.68 -75.67
N GLU B 707 -0.06 46.14 -76.30
CA GLU B 707 -1.40 46.68 -76.18
C GLU B 707 -2.02 46.23 -74.85
N LEU B 708 -1.62 45.06 -74.38
CA LEU B 708 -2.03 44.60 -73.06
C LEU B 708 -1.50 45.55 -71.99
N SER B 709 -0.45 46.28 -72.35
CA SER B 709 0.08 47.35 -71.51
C SER B 709 -0.75 48.61 -71.71
N PHE B 710 -1.30 49.14 -70.62
CA PHE B 710 -2.12 50.34 -70.65
C PHE B 710 -1.72 51.29 -69.52
N VAL B 716 -5.49 45.78 -65.32
CA VAL B 716 -4.91 45.38 -66.61
C VAL B 716 -4.90 43.87 -66.75
N CYS B 717 -4.57 43.17 -65.66
CA CYS B 717 -4.50 41.72 -65.66
C CYS B 717 -5.87 41.09 -65.57
N LYS B 718 -6.86 41.86 -65.12
CA LYS B 718 -8.22 41.36 -64.96
C LYS B 718 -8.84 40.92 -66.28
N VAL B 719 -8.24 41.35 -67.39
CA VAL B 719 -8.74 41.03 -68.72
C VAL B 719 -7.83 40.03 -69.44
N VAL B 720 -6.53 40.28 -69.38
CA VAL B 720 -5.55 39.46 -70.08
C VAL B 720 -5.65 37.98 -69.70
N LEU B 721 -5.78 37.71 -68.39
CA LEU B 721 -5.92 36.36 -67.90
C LEU B 721 -7.31 35.80 -68.23
N HIS B 722 -8.29 36.70 -68.34
CA HIS B 722 -9.67 36.31 -68.60
C HIS B 722 -9.83 35.68 -69.97
N ARG B 723 -9.14 36.23 -70.97
CA ARG B 723 -9.19 35.71 -72.33
C ARG B 723 -8.41 34.39 -72.44
N LEU B 724 -7.29 34.32 -71.72
CA LEU B 724 -6.46 33.12 -71.72
C LEU B 724 -7.25 31.90 -71.25
N ILE B 725 -7.88 32.04 -70.09
CA ILE B 725 -8.79 31.04 -69.56
C ILE B 725 -10.16 31.67 -69.34
N GLN B 726 -11.13 31.31 -70.18
CA GLN B 726 -12.44 31.96 -70.20
C GLN B 726 -13.19 31.83 -68.87
N ASP B 727 -12.70 30.97 -67.99
CA ASP B 727 -13.36 30.71 -66.72
C ASP B 727 -13.26 31.89 -65.76
N SER B 728 -14.35 32.63 -65.62
CA SER B 728 -14.46 33.63 -64.57
C SER B 728 -14.55 32.92 -63.21
N ASN B 729 -15.05 31.69 -63.24
CA ASN B 729 -15.16 30.88 -62.03
C ASN B 729 -13.82 30.30 -61.58
N GLN B 730 -12.85 30.29 -62.48
CA GLN B 730 -11.53 29.73 -62.19
C GLN B 730 -10.65 30.71 -61.40
N TYR B 731 -11.19 31.88 -61.09
CA TYR B 731 -10.45 32.89 -60.34
C TYR B 731 -11.41 33.90 -59.72
N GLN B 732 -10.85 34.86 -58.98
CA GLN B 732 -11.65 35.89 -58.34
C GLN B 732 -10.80 37.14 -58.06
N PHE B 733 -11.37 38.31 -58.31
CA PHE B 733 -10.66 39.58 -58.15
C PHE B 733 -10.83 40.15 -56.75
N GLY B 734 -9.72 40.29 -56.04
CA GLY B 734 -9.72 40.86 -54.71
C GLY B 734 -9.19 42.28 -54.68
N LYS B 735 -9.45 42.98 -53.58
CA LYS B 735 -9.04 44.38 -53.40
C LYS B 735 -7.60 44.65 -53.80
N THR B 736 -6.70 43.73 -53.47
CA THR B 736 -5.30 43.84 -53.84
C THR B 736 -4.69 42.51 -54.24
N LYS B 737 -5.31 41.41 -53.81
CA LYS B 737 -4.84 40.07 -54.14
C LYS B 737 -5.61 39.49 -55.32
N ILE B 738 -5.14 38.35 -55.82
CA ILE B 738 -5.78 37.67 -56.96
C ILE B 738 -5.94 36.18 -56.66
N PHE B 739 -7.12 35.79 -56.21
CA PHE B 739 -7.38 34.43 -55.79
C PHE B 739 -7.33 33.45 -56.96
N PHE B 740 -6.52 32.41 -56.82
CA PHE B 740 -6.35 31.39 -57.87
C PHE B 740 -6.90 30.04 -57.45
N ARG B 741 -7.54 29.36 -58.41
CA ARG B 741 -7.94 27.97 -58.21
C ARG B 741 -6.74 27.07 -58.54
N ALA B 742 -6.58 25.99 -57.78
CA ALA B 742 -5.47 25.06 -57.99
C ALA B 742 -5.69 24.22 -59.25
N VAL B 745 -2.19 29.10 -61.33
CA VAL B 745 -0.82 29.52 -61.10
C VAL B 745 0.15 28.62 -61.86
N ALA B 746 0.08 27.32 -61.59
CA ALA B 746 0.95 26.34 -62.24
C ALA B 746 0.73 26.34 -63.74
N TYR B 747 -0.50 26.66 -64.16
CA TYR B 747 -0.84 26.73 -65.58
C TYR B 747 -0.27 28.01 -66.20
N LEU B 748 0.20 28.91 -65.35
CA LEU B 748 0.81 30.16 -65.81
C LEU B 748 2.34 30.06 -65.82
N GLU B 749 2.88 29.46 -64.77
CA GLU B 749 4.33 29.29 -64.65
C GLU B 749 4.87 28.36 -65.72
N LYS B 750 4.07 27.35 -66.08
CA LYS B 750 4.46 26.40 -67.12
C LYS B 750 4.59 27.12 -68.47
N LEU B 751 3.62 27.96 -68.77
CA LEU B 751 3.66 28.76 -70.00
C LEU B 751 4.77 29.80 -69.92
N ARG B 752 5.03 30.28 -68.70
CA ARG B 752 6.11 31.23 -68.47
C ARG B 752 7.45 30.61 -68.86
N LEU B 753 7.57 29.31 -68.60
CA LEU B 753 8.77 28.57 -68.97
C LEU B 753 8.68 28.07 -70.41
N ASP B 754 8.44 29.00 -71.33
CA ASP B 754 8.34 28.68 -72.75
C ASP B 754 8.21 29.97 -73.57
MG MG C . 6.31 -16.24 23.98
V VO4 D . 3.96 -13.65 24.08
O1 VO4 D . 4.96 -14.84 23.45
O2 VO4 D . 4.04 -12.11 23.45
O3 VO4 D . 2.88 -14.02 25.30
O4 VO4 D . 2.66 -14.09 22.76
PB ADP E . 6.37 -13.89 26.27
O1B ADP E . 6.61 -15.26 25.73
O2B ADP E . 5.94 -13.95 27.75
O3B ADP E . 5.31 -13.11 25.46
PA ADP E . 9.20 -13.38 25.96
O1A ADP E . 9.56 -14.55 26.79
O2A ADP E . 9.47 -13.69 24.46
O3A ADP E . 7.68 -13.00 26.19
O5' ADP E . 10.05 -12.12 26.36
C5' ADP E . 10.13 -10.95 25.54
C4' ADP E . 11.51 -10.32 25.67
O4' ADP E . 11.83 -9.78 26.99
C3' ADP E . 12.61 -11.37 25.45
O3' ADP E . 12.63 -11.82 24.08
C2' ADP E . 13.77 -10.47 25.83
O2' ADP E . 13.89 -9.38 24.93
C1' ADP E . 13.25 -9.98 27.18
N9 ADP E . 13.33 -10.90 28.29
C8 ADP E . 12.34 -11.62 28.91
N7 ADP E . 12.79 -12.34 29.91
C5 ADP E . 14.14 -12.07 29.93
C6 ADP E . 15.21 -12.50 30.75
N6 ADP E . 15.08 -13.36 31.76
N1 ADP E . 16.43 -12.01 30.49
C2 ADP E . 16.61 -11.16 29.49
N3 ADP E . 15.68 -10.68 28.66
C4 ADP E . 14.46 -11.18 28.94
H5'1 ADP E . 9.37 -10.22 25.85
H5'2 ADP E . 9.97 -11.23 24.50
H4' ADP E . 11.64 -9.52 24.95
H3' ADP E . 12.52 -12.18 26.16
HO3' ADP E . 12.72 -11.04 23.47
H2' ADP E . 14.74 -10.98 25.89
HO2' ADP E . 14.60 -8.75 25.25
H1' ADP E . 13.81 -9.11 27.52
H8 ADP E . 11.29 -11.60 28.61
HN61 ADP E . 14.18 -13.74 31.99
HN62 ADP E . 15.88 -13.62 32.31
H2 ADP E . 17.63 -10.80 29.32
C1 EDO F . 8.88 -11.74 -9.96
O1 EDO F . 8.76 -10.33 -10.17
C2 EDO F . 10.30 -12.19 -10.31
O2 EDO F . 11.24 -11.42 -9.57
H11 EDO F . 8.67 -11.99 -8.93
H12 EDO F . 8.16 -12.27 -10.60
HO1 EDO F . 7.86 -10.05 -9.94
H21 EDO F . 10.42 -13.25 -10.07
H22 EDO F . 10.48 -12.06 -11.38
HO2 EDO F . 12.15 -11.70 -9.79
MG MG G . 2.42 12.55 -26.02
V VO4 H . -0.70 11.80 -24.62
O1 VO4 H . 0.94 12.10 -24.70
O2 VO4 H . -1.25 10.42 -23.87
O3 VO4 H . -1.78 12.88 -25.28
O4 VO4 H . -0.79 12.74 -22.96
PB ADP I . 0.05 10.99 -27.68
O1B ADP I . 1.25 11.87 -27.59
O2B ADP I . -0.97 11.52 -28.70
O3B ADP I . -0.64 10.84 -26.30
PA ADP I . 1.77 8.93 -28.74
O1A ADP I . 2.88 8.70 -27.61
O2A ADP I . 2.30 9.80 -29.81
O3A ADP I . 0.45 9.53 -28.13
O5' ADP I . 1.40 7.51 -29.26
C5' ADP I . 1.14 6.43 -28.38
C4' ADP I . 1.60 5.13 -29.03
O4' ADP I . 0.87 4.77 -30.24
C3' ADP I . 3.03 5.26 -29.54
O3' ADP I . 3.96 5.38 -28.45
C2' ADP I . 3.09 3.94 -30.27
O2' ADP I . 3.02 2.83 -29.35
C1' ADP I . 1.83 4.11 -31.10
N9 ADP I . 1.94 4.99 -32.27
C8 ADP I . 1.48 6.27 -32.48
N7 ADP I . 1.77 6.72 -33.67
C5 ADP I . 2.44 5.68 -34.28
C6 ADP I . 3.02 5.51 -35.55
N6 ADP I . 3.01 6.45 -36.52
N1 ADP I . 3.62 4.33 -35.81
C2 ADP I . 3.65 3.39 -34.88
N3 ADP I . 3.13 3.45 -33.65
C4 ADP I . 2.54 4.62 -33.40
H5'1 ADP I . 0.08 6.38 -28.15
H5'2 ADP I . 1.70 6.58 -27.46
H4' ADP I . 1.56 4.30 -28.33
H3' ADP I . 3.11 6.09 -30.25
HO3' ADP I . 3.85 4.60 -27.83
H2' ADP I . 4.00 3.80 -30.88
HO2' ADP I . 2.21 2.92 -28.78
H1' ADP I . 1.51 3.16 -31.53
H8 ADP I . 0.94 6.84 -31.73
HN61 ADP I . 3.45 6.25 -37.40
HN62 ADP I . 2.58 7.33 -36.36
H2 ADP I . 4.14 2.45 -35.15
#